data_3FEP
# 
_entry.id   3FEP 
# 
_audit_conform.dict_name       mmcif_pdbx.dic 
_audit_conform.dict_version    5.397 
_audit_conform.dict_location   http://mmcif.pdb.org/dictionaries/ascii/mmcif_pdbx.dic 
# 
loop_
_database_2.database_id 
_database_2.database_code 
_database_2.pdbx_database_accession 
_database_2.pdbx_DOI 
PDB   3FEP         pdb_00003fep 10.2210/pdb3fep/pdb 
RCSB  RCSB050497   ?            ?                   
WWPDB D_1000050497 ?            ?                   
# 
loop_
_pdbx_audit_revision_history.ordinal 
_pdbx_audit_revision_history.data_content_type 
_pdbx_audit_revision_history.major_revision 
_pdbx_audit_revision_history.minor_revision 
_pdbx_audit_revision_history.revision_date 
1 'Structure model' 1 0 2009-11-10 
2 'Structure model' 1 1 2011-07-13 
3 'Structure model' 1 2 2015-02-04 
4 'Structure model' 1 3 2015-02-11 
5 'Structure model' 1 4 2016-12-28 
6 'Structure model' 1 5 2020-09-09 
7 'Structure model' 1 6 2021-10-20 
8 'Structure model' 1 7 2023-09-06 
9 'Structure model' 1 8 2024-10-16 
# 
_pdbx_audit_revision_details.ordinal             1 
_pdbx_audit_revision_details.revision_ordinal    1 
_pdbx_audit_revision_details.data_content_type   'Structure model' 
_pdbx_audit_revision_details.provider            repository 
_pdbx_audit_revision_details.type                'Initial release' 
_pdbx_audit_revision_details.description         ? 
_pdbx_audit_revision_details.details             ? 
# 
loop_
_pdbx_audit_revision_group.ordinal 
_pdbx_audit_revision_group.revision_ordinal 
_pdbx_audit_revision_group.data_content_type 
_pdbx_audit_revision_group.group 
1  2 'Structure model' 'Version format compliance' 
2  3 'Structure model' 'Database references'       
3  4 'Structure model' 'Database references'       
4  5 'Structure model' 'Structure summary'         
5  6 'Structure model' 'Derived calculations'      
6  6 'Structure model' 'Structure summary'         
7  7 'Structure model' 'Database references'       
8  8 'Structure model' 'Data collection'           
9  8 'Structure model' 'Refinement description'    
10 9 'Structure model' 'Structure summary'         
# 
loop_
_pdbx_audit_revision_category.ordinal 
_pdbx_audit_revision_category.revision_ordinal 
_pdbx_audit_revision_category.data_content_type 
_pdbx_audit_revision_category.category 
1  6 'Structure model' struct                        
2  6 'Structure model' struct_conn                   
3  6 'Structure model' struct_site                   
4  7 'Structure model' database_2                    
5  7 'Structure model' struct_ref_seq_dif            
6  8 'Structure model' chem_comp_atom                
7  8 'Structure model' chem_comp_bond                
8  8 'Structure model' pdbx_initial_refinement_model 
9  9 'Structure model' pdbx_entry_details            
10 9 'Structure model' pdbx_modification_feature     
# 
loop_
_pdbx_audit_revision_item.ordinal 
_pdbx_audit_revision_item.revision_ordinal 
_pdbx_audit_revision_item.data_content_type 
_pdbx_audit_revision_item.item 
1  6 'Structure model' '_struct.title'                       
2  6 'Structure model' '_struct_conn.pdbx_leaving_atom_flag' 
3  6 'Structure model' '_struct_conn.ptnr1_auth_comp_id'     
4  6 'Structure model' '_struct_conn.ptnr1_auth_seq_id'      
5  6 'Structure model' '_struct_conn.ptnr1_label_asym_id'    
6  6 'Structure model' '_struct_conn.ptnr1_label_atom_id'    
7  6 'Structure model' '_struct_conn.ptnr1_label_comp_id'    
8  6 'Structure model' '_struct_conn.ptnr1_label_seq_id'     
9  6 'Structure model' '_struct_conn.ptnr2_auth_comp_id'     
10 6 'Structure model' '_struct_conn.ptnr2_auth_seq_id'      
11 6 'Structure model' '_struct_conn.ptnr2_label_asym_id'    
12 6 'Structure model' '_struct_conn.ptnr2_label_atom_id'    
13 6 'Structure model' '_struct_conn.ptnr2_label_comp_id'    
14 6 'Structure model' '_struct_conn.ptnr2_label_seq_id'     
15 6 'Structure model' '_struct_site.pdbx_auth_asym_id'      
16 6 'Structure model' '_struct_site.pdbx_auth_comp_id'      
17 6 'Structure model' '_struct_site.pdbx_auth_seq_id'       
18 7 'Structure model' '_database_2.pdbx_DOI'                
19 7 'Structure model' '_database_2.pdbx_database_accession' 
20 7 'Structure model' '_struct_ref_seq_dif.details'         
# 
_pdbx_database_status.status_code                     REL 
_pdbx_database_status.entry_id                        3FEP 
_pdbx_database_status.recvd_initial_deposition_date   2008-11-30 
_pdbx_database_status.deposit_site                    RCSB 
_pdbx_database_status.process_site                    RCSB 
_pdbx_database_status.status_code_sf                  REL 
_pdbx_database_status.status_code_mr                  ? 
_pdbx_database_status.SG_entry                        ? 
_pdbx_database_status.status_code_cs                  ? 
_pdbx_database_status.methods_development_category    ? 
_pdbx_database_status.pdb_format_compatible           Y 
_pdbx_database_status.status_code_nmr_data            ? 
# 
loop_
_pdbx_database_related.db_name 
_pdbx_database_related.db_id 
_pdbx_database_related.details 
_pdbx_database_related.content_type 
PDB 2fr3 'Wild-type CRABPII complexed with retinoic acid'                  unspecified 
PDB 2fs6 'apo-wild-type CRABPII'                                           unspecified 
PDB 2g7b 'CRABPII mutant complexed with all-trans-retinal'                 unspecified 
PDB 3f8a 'The same CRABPII mutant complexed with a shorter retinal analog' unspecified 
PDB 3FEK 'CRABPII R132K:Y134F:R111L:L121D:T54V mutant'                     unspecified 
PDB 3FEL 'CRABPII R132K:R111L:T54E mutant'                                 unspecified 
PDB 3FEN 'CRABPII R132K:R111L:A32E mutant'                                 unspecified 
# 
loop_
_audit_author.name 
_audit_author.pdbx_ordinal 
_audit_author.identifier_ORCID 
'Jia, X.'      1 ? 
'Geiger, J.H.' 2 ? 
# 
_citation.id                        primary 
_citation.title                     
;"Turn-on" protein fluorescence: in situ formation of cyanine dyes.
;
_citation.journal_abbrev            J.Am.Chem.Soc. 
_citation.journal_volume            137 
_citation.page_first                1073 
_citation.page_last                 1080 
_citation.year                      2015 
_citation.journal_id_ASTM           JACSAT 
_citation.country                   US 
_citation.journal_id_ISSN           0002-7863 
_citation.journal_id_CSD            0004 
_citation.book_publisher            ? 
_citation.pdbx_database_id_PubMed   25534273 
_citation.pdbx_database_id_DOI      10.1021/ja506376j 
# 
loop_
_citation_author.citation_id 
_citation_author.name 
_citation_author.ordinal 
_citation_author.identifier_ORCID 
primary 'Yapici, I.'    1  ? 
primary 'Lee, K.S.'     2  ? 
primary 'Berbasova, T.' 3  ? 
primary 'Nosrati, M.'   4  ? 
primary 'Jia, X.'       5  ? 
primary 'Vasileiou, C.' 6  ? 
primary 'Wang, W.'      7  ? 
primary 'Santos, E.M.'  8  ? 
primary 'Geiger, J.H.'  9  ? 
primary 'Borhan, B.'    10 ? 
# 
loop_
_entity.id 
_entity.type 
_entity.src_method 
_entity.pdbx_description 
_entity.formula_weight 
_entity.pdbx_number_of_molecules 
_entity.pdbx_ec 
_entity.pdbx_mutation 
_entity.pdbx_fragment 
_entity.details 
1 polymer     man 'Cellular retinoic acid-binding protein 2'                                              15554.726 1  ? 
'R132K, R111L, L121E, R59W' ? ? 
2 non-polymer syn '(2E,4E,6E)-3-methyl-6-(1,3,3-trimethyl-1,3-dihydro-2H-indol-2-ylidene)hexa-2,4-dienal' 267.365   1  ? ? ? ? 
3 non-polymer syn '2-(N-MORPHOLINO)-ETHANESULFONIC ACID'                                                  195.237   1  ? ? ? ? 
4 water       nat water                                                                                   18.015    39 ? ? ? ? 
# 
_entity_name_com.entity_id   1 
_entity_name_com.name        'Cellular retinoic acid-binding protein II, CRABP-II' 
# 
_entity_poly.entity_id                      1 
_entity_poly.type                           'polypeptide(L)' 
_entity_poly.nstd_linkage                   no 
_entity_poly.nstd_monomer                   no 
_entity_poly.pdbx_seq_one_letter_code       
;PNFSGNWKIIRSENFEELLKVLGVNVMLRKIAVAAASKPAVEIKQEGDTFYIKTSTTVWTTEINFKVGEEFEEQTVDGRP
CKSLVKWESENKMVCEQKLLKGEGPKTSWTLELTNDGELIETMTADDVVCTKVYVRE
;
_entity_poly.pdbx_seq_one_letter_code_can   
;PNFSGNWKIIRSENFEELLKVLGVNVMLRKIAVAAASKPAVEIKQEGDTFYIKTSTTVWTTEINFKVGEEFEEQTVDGRP
CKSLVKWESENKMVCEQKLLKGEGPKTSWTLELTNDGELIETMTADDVVCTKVYVRE
;
_entity_poly.pdbx_strand_id                 A 
_entity_poly.pdbx_target_identifier         ? 
# 
loop_
_pdbx_entity_nonpoly.entity_id 
_pdbx_entity_nonpoly.name 
_pdbx_entity_nonpoly.comp_id 
2 '(2E,4E,6E)-3-methyl-6-(1,3,3-trimethyl-1,3-dihydro-2H-indol-2-ylidene)hexa-2,4-dienal' LMC 
3 '2-(N-MORPHOLINO)-ETHANESULFONIC ACID'                                                  MES 
4 water                                                                                   HOH 
# 
loop_
_entity_poly_seq.entity_id 
_entity_poly_seq.num 
_entity_poly_seq.mon_id 
_entity_poly_seq.hetero 
1 1   PRO n 
1 2   ASN n 
1 3   PHE n 
1 4   SER n 
1 5   GLY n 
1 6   ASN n 
1 7   TRP n 
1 8   LYS n 
1 9   ILE n 
1 10  ILE n 
1 11  ARG n 
1 12  SER n 
1 13  GLU n 
1 14  ASN n 
1 15  PHE n 
1 16  GLU n 
1 17  GLU n 
1 18  LEU n 
1 19  LEU n 
1 20  LYS n 
1 21  VAL n 
1 22  LEU n 
1 23  GLY n 
1 24  VAL n 
1 25  ASN n 
1 26  VAL n 
1 27  MET n 
1 28  LEU n 
1 29  ARG n 
1 30  LYS n 
1 31  ILE n 
1 32  ALA n 
1 33  VAL n 
1 34  ALA n 
1 35  ALA n 
1 36  ALA n 
1 37  SER n 
1 38  LYS n 
1 39  PRO n 
1 40  ALA n 
1 41  VAL n 
1 42  GLU n 
1 43  ILE n 
1 44  LYS n 
1 45  GLN n 
1 46  GLU n 
1 47  GLY n 
1 48  ASP n 
1 49  THR n 
1 50  PHE n 
1 51  TYR n 
1 52  ILE n 
1 53  LYS n 
1 54  THR n 
1 55  SER n 
1 56  THR n 
1 57  THR n 
1 58  VAL n 
1 59  TRP n 
1 60  THR n 
1 61  THR n 
1 62  GLU n 
1 63  ILE n 
1 64  ASN n 
1 65  PHE n 
1 66  LYS n 
1 67  VAL n 
1 68  GLY n 
1 69  GLU n 
1 70  GLU n 
1 71  PHE n 
1 72  GLU n 
1 73  GLU n 
1 74  GLN n 
1 75  THR n 
1 76  VAL n 
1 77  ASP n 
1 78  GLY n 
1 79  ARG n 
1 80  PRO n 
1 81  CYS n 
1 82  LYS n 
1 83  SER n 
1 84  LEU n 
1 85  VAL n 
1 86  LYS n 
1 87  TRP n 
1 88  GLU n 
1 89  SER n 
1 90  GLU n 
1 91  ASN n 
1 92  LYS n 
1 93  MET n 
1 94  VAL n 
1 95  CYS n 
1 96  GLU n 
1 97  GLN n 
1 98  LYS n 
1 99  LEU n 
1 100 LEU n 
1 101 LYS n 
1 102 GLY n 
1 103 GLU n 
1 104 GLY n 
1 105 PRO n 
1 106 LYS n 
1 107 THR n 
1 108 SER n 
1 109 TRP n 
1 110 THR n 
1 111 LEU n 
1 112 GLU n 
1 113 LEU n 
1 114 THR n 
1 115 ASN n 
1 116 ASP n 
1 117 GLY n 
1 118 GLU n 
1 119 LEU n 
1 120 ILE n 
1 121 GLU n 
1 122 THR n 
1 123 MET n 
1 124 THR n 
1 125 ALA n 
1 126 ASP n 
1 127 ASP n 
1 128 VAL n 
1 129 VAL n 
1 130 CYS n 
1 131 THR n 
1 132 LYS n 
1 133 VAL n 
1 134 TYR n 
1 135 VAL n 
1 136 ARG n 
1 137 GLU n 
# 
_entity_src_gen.entity_id                          1 
_entity_src_gen.pdbx_src_id                        1 
_entity_src_gen.pdbx_alt_source_flag               sample 
_entity_src_gen.pdbx_seq_type                      ? 
_entity_src_gen.pdbx_beg_seq_num                   ? 
_entity_src_gen.pdbx_end_seq_num                   ? 
_entity_src_gen.gene_src_common_name               Human 
_entity_src_gen.gene_src_genus                     ? 
_entity_src_gen.pdbx_gene_src_gene                 CRABP2 
_entity_src_gen.gene_src_species                   ? 
_entity_src_gen.gene_src_strain                    ? 
_entity_src_gen.gene_src_tissue                    ? 
_entity_src_gen.gene_src_tissue_fraction           ? 
_entity_src_gen.gene_src_details                   ? 
_entity_src_gen.pdbx_gene_src_fragment             ? 
_entity_src_gen.pdbx_gene_src_scientific_name      'Homo sapiens' 
_entity_src_gen.pdbx_gene_src_ncbi_taxonomy_id     9606 
_entity_src_gen.pdbx_gene_src_variant              ? 
_entity_src_gen.pdbx_gene_src_cell_line            ? 
_entity_src_gen.pdbx_gene_src_atcc                 ? 
_entity_src_gen.pdbx_gene_src_organ                ? 
_entity_src_gen.pdbx_gene_src_organelle            ? 
_entity_src_gen.pdbx_gene_src_cell                 ? 
_entity_src_gen.pdbx_gene_src_cellular_location    ? 
_entity_src_gen.host_org_common_name               ? 
_entity_src_gen.pdbx_host_org_scientific_name      'Escherichia coli' 
_entity_src_gen.pdbx_host_org_ncbi_taxonomy_id     562 
_entity_src_gen.host_org_genus                     ? 
_entity_src_gen.pdbx_host_org_gene                 ? 
_entity_src_gen.pdbx_host_org_organ                ? 
_entity_src_gen.host_org_species                   ? 
_entity_src_gen.pdbx_host_org_tissue               ? 
_entity_src_gen.pdbx_host_org_tissue_fraction      ? 
_entity_src_gen.pdbx_host_org_strain               'BL21(DE3)pLysS' 
_entity_src_gen.pdbx_host_org_variant              ? 
_entity_src_gen.pdbx_host_org_cell_line            ? 
_entity_src_gen.pdbx_host_org_atcc                 ? 
_entity_src_gen.pdbx_host_org_culture_collection   ? 
_entity_src_gen.pdbx_host_org_cell                 ? 
_entity_src_gen.pdbx_host_org_organelle            ? 
_entity_src_gen.pdbx_host_org_cellular_location    ? 
_entity_src_gen.pdbx_host_org_vector_type          plasmid 
_entity_src_gen.pdbx_host_org_vector               ? 
_entity_src_gen.host_org_details                   ? 
_entity_src_gen.expression_system_id               ? 
_entity_src_gen.plasmid_name                       CRABPII-pET17b-KLE-R59W 
_entity_src_gen.plasmid_details                    ? 
_entity_src_gen.pdbx_description                   ? 
# 
loop_
_chem_comp.id 
_chem_comp.type 
_chem_comp.mon_nstd_flag 
_chem_comp.name 
_chem_comp.pdbx_synonyms 
_chem_comp.formula 
_chem_comp.formula_weight 
ALA 'L-peptide linking' y ALANINE                                                                                 ? 'C3 H7 N O2' 
89.093  
ARG 'L-peptide linking' y ARGININE                                                                                ? 
'C6 H15 N4 O2 1' 175.209 
ASN 'L-peptide linking' y ASPARAGINE                                                                              ? 'C4 H8 N2 O3' 
132.118 
ASP 'L-peptide linking' y 'ASPARTIC ACID'                                                                         ? 'C4 H7 N O4' 
133.103 
CYS 'L-peptide linking' y CYSTEINE                                                                                ? 'C3 H7 N O2 S' 
121.158 
GLN 'L-peptide linking' y GLUTAMINE                                                                               ? 'C5 H10 N2 O3' 
146.144 
GLU 'L-peptide linking' y 'GLUTAMIC ACID'                                                                         ? 'C5 H9 N O4' 
147.129 
GLY 'peptide linking'   y GLYCINE                                                                                 ? 'C2 H5 N O2' 
75.067  
HOH non-polymer         . WATER                                                                                   ? 'H2 O' 18.015  
ILE 'L-peptide linking' y ISOLEUCINE                                                                              ? 'C6 H13 N O2' 
131.173 
LEU 'L-peptide linking' y LEUCINE                                                                                 ? 'C6 H13 N O2' 
131.173 
LMC non-polymer         . '(2E,4E,6E)-3-methyl-6-(1,3,3-trimethyl-1,3-dihydro-2H-indol-2-ylidene)hexa-2,4-dienal' 
'(2E,4E,6Z)-3-methyl-6-(1,3,3-trimethylindolin-2-ylidene)hexa-2,4-dienal' 'C18 H21 N O'    267.365 
LYS 'L-peptide linking' y LYSINE                                                                                  ? 
'C6 H15 N2 O2 1' 147.195 
MES non-polymer         . '2-(N-MORPHOLINO)-ETHANESULFONIC ACID'                                                  ? 
'C6 H13 N O4 S'  195.237 
MET 'L-peptide linking' y METHIONINE                                                                              ? 
'C5 H11 N O2 S'  149.211 
PHE 'L-peptide linking' y PHENYLALANINE                                                                           ? 'C9 H11 N O2' 
165.189 
PRO 'L-peptide linking' y PROLINE                                                                                 ? 'C5 H9 N O2' 
115.130 
SER 'L-peptide linking' y SERINE                                                                                  ? 'C3 H7 N O3' 
105.093 
THR 'L-peptide linking' y THREONINE                                                                               ? 'C4 H9 N O3' 
119.119 
TRP 'L-peptide linking' y TRYPTOPHAN                                                                              ? 
'C11 H12 N2 O2'  204.225 
TYR 'L-peptide linking' y TYROSINE                                                                                ? 'C9 H11 N O3' 
181.189 
VAL 'L-peptide linking' y VALINE                                                                                  ? 'C5 H11 N O2' 
117.146 
# 
loop_
_pdbx_poly_seq_scheme.asym_id 
_pdbx_poly_seq_scheme.entity_id 
_pdbx_poly_seq_scheme.seq_id 
_pdbx_poly_seq_scheme.mon_id 
_pdbx_poly_seq_scheme.ndb_seq_num 
_pdbx_poly_seq_scheme.pdb_seq_num 
_pdbx_poly_seq_scheme.auth_seq_num 
_pdbx_poly_seq_scheme.pdb_mon_id 
_pdbx_poly_seq_scheme.auth_mon_id 
_pdbx_poly_seq_scheme.pdb_strand_id 
_pdbx_poly_seq_scheme.pdb_ins_code 
_pdbx_poly_seq_scheme.hetero 
A 1 1   PRO 1   1   1   PRO PRO A . n 
A 1 2   ASN 2   2   2   ASN ASN A . n 
A 1 3   PHE 3   3   3   PHE PHE A . n 
A 1 4   SER 4   4   4   SER SER A . n 
A 1 5   GLY 5   5   5   GLY GLY A . n 
A 1 6   ASN 6   6   6   ASN ASN A . n 
A 1 7   TRP 7   7   7   TRP TRP A . n 
A 1 8   LYS 8   8   8   LYS LYS A . n 
A 1 9   ILE 9   9   9   ILE ILE A . n 
A 1 10  ILE 10  10  10  ILE ILE A . n 
A 1 11  ARG 11  11  11  ARG ARG A . n 
A 1 12  SER 12  12  12  SER SER A . n 
A 1 13  GLU 13  13  13  GLU GLU A . n 
A 1 14  ASN 14  14  14  ASN ASN A . n 
A 1 15  PHE 15  15  15  PHE PHE A . n 
A 1 16  GLU 16  16  16  GLU GLU A . n 
A 1 17  GLU 17  17  17  GLU GLU A . n 
A 1 18  LEU 18  18  18  LEU LEU A . n 
A 1 19  LEU 19  19  19  LEU LEU A . n 
A 1 20  LYS 20  20  20  LYS LYS A . n 
A 1 21  VAL 21  21  21  VAL VAL A . n 
A 1 22  LEU 22  22  22  LEU LEU A . n 
A 1 23  GLY 23  23  23  GLY GLY A . n 
A 1 24  VAL 24  24  24  VAL VAL A . n 
A 1 25  ASN 25  25  25  ASN ASN A . n 
A 1 26  VAL 26  26  26  VAL VAL A . n 
A 1 27  MET 27  27  27  MET MET A . n 
A 1 28  LEU 28  28  28  LEU LEU A . n 
A 1 29  ARG 29  29  29  ARG ARG A . n 
A 1 30  LYS 30  30  30  LYS LYS A . n 
A 1 31  ILE 31  31  31  ILE ILE A . n 
A 1 32  ALA 32  32  32  ALA ALA A . n 
A 1 33  VAL 33  33  33  VAL VAL A . n 
A 1 34  ALA 34  34  34  ALA ALA A . n 
A 1 35  ALA 35  35  35  ALA ALA A . n 
A 1 36  ALA 36  36  36  ALA ALA A . n 
A 1 37  SER 37  37  37  SER SER A . n 
A 1 38  LYS 38  38  38  LYS LYS A . n 
A 1 39  PRO 39  39  39  PRO PRO A . n 
A 1 40  ALA 40  40  40  ALA ALA A . n 
A 1 41  VAL 41  41  41  VAL VAL A . n 
A 1 42  GLU 42  42  42  GLU GLU A . n 
A 1 43  ILE 43  43  43  ILE ILE A . n 
A 1 44  LYS 44  44  44  LYS LYS A . n 
A 1 45  GLN 45  45  45  GLN GLN A . n 
A 1 46  GLU 46  46  46  GLU GLU A . n 
A 1 47  GLY 47  47  47  GLY GLY A . n 
A 1 48  ASP 48  48  48  ASP ASP A . n 
A 1 49  THR 49  49  49  THR THR A . n 
A 1 50  PHE 50  50  50  PHE PHE A . n 
A 1 51  TYR 51  51  51  TYR TYR A . n 
A 1 52  ILE 52  52  52  ILE ILE A . n 
A 1 53  LYS 53  53  53  LYS LYS A . n 
A 1 54  THR 54  54  54  THR THR A . n 
A 1 55  SER 55  55  55  SER SER A . n 
A 1 56  THR 56  56  56  THR THR A . n 
A 1 57  THR 57  57  57  THR THR A . n 
A 1 58  VAL 58  58  58  VAL VAL A . n 
A 1 59  TRP 59  59  59  TRP TRP A . n 
A 1 60  THR 60  60  60  THR THR A . n 
A 1 61  THR 61  61  61  THR THR A . n 
A 1 62  GLU 62  62  62  GLU GLU A . n 
A 1 63  ILE 63  63  63  ILE ILE A . n 
A 1 64  ASN 64  64  64  ASN ASN A . n 
A 1 65  PHE 65  65  65  PHE PHE A . n 
A 1 66  LYS 66  66  66  LYS LYS A . n 
A 1 67  VAL 67  67  67  VAL VAL A . n 
A 1 68  GLY 68  68  68  GLY GLY A . n 
A 1 69  GLU 69  69  69  GLU GLU A . n 
A 1 70  GLU 70  70  70  GLU GLU A . n 
A 1 71  PHE 71  71  71  PHE PHE A . n 
A 1 72  GLU 72  72  72  GLU GLU A . n 
A 1 73  GLU 73  73  73  GLU GLU A . n 
A 1 74  GLN 74  74  74  GLN GLN A . n 
A 1 75  THR 75  75  75  THR THR A . n 
A 1 76  VAL 76  76  76  VAL VAL A . n 
A 1 77  ASP 77  77  77  ASP ASP A . n 
A 1 78  GLY 78  78  78  GLY GLY A . n 
A 1 79  ARG 79  79  79  ARG ARG A . n 
A 1 80  PRO 80  80  80  PRO PRO A . n 
A 1 81  CYS 81  81  81  CYS CYS A . n 
A 1 82  LYS 82  82  82  LYS LYS A . n 
A 1 83  SER 83  83  83  SER SER A . n 
A 1 84  LEU 84  84  84  LEU LEU A . n 
A 1 85  VAL 85  85  85  VAL VAL A . n 
A 1 86  LYS 86  86  86  LYS LYS A . n 
A 1 87  TRP 87  87  87  TRP TRP A . n 
A 1 88  GLU 88  88  88  GLU GLU A . n 
A 1 89  SER 89  89  89  SER SER A . n 
A 1 90  GLU 90  90  90  GLU GLU A . n 
A 1 91  ASN 91  91  91  ASN ASN A . n 
A 1 92  LYS 92  92  92  LYS LYS A . n 
A 1 93  MET 93  93  93  MET MET A . n 
A 1 94  VAL 94  94  94  VAL VAL A . n 
A 1 95  CYS 95  95  95  CYS CYS A . n 
A 1 96  GLU 96  96  96  GLU GLU A . n 
A 1 97  GLN 97  97  97  GLN GLN A . n 
A 1 98  LYS 98  98  98  LYS LYS A . n 
A 1 99  LEU 99  99  99  LEU LEU A . n 
A 1 100 LEU 100 100 100 LEU LEU A . n 
A 1 101 LYS 101 101 101 LYS LYS A . n 
A 1 102 GLY 102 102 102 GLY GLY A . n 
A 1 103 GLU 103 103 103 GLU GLU A . n 
A 1 104 GLY 104 104 104 GLY GLY A . n 
A 1 105 PRO 105 105 105 PRO PRO A . n 
A 1 106 LYS 106 106 106 LYS LYS A . n 
A 1 107 THR 107 107 107 THR THR A . n 
A 1 108 SER 108 108 108 SER SER A . n 
A 1 109 TRP 109 109 109 TRP TRP A . n 
A 1 110 THR 110 110 110 THR THR A . n 
A 1 111 LEU 111 111 111 LEU LEU A . n 
A 1 112 GLU 112 112 112 GLU GLU A . n 
A 1 113 LEU 113 113 113 LEU LEU A . n 
A 1 114 THR 114 114 114 THR THR A . n 
A 1 115 ASN 115 115 115 ASN ASN A . n 
A 1 116 ASP 116 116 116 ASP ASP A . n 
A 1 117 GLY 117 117 117 GLY GLY A . n 
A 1 118 GLU 118 118 118 GLU GLU A . n 
A 1 119 LEU 119 119 119 LEU LEU A . n 
A 1 120 ILE 120 120 120 ILE ILE A . n 
A 1 121 GLU 121 121 121 GLU GLU A . n 
A 1 122 THR 122 122 122 THR THR A . n 
A 1 123 MET 123 123 123 MET MET A . n 
A 1 124 THR 124 124 124 THR THR A . n 
A 1 125 ALA 125 125 125 ALA ALA A . n 
A 1 126 ASP 126 126 126 ASP ASP A . n 
A 1 127 ASP 127 127 127 ASP ASP A . n 
A 1 128 VAL 128 128 128 VAL VAL A . n 
A 1 129 VAL 129 129 129 VAL VAL A . n 
A 1 130 CYS 130 130 130 CYS CYS A . n 
A 1 131 THR 131 131 131 THR THR A . n 
A 1 132 LYS 132 132 132 LYS LYS A . n 
A 1 133 VAL 133 133 133 VAL VAL A . n 
A 1 134 TYR 134 134 134 TYR TYR A . n 
A 1 135 VAL 135 135 135 VAL VAL A . n 
A 1 136 ARG 136 136 136 ARG ARG A . n 
A 1 137 GLU 137 137 137 GLU GLU A . n 
# 
loop_
_pdbx_nonpoly_scheme.asym_id 
_pdbx_nonpoly_scheme.entity_id 
_pdbx_nonpoly_scheme.mon_id 
_pdbx_nonpoly_scheme.ndb_seq_num 
_pdbx_nonpoly_scheme.pdb_seq_num 
_pdbx_nonpoly_scheme.auth_seq_num 
_pdbx_nonpoly_scheme.pdb_mon_id 
_pdbx_nonpoly_scheme.auth_mon_id 
_pdbx_nonpoly_scheme.pdb_strand_id 
_pdbx_nonpoly_scheme.pdb_ins_code 
B 2 LMC 1  139 139 LMC LMC A . 
C 3 MES 1  138 138 MES MES A . 
D 4 HOH 1  140 2   HOH HOH A . 
D 4 HOH 2  141 3   HOH HOH A . 
D 4 HOH 3  142 5   HOH HOH A . 
D 4 HOH 4  143 6   HOH HOH A . 
D 4 HOH 5  144 15  HOH HOH A . 
D 4 HOH 6  145 18  HOH HOH A . 
D 4 HOH 7  146 20  HOH HOH A . 
D 4 HOH 8  147 21  HOH HOH A . 
D 4 HOH 9  148 22  HOH HOH A . 
D 4 HOH 10 149 23  HOH HOH A . 
D 4 HOH 11 150 24  HOH HOH A . 
D 4 HOH 12 151 25  HOH HOH A . 
D 4 HOH 13 152 27  HOH HOH A . 
D 4 HOH 14 153 31  HOH HOH A . 
D 4 HOH 15 154 37  HOH HOH A . 
D 4 HOH 16 155 38  HOH HOH A . 
D 4 HOH 17 156 39  HOH HOH A . 
D 4 HOH 18 157 40  HOH HOH A . 
D 4 HOH 19 158 46  HOH HOH A . 
D 4 HOH 20 159 48  HOH HOH A . 
D 4 HOH 21 160 50  HOH HOH A . 
D 4 HOH 22 161 55  HOH HOH A . 
D 4 HOH 23 162 56  HOH HOH A . 
D 4 HOH 24 163 57  HOH HOH A . 
D 4 HOH 25 164 59  HOH HOH A . 
D 4 HOH 26 165 60  HOH HOH A . 
D 4 HOH 27 166 62  HOH HOH A . 
D 4 HOH 28 167 63  HOH HOH A . 
D 4 HOH 29 168 65  HOH HOH A . 
D 4 HOH 30 169 66  HOH HOH A . 
D 4 HOH 31 170 67  HOH HOH A . 
D 4 HOH 32 171 70  HOH HOH A . 
D 4 HOH 33 172 71  HOH HOH A . 
D 4 HOH 34 173 73  HOH HOH A . 
D 4 HOH 35 174 74  HOH HOH A . 
D 4 HOH 36 175 76  HOH HOH A . 
D 4 HOH 37 176 78  HOH HOH A . 
D 4 HOH 38 177 79  HOH HOH A . 
D 4 HOH 39 178 80  HOH HOH A . 
# 
loop_
_software.name 
_software.classification 
_software.version 
_software.citation_id 
_software.pdbx_ordinal 
_software.date 
_software.type 
_software.location 
_software.language 
HKL-2000 'data collection' .        ? 1 ? ? ? ? 
MOLREP   phasing           .        ? 2 ? ? ? ? 
REFMAC   refinement        5.2.0005 ? 3 ? ? ? ? 
HKL-2000 'data reduction'  .        ? 4 ? ? ? ? 
HKL-2000 'data scaling'    .        ? 5 ? ? ? ? 
# 
_cell.entry_id           3FEP 
_cell.length_a           55.808 
_cell.length_b           55.808 
_cell.length_c           108.177 
_cell.angle_alpha        90.00 
_cell.angle_beta         90.00 
_cell.angle_gamma        120.00 
_cell.Z_PDB              6 
_cell.pdbx_unique_axis   ? 
_cell.length_a_esd       ? 
_cell.length_b_esd       ? 
_cell.length_c_esd       ? 
_cell.angle_alpha_esd    ? 
_cell.angle_beta_esd     ? 
_cell.angle_gamma_esd    ? 
# 
_symmetry.entry_id                         3FEP 
_symmetry.space_group_name_H-M             'P 31 2 1' 
_symmetry.pdbx_full_space_group_name_H-M   ? 
_symmetry.cell_setting                     ? 
_symmetry.Int_Tables_number                152 
_symmetry.space_group_name_Hall            ? 
# 
_exptl.entry_id          3FEP 
_exptl.method            'X-RAY DIFFRACTION' 
_exptl.crystals_number   1 
# 
_exptl_crystal.id                    1 
_exptl_crystal.density_meas          ? 
_exptl_crystal.density_Matthews      3.13 
_exptl_crystal.density_percent_sol   60.66 
_exptl_crystal.description           ? 
_exptl_crystal.F_000                 ? 
_exptl_crystal.preparation           ? 
# 
_exptl_crystal_grow.crystal_id      1 
_exptl_crystal_grow.method          'VAPOR DIFFUSION, HANGING DROP' 
_exptl_crystal_grow.temp            277 
_exptl_crystal_grow.temp_details    ? 
_exptl_crystal_grow.pH              6.3 
_exptl_crystal_grow.pdbx_details    
'0.1M MES, 0.2M ammonium sulfate, 30% PEGMME 5000, pH 6.3, VAPOR DIFFUSION, HANGING DROP, temperature 277K' 
_exptl_crystal_grow.pdbx_pH_range   ? 
# 
_diffrn.id                     1 
_diffrn.ambient_temp           100 
_diffrn.ambient_temp_details   ? 
_diffrn.crystal_id             1 
# 
_diffrn_detector.diffrn_id              1 
_diffrn_detector.detector               CCD 
_diffrn_detector.type                   'MARMOSAIC 225 mm CCD' 
_diffrn_detector.pdbx_collection_date   2007-10-26 
_diffrn_detector.details                ? 
# 
_diffrn_radiation.diffrn_id                        1 
_diffrn_radiation.wavelength_id                    1 
_diffrn_radiation.pdbx_monochromatic_or_laue_m_l   M 
_diffrn_radiation.monochromator                    'C(111)' 
_diffrn_radiation.pdbx_diffrn_protocol             'SINGLE WAVELENGTH' 
_diffrn_radiation.pdbx_scattering_type             x-ray 
# 
_diffrn_radiation_wavelength.id           1 
_diffrn_radiation_wavelength.wavelength   0.97850 
_diffrn_radiation_wavelength.wt           1.0 
# 
_diffrn_source.diffrn_id                   1 
_diffrn_source.source                      SYNCHROTRON 
_diffrn_source.type                        'APS BEAMLINE 21-ID-F' 
_diffrn_source.pdbx_synchrotron_site       APS 
_diffrn_source.pdbx_synchrotron_beamline   21-ID-F 
_diffrn_source.pdbx_wavelength             ? 
_diffrn_source.pdbx_wavelength_list        0.97850 
# 
_reflns.entry_id                     3FEP 
_reflns.observed_criterion_sigma_I   1 
_reflns.observed_criterion_sigma_F   ? 
_reflns.d_resolution_low             48.34 
_reflns.d_resolution_high            2.60 
_reflns.number_obs                   5671 
_reflns.number_all                   ? 
_reflns.percent_possible_obs         88.4 
_reflns.pdbx_Rmerge_I_obs            0.058 
_reflns.pdbx_Rsym_value              ? 
_reflns.pdbx_netI_over_sigmaI        43.3 
_reflns.B_iso_Wilson_estimate        38.6 
_reflns.pdbx_redundancy              9.2 
_reflns.R_free_details               ? 
_reflns.limit_h_max                  ? 
_reflns.limit_h_min                  ? 
_reflns.limit_k_max                  ? 
_reflns.limit_k_min                  ? 
_reflns.limit_l_max                  ? 
_reflns.limit_l_min                  ? 
_reflns.observed_criterion_F_max     ? 
_reflns.observed_criterion_F_min     ? 
_reflns.pdbx_chi_squared             ? 
_reflns.pdbx_scaling_rejects         ? 
_reflns.pdbx_ordinal                 1 
_reflns.pdbx_diffrn_id               1 
_reflns.pdbx_CC_half                 ? 
_reflns.pdbx_CC_star                 ? 
_reflns.pdbx_Rpim_I_all              ? 
_reflns.pdbx_Rrim_I_all              ? 
# 
_reflns_shell.d_res_high             2.60 
_reflns_shell.d_res_low              2.69 
_reflns_shell.percent_possible_all   41.3 
_reflns_shell.Rmerge_I_obs           0.544 
_reflns_shell.pdbx_Rsym_value        ? 
_reflns_shell.meanI_over_sigI_obs    1.9 
_reflns_shell.pdbx_redundancy        4.5 
_reflns_shell.percent_possible_obs   ? 
_reflns_shell.number_unique_all      265 
_reflns_shell.number_measured_all    ? 
_reflns_shell.number_measured_obs    ? 
_reflns_shell.number_unique_obs      ? 
_reflns_shell.pdbx_chi_squared       ? 
_reflns_shell.pdbx_ordinal           1 
_reflns_shell.pdbx_diffrn_id         1 
_reflns_shell.pdbx_CC_half           ? 
_reflns_shell.pdbx_CC_star           ? 
_reflns_shell.pdbx_Rpim_I_all        ? 
_reflns_shell.pdbx_Rrim_I_all        ? 
# 
_refine.entry_id                                 3FEP 
_refine.ls_number_reflns_obs                     5394 
_refine.ls_number_reflns_all                     ? 
_refine.pdbx_ls_sigma_I                          ? 
_refine.pdbx_ls_sigma_F                          ? 
_refine.pdbx_data_cutoff_high_absF               ? 
_refine.pdbx_data_cutoff_low_absF                ? 
_refine.pdbx_data_cutoff_high_rms_absF           ? 
_refine.ls_d_res_low                             44.13 
_refine.ls_d_res_high                            2.60 
_refine.ls_percent_reflns_obs                    88.50 
_refine.ls_R_factor_obs                          0.23540 
_refine.ls_R_factor_all                          0.23540 
_refine.ls_R_factor_R_work                       0.23246 
_refine.ls_R_factor_R_free                       0.29309 
_refine.ls_R_factor_R_free_error                 ? 
_refine.ls_R_factor_R_free_error_details         ? 
_refine.ls_percent_reflns_R_free                 4.6 
_refine.ls_number_reflns_R_free                  260 
_refine.ls_number_parameters                     ? 
_refine.ls_number_restraints                     ? 
_refine.occupancy_min                            ? 
_refine.occupancy_max                            ? 
_refine.correlation_coeff_Fo_to_Fc               0.940 
_refine.correlation_coeff_Fo_to_Fc_free          0.913 
_refine.B_iso_mean                               38.880 
_refine.aniso_B[1][1]                            3.76 
_refine.aniso_B[2][2]                            3.76 
_refine.aniso_B[3][3]                            -5.65 
_refine.aniso_B[1][2]                            1.88 
_refine.aniso_B[1][3]                            0.00 
_refine.aniso_B[2][3]                            0.00 
_refine.solvent_model_details                    'BABINET MODEL WITH MASK' 
_refine.solvent_model_param_ksol                 ? 
_refine.solvent_model_param_bsol                 ? 
_refine.pdbx_solvent_vdw_probe_radii             1.20 
_refine.pdbx_solvent_ion_probe_radii             0.80 
_refine.pdbx_solvent_shrinkage_radii             0.80 
_refine.pdbx_ls_cross_valid_method               THROUGHOUT 
_refine.details                                  'HYDROGENS HAVE BEEN ADDED IN THE RIDING POSITIONS' 
_refine.pdbx_starting_model                      'PDB entry 2G7B' 
_refine.pdbx_method_to_determine_struct          'MOLECULAR REPLACEMENT' 
_refine.pdbx_isotropic_thermal_model             ? 
_refine.pdbx_stereochemistry_target_values       'MAXIMUM LIKELIHOOD' 
_refine.pdbx_stereochem_target_val_spec_case     ? 
_refine.pdbx_R_Free_selection_details            RANDOM 
_refine.pdbx_overall_ESU_R                       0.827 
_refine.pdbx_overall_ESU_R_Free                  0.376 
_refine.overall_SU_ML                            0.300 
_refine.overall_SU_B                             29.520 
_refine.ls_redundancy_reflns_obs                 ? 
_refine.B_iso_min                                ? 
_refine.B_iso_max                                ? 
_refine.overall_SU_R_Cruickshank_DPI             ? 
_refine.overall_SU_R_free                        ? 
_refine.ls_wR_factor_R_free                      ? 
_refine.ls_wR_factor_R_work                      ? 
_refine.overall_FOM_free_R_set                   ? 
_refine.overall_FOM_work_R_set                   ? 
_refine.pdbx_overall_phase_error                 ? 
_refine.pdbx_refine_id                           'X-RAY DIFFRACTION' 
_refine.pdbx_diffrn_id                           1 
_refine.pdbx_TLS_residual_ADP_flag               ? 
_refine.pdbx_overall_SU_R_free_Cruickshank_DPI   ? 
_refine.pdbx_overall_SU_R_Blow_DPI               ? 
_refine.pdbx_overall_SU_R_free_Blow_DPI          ? 
# 
_refine_hist.pdbx_refine_id                   'X-RAY DIFFRACTION' 
_refine_hist.cycle_id                         LAST 
_refine_hist.pdbx_number_atoms_protein        1090 
_refine_hist.pdbx_number_atoms_nucleic_acid   0 
_refine_hist.pdbx_number_atoms_ligand         31 
_refine_hist.number_atoms_solvent             39 
_refine_hist.number_atoms_total               1160 
_refine_hist.d_res_high                       2.60 
_refine_hist.d_res_low                        44.13 
# 
loop_
_refine_ls_restr.type 
_refine_ls_restr.dev_ideal 
_refine_ls_restr.dev_ideal_target 
_refine_ls_restr.weight 
_refine_ls_restr.number 
_refine_ls_restr.pdbx_refine_id 
_refine_ls_restr.pdbx_restraint_function 
r_bond_refined_d             0.006  0.022  ? 1151 'X-RAY DIFFRACTION' ? 
r_bond_other_d               ?      ?      ? ?    'X-RAY DIFFRACTION' ? 
r_angle_refined_deg          0.886  2.002  ? 1556 'X-RAY DIFFRACTION' ? 
r_angle_other_deg            ?      ?      ? ?    'X-RAY DIFFRACTION' ? 
r_dihedral_angle_1_deg       5.968  5.000  ? 136  'X-RAY DIFFRACTION' ? 
r_dihedral_angle_2_deg       37.839 26.042 ? 48   'X-RAY DIFFRACTION' ? 
r_dihedral_angle_3_deg       16.339 15.000 ? 213  'X-RAY DIFFRACTION' ? 
r_dihedral_angle_4_deg       9.159  15.000 ? 4    'X-RAY DIFFRACTION' ? 
r_chiral_restr               0.044  0.200  ? 177  'X-RAY DIFFRACTION' ? 
r_gen_planes_refined         0.003  0.020  ? 828  'X-RAY DIFFRACTION' ? 
r_gen_planes_other           ?      ?      ? ?    'X-RAY DIFFRACTION' ? 
r_nbd_refined                0.274  0.300  ? 493  'X-RAY DIFFRACTION' ? 
r_nbd_other                  ?      ?      ? ?    'X-RAY DIFFRACTION' ? 
r_nbtor_refined              0.328  0.500  ? 762  'X-RAY DIFFRACTION' ? 
r_nbtor_other                ?      ?      ? ?    'X-RAY DIFFRACTION' ? 
r_xyhbond_nbd_refined        0.261  0.500  ? 66   'X-RAY DIFFRACTION' ? 
r_xyhbond_nbd_other          ?      ?      ? ?    'X-RAY DIFFRACTION' ? 
r_metal_ion_refined          ?      ?      ? ?    'X-RAY DIFFRACTION' ? 
r_metal_ion_other            ?      ?      ? ?    'X-RAY DIFFRACTION' ? 
r_symmetry_vdw_refined       0.233  0.300  ? 25   'X-RAY DIFFRACTION' ? 
r_symmetry_vdw_other         ?      ?      ? ?    'X-RAY DIFFRACTION' ? 
r_symmetry_hbond_refined     0.360  0.500  ? 3    'X-RAY DIFFRACTION' ? 
r_symmetry_hbond_other       ?      ?      ? ?    'X-RAY DIFFRACTION' ? 
r_symmetry_metal_ion_refined ?      ?      ? ?    'X-RAY DIFFRACTION' ? 
r_symmetry_metal_ion_other   ?      ?      ? ?    'X-RAY DIFFRACTION' ? 
r_mcbond_it                  0.447  2.000  ? 709  'X-RAY DIFFRACTION' ? 
r_mcbond_other               ?      ?      ? ?    'X-RAY DIFFRACTION' ? 
r_mcangle_it                 0.739  3.000  ? 1110 'X-RAY DIFFRACTION' ? 
r_scbond_it                  0.280  2.000  ? 527  'X-RAY DIFFRACTION' ? 
r_scangle_it                 0.429  3.000  ? 445  'X-RAY DIFFRACTION' ? 
r_rigid_bond_restr           ?      ?      ? ?    'X-RAY DIFFRACTION' ? 
r_sphericity_free            ?      ?      ? ?    'X-RAY DIFFRACTION' ? 
r_sphericity_bonded          ?      ?      ? ?    'X-RAY DIFFRACTION' ? 
# 
_refine_ls_shell.pdbx_total_number_of_bins_used   20 
_refine_ls_shell.d_res_high                       2.60 
_refine_ls_shell.d_res_low                        2.669 
_refine_ls_shell.number_reflns_R_work             172 
_refine_ls_shell.R_factor_R_work                  0.370 
_refine_ls_shell.percent_reflns_obs               37.87 
_refine_ls_shell.R_factor_R_free                  0.904 
_refine_ls_shell.R_factor_R_free_error            ? 
_refine_ls_shell.percent_reflns_R_free            ? 
_refine_ls_shell.number_reflns_R_free             6 
_refine_ls_shell.number_reflns_all                ? 
_refine_ls_shell.R_factor_all                     ? 
_refine_ls_shell.number_reflns_obs                172 
_refine_ls_shell.redundancy_reflns_obs            ? 
_refine_ls_shell.pdbx_refine_id                   'X-RAY DIFFRACTION' 
_refine_ls_shell.R_factor_obs                     ? 
# 
_struct.entry_id                  3FEP 
_struct.title                     
;Crystal structure of the R132K:R111L:L121E:R59W-CRABPII mutant complexed with a synthetic ligand (merocyanin) at 2.60 angstrom resolution.
;
_struct.pdbx_model_details        ? 
_struct.pdbx_CASP_flag            ? 
_struct.pdbx_model_type_details   ? 
# 
_struct_keywords.entry_id        3FEP 
_struct_keywords.pdbx_keywords   'TRANSPORT PROTEIN' 
_struct_keywords.text            
;merocyanin, CRABPII, retinoic acid, retinoid, PSB, protonated Schiff base, fluorescence, CRABP, Nucleus, Retinol-binding, Transport, Vitamin A, TRANSPORT PROTEIN
;
# 
loop_
_struct_asym.id 
_struct_asym.pdbx_blank_PDB_chainid_flag 
_struct_asym.pdbx_modified 
_struct_asym.entity_id 
_struct_asym.details 
A N N 1 ? 
B N N 2 ? 
C N N 3 ? 
D N N 4 ? 
# 
_struct_ref.id                         1 
_struct_ref.db_name                    UNP 
_struct_ref.db_code                    RABP2_HUMAN 
_struct_ref.pdbx_db_accession          P29373 
_struct_ref.entity_id                  1 
_struct_ref.pdbx_seq_one_letter_code   
;PNFSGNWKIIRSENFEELLKVLGVNVMLRKIAVAAASKPAVEIKQEGDTFYIKTSTTVRTTEINFKVGEEFEEQTVDGRP
CKSLVKWESENKMVCEQKLLKGEGPKTSWTRELTNDGELILTMTADDVVCTRVYVRE
;
_struct_ref.pdbx_align_begin           2 
_struct_ref.pdbx_db_isoform            ? 
# 
_struct_ref_seq.align_id                      1 
_struct_ref_seq.ref_id                        1 
_struct_ref_seq.pdbx_PDB_id_code              3FEP 
_struct_ref_seq.pdbx_strand_id                A 
_struct_ref_seq.seq_align_beg                 1 
_struct_ref_seq.pdbx_seq_align_beg_ins_code   ? 
_struct_ref_seq.seq_align_end                 137 
_struct_ref_seq.pdbx_seq_align_end_ins_code   ? 
_struct_ref_seq.pdbx_db_accession             P29373 
_struct_ref_seq.db_align_beg                  2 
_struct_ref_seq.pdbx_db_align_beg_ins_code    ? 
_struct_ref_seq.db_align_end                  138 
_struct_ref_seq.pdbx_db_align_end_ins_code    ? 
_struct_ref_seq.pdbx_auth_seq_align_beg       1 
_struct_ref_seq.pdbx_auth_seq_align_end       137 
# 
loop_
_struct_ref_seq_dif.align_id 
_struct_ref_seq_dif.pdbx_pdb_id_code 
_struct_ref_seq_dif.mon_id 
_struct_ref_seq_dif.pdbx_pdb_strand_id 
_struct_ref_seq_dif.seq_num 
_struct_ref_seq_dif.pdbx_pdb_ins_code 
_struct_ref_seq_dif.pdbx_seq_db_name 
_struct_ref_seq_dif.pdbx_seq_db_accession_code 
_struct_ref_seq_dif.db_mon_id 
_struct_ref_seq_dif.pdbx_seq_db_seq_num 
_struct_ref_seq_dif.details 
_struct_ref_seq_dif.pdbx_auth_seq_num 
_struct_ref_seq_dif.pdbx_ordinal 
1 3FEP TRP A 59  ? UNP P29373 ARG 60  'engineered mutation' 59  1 
1 3FEP LEU A 111 ? UNP P29373 ARG 112 'engineered mutation' 111 2 
1 3FEP GLU A 121 ? UNP P29373 LEU 122 'engineered mutation' 121 3 
1 3FEP LYS A 132 ? UNP P29373 ARG 133 'engineered mutation' 132 4 
# 
_pdbx_struct_assembly.id                   1 
_pdbx_struct_assembly.details              author_and_software_defined_assembly 
_pdbx_struct_assembly.method_details       PISA 
_pdbx_struct_assembly.oligomeric_details   monomeric 
_pdbx_struct_assembly.oligomeric_count     1 
# 
_pdbx_struct_assembly_gen.assembly_id       1 
_pdbx_struct_assembly_gen.oper_expression   1 
_pdbx_struct_assembly_gen.asym_id_list      A,B,C,D 
# 
_pdbx_struct_oper_list.id                   1 
_pdbx_struct_oper_list.type                 'identity operation' 
_pdbx_struct_oper_list.name                 1_555 
_pdbx_struct_oper_list.symmetry_operation   x,y,z 
_pdbx_struct_oper_list.matrix[1][1]         1.0000000000 
_pdbx_struct_oper_list.matrix[1][2]         0.0000000000 
_pdbx_struct_oper_list.matrix[1][3]         0.0000000000 
_pdbx_struct_oper_list.vector[1]            0.0000000000 
_pdbx_struct_oper_list.matrix[2][1]         0.0000000000 
_pdbx_struct_oper_list.matrix[2][2]         1.0000000000 
_pdbx_struct_oper_list.matrix[2][3]         0.0000000000 
_pdbx_struct_oper_list.vector[2]            0.0000000000 
_pdbx_struct_oper_list.matrix[3][1]         0.0000000000 
_pdbx_struct_oper_list.matrix[3][2]         0.0000000000 
_pdbx_struct_oper_list.matrix[3][3]         1.0000000000 
_pdbx_struct_oper_list.vector[3]            0.0000000000 
# 
loop_
_struct_conf.conf_type_id 
_struct_conf.id 
_struct_conf.pdbx_PDB_helix_id 
_struct_conf.beg_label_comp_id 
_struct_conf.beg_label_asym_id 
_struct_conf.beg_label_seq_id 
_struct_conf.pdbx_beg_PDB_ins_code 
_struct_conf.end_label_comp_id 
_struct_conf.end_label_asym_id 
_struct_conf.end_label_seq_id 
_struct_conf.pdbx_end_PDB_ins_code 
_struct_conf.beg_auth_comp_id 
_struct_conf.beg_auth_asym_id 
_struct_conf.beg_auth_seq_id 
_struct_conf.end_auth_comp_id 
_struct_conf.end_auth_asym_id 
_struct_conf.end_auth_seq_id 
_struct_conf.pdbx_PDB_helix_class 
_struct_conf.details 
_struct_conf.pdbx_PDB_helix_length 
HELX_P HELX_P1 1 ASN A 14 ? GLY A 23 ? ASN A 14 GLY A 23 1 ? 10 
HELX_P HELX_P2 2 ASN A 25 ? VAL A 33 ? ASN A 25 VAL A 33 1 ? 9  
# 
_struct_conf_type.id          HELX_P 
_struct_conf_type.criteria    ? 
_struct_conf_type.reference   ? 
# 
_struct_conn.id                            covale1 
_struct_conn.conn_type_id                  covale 
_struct_conn.pdbx_leaving_atom_flag        one 
_struct_conn.pdbx_PDB_id                   ? 
_struct_conn.ptnr1_label_asym_id           A 
_struct_conn.ptnr1_label_comp_id           LYS 
_struct_conn.ptnr1_label_seq_id            132 
_struct_conn.ptnr1_label_atom_id           NZ 
_struct_conn.pdbx_ptnr1_label_alt_id       ? 
_struct_conn.pdbx_ptnr1_PDB_ins_code       ? 
_struct_conn.pdbx_ptnr1_standard_comp_id   ? 
_struct_conn.ptnr1_symmetry                1_555 
_struct_conn.ptnr2_label_asym_id           B 
_struct_conn.ptnr2_label_comp_id           LMC 
_struct_conn.ptnr2_label_seq_id            . 
_struct_conn.ptnr2_label_atom_id           C18 
_struct_conn.pdbx_ptnr2_label_alt_id       ? 
_struct_conn.pdbx_ptnr2_PDB_ins_code       ? 
_struct_conn.ptnr1_auth_asym_id            A 
_struct_conn.ptnr1_auth_comp_id            LYS 
_struct_conn.ptnr1_auth_seq_id             132 
_struct_conn.ptnr2_auth_asym_id            A 
_struct_conn.ptnr2_auth_comp_id            LMC 
_struct_conn.ptnr2_auth_seq_id             139 
_struct_conn.ptnr2_symmetry                1_555 
_struct_conn.pdbx_ptnr3_label_atom_id      ? 
_struct_conn.pdbx_ptnr3_label_seq_id       ? 
_struct_conn.pdbx_ptnr3_label_comp_id      ? 
_struct_conn.pdbx_ptnr3_label_asym_id      ? 
_struct_conn.pdbx_ptnr3_label_alt_id       ? 
_struct_conn.pdbx_ptnr3_PDB_ins_code       ? 
_struct_conn.details                       ? 
_struct_conn.pdbx_dist_value               1.257 
_struct_conn.pdbx_value_order              ? 
_struct_conn.pdbx_role                     ? 
# 
_struct_conn_type.id          covale 
_struct_conn_type.criteria    ? 
_struct_conn_type.reference   ? 
# 
_pdbx_modification_feature.ordinal                            1 
_pdbx_modification_feature.label_comp_id                      LMC 
_pdbx_modification_feature.label_asym_id                      B 
_pdbx_modification_feature.label_seq_id                       . 
_pdbx_modification_feature.label_alt_id                       ? 
_pdbx_modification_feature.modified_residue_label_comp_id     LYS 
_pdbx_modification_feature.modified_residue_label_asym_id     A 
_pdbx_modification_feature.modified_residue_label_seq_id      132 
_pdbx_modification_feature.modified_residue_label_alt_id      ? 
_pdbx_modification_feature.auth_comp_id                       LMC 
_pdbx_modification_feature.auth_asym_id                       A 
_pdbx_modification_feature.auth_seq_id                        139 
_pdbx_modification_feature.PDB_ins_code                       ? 
_pdbx_modification_feature.symmetry                           1_555 
_pdbx_modification_feature.modified_residue_auth_comp_id      LYS 
_pdbx_modification_feature.modified_residue_auth_asym_id      A 
_pdbx_modification_feature.modified_residue_auth_seq_id       132 
_pdbx_modification_feature.modified_residue_PDB_ins_code      ? 
_pdbx_modification_feature.modified_residue_symmetry          1_555 
_pdbx_modification_feature.comp_id_linking_atom               C18 
_pdbx_modification_feature.modified_residue_id_linking_atom   NZ 
_pdbx_modification_feature.modified_residue_id                LYS 
_pdbx_modification_feature.ref_pcm_id                         1 
_pdbx_modification_feature.ref_comp_id                        LMC 
_pdbx_modification_feature.type                               None 
_pdbx_modification_feature.category                           'Covalent chemical modification' 
# 
_struct_sheet.id               A 
_struct_sheet.type             ? 
_struct_sheet.number_strands   10 
_struct_sheet.details          ? 
# 
loop_
_struct_sheet_order.sheet_id 
_struct_sheet_order.range_id_1 
_struct_sheet_order.range_id_2 
_struct_sheet_order.offset 
_struct_sheet_order.sense 
A 1 2  ? anti-parallel 
A 2 3  ? anti-parallel 
A 3 4  ? anti-parallel 
A 4 5  ? anti-parallel 
A 5 6  ? anti-parallel 
A 6 7  ? anti-parallel 
A 7 8  ? anti-parallel 
A 8 9  ? anti-parallel 
A 9 10 ? anti-parallel 
# 
loop_
_struct_sheet_range.sheet_id 
_struct_sheet_range.id 
_struct_sheet_range.beg_label_comp_id 
_struct_sheet_range.beg_label_asym_id 
_struct_sheet_range.beg_label_seq_id 
_struct_sheet_range.pdbx_beg_PDB_ins_code 
_struct_sheet_range.end_label_comp_id 
_struct_sheet_range.end_label_asym_id 
_struct_sheet_range.end_label_seq_id 
_struct_sheet_range.pdbx_end_PDB_ins_code 
_struct_sheet_range.beg_auth_comp_id 
_struct_sheet_range.beg_auth_asym_id 
_struct_sheet_range.beg_auth_seq_id 
_struct_sheet_range.end_auth_comp_id 
_struct_sheet_range.end_auth_asym_id 
_struct_sheet_range.end_auth_seq_id 
A 1  THR A 60  ? LYS A 66  ? THR A 60  LYS A 66  
A 2  THR A 49  ? SER A 55  ? THR A 49  SER A 55  
A 3  ALA A 40  ? GLU A 46  ? ALA A 40  GLU A 46  
A 4  GLY A 5   ? GLU A 13  ? GLY A 5   GLU A 13  
A 5  VAL A 128 ? ARG A 136 ? VAL A 128 ARG A 136 
A 6  LEU A 119 ? ALA A 125 ? LEU A 119 ALA A 125 
A 7  THR A 107 ? LEU A 113 ? THR A 107 LEU A 113 
A 8  LYS A 92  ? LEU A 99  ? LYS A 92  LEU A 99  
A 9  PRO A 80  ? TRP A 87  ? PRO A 80  TRP A 87  
A 10 PHE A 71  ? GLN A 74  ? PHE A 71  GLN A 74  
# 
loop_
_pdbx_struct_sheet_hbond.sheet_id 
_pdbx_struct_sheet_hbond.range_id_1 
_pdbx_struct_sheet_hbond.range_id_2 
_pdbx_struct_sheet_hbond.range_1_label_atom_id 
_pdbx_struct_sheet_hbond.range_1_label_comp_id 
_pdbx_struct_sheet_hbond.range_1_label_asym_id 
_pdbx_struct_sheet_hbond.range_1_label_seq_id 
_pdbx_struct_sheet_hbond.range_1_PDB_ins_code 
_pdbx_struct_sheet_hbond.range_1_auth_atom_id 
_pdbx_struct_sheet_hbond.range_1_auth_comp_id 
_pdbx_struct_sheet_hbond.range_1_auth_asym_id 
_pdbx_struct_sheet_hbond.range_1_auth_seq_id 
_pdbx_struct_sheet_hbond.range_2_label_atom_id 
_pdbx_struct_sheet_hbond.range_2_label_comp_id 
_pdbx_struct_sheet_hbond.range_2_label_asym_id 
_pdbx_struct_sheet_hbond.range_2_label_seq_id 
_pdbx_struct_sheet_hbond.range_2_PDB_ins_code 
_pdbx_struct_sheet_hbond.range_2_auth_atom_id 
_pdbx_struct_sheet_hbond.range_2_auth_comp_id 
_pdbx_struct_sheet_hbond.range_2_auth_asym_id 
_pdbx_struct_sheet_hbond.range_2_auth_seq_id 
A 1 2  O PHE A 65  ? O PHE A 65  N PHE A 50  ? N PHE A 50  
A 2 3  O TYR A 51  ? O TYR A 51  N LYS A 44  ? N LYS A 44  
A 3 4  O VAL A 41  ? O VAL A 41  N TRP A 7   ? N TRP A 7   
A 4 5  N LYS A 8   ? N LYS A 8   O VAL A 135 ? O VAL A 135 
A 5 6  O CYS A 130 ? O CYS A 130 N MET A 123 ? N MET A 123 
A 6 7  O ILE A 120 ? O ILE A 120 N GLU A 112 ? N GLU A 112 
A 7 8  O TRP A 109 ? O TRP A 109 N CYS A 95  ? N CYS A 95  
A 8 9  O LYS A 98  ? O LYS A 98  N LYS A 82  ? N LYS A 82  
A 9 10 O SER A 83  ? O SER A 83  N PHE A 71  ? N PHE A 71  
# 
loop_
_struct_site.id 
_struct_site.pdbx_evidence_code 
_struct_site.pdbx_auth_asym_id 
_struct_site.pdbx_auth_comp_id 
_struct_site.pdbx_auth_seq_id 
_struct_site.pdbx_auth_ins_code 
_struct_site.pdbx_num_residues 
_struct_site.details 
AC1 Software A LMC 139 ? 8 'BINDING SITE FOR RESIDUE LMC A 139' 
AC2 Software A MES 138 ? 9 'BINDING SITE FOR RESIDUE MES A 138' 
# 
loop_
_struct_site_gen.id 
_struct_site_gen.site_id 
_struct_site_gen.pdbx_num_res 
_struct_site_gen.label_comp_id 
_struct_site_gen.label_asym_id 
_struct_site_gen.label_seq_id 
_struct_site_gen.pdbx_auth_ins_code 
_struct_site_gen.auth_comp_id 
_struct_site_gen.auth_asym_id 
_struct_site_gen.auth_seq_id 
_struct_site_gen.label_atom_id 
_struct_site_gen.label_alt_id 
_struct_site_gen.symmetry 
_struct_site_gen.details 
1  AC1 8 PHE A 15  ? PHE A 15  . ? 1_555 ? 
2  AC1 8 MET A 27  ? MET A 27  . ? 1_555 ? 
3  AC1 8 ALA A 32  ? ALA A 32  . ? 1_555 ? 
4  AC1 8 SER A 37  ? SER A 37  . ? 1_555 ? 
5  AC1 8 PRO A 39  ? PRO A 39  . ? 1_555 ? 
6  AC1 8 THR A 56  ? THR A 56  . ? 1_555 ? 
7  AC1 8 TRP A 59  ? TRP A 59  . ? 1_555 ? 
8  AC1 8 LYS A 132 ? LYS A 132 . ? 1_555 ? 
9  AC2 9 ILE A 52  ? ILE A 52  . ? 1_555 ? 
10 AC2 9 THR A 54  ? THR A 54  . ? 1_555 ? 
11 AC2 9 GLN A 74  ? GLN A 74  . ? 1_555 ? 
12 AC2 9 VAL A 76  ? VAL A 76  . ? 1_555 ? 
13 AC2 9 GLN A 97  ? GLN A 97  . ? 1_555 ? 
14 AC2 9 TRP A 109 ? TRP A 109 . ? 1_555 ? 
15 AC2 9 GLU A 121 ? GLU A 121 . ? 1_555 ? 
16 AC2 9 MET A 123 ? MET A 123 . ? 1_555 ? 
17 AC2 9 HOH D .   ? HOH A 145 . ? 1_555 ? 
# 
_pdbx_entry_details.entry_id                   3FEP 
_pdbx_entry_details.compound_details           ? 
_pdbx_entry_details.source_details             ? 
_pdbx_entry_details.nonpolymer_details         ? 
_pdbx_entry_details.sequence_details           ? 
_pdbx_entry_details.has_ligand_of_interest     ? 
_pdbx_entry_details.has_protein_modification   Y 
# 
loop_
_pdbx_validate_torsion.id 
_pdbx_validate_torsion.PDB_model_num 
_pdbx_validate_torsion.auth_comp_id 
_pdbx_validate_torsion.auth_asym_id 
_pdbx_validate_torsion.auth_seq_id 
_pdbx_validate_torsion.PDB_ins_code 
_pdbx_validate_torsion.label_alt_id 
_pdbx_validate_torsion.phi 
_pdbx_validate_torsion.psi 
1  1 ASN A 2   ? ? -49.82  96.64   
2  1 SER A 4   ? ? -49.63  157.65  
3  1 ARG A 11  ? ? -175.75 149.45  
4  1 SER A 12  ? ? -166.12 114.10  
5  1 THR A 56  ? ? -103.76 -152.15 
6  1 GLU A 73  ? ? -176.10 -173.00 
7  1 THR A 75  ? ? -66.05  -171.34 
8  1 SER A 89  ? ? -138.74 -156.86 
9  1 ASP A 116 ? ? -79.95  26.64   
10 1 ASP A 126 ? ? 50.29   -122.10 
# 
loop_
_chem_comp_atom.comp_id 
_chem_comp_atom.atom_id 
_chem_comp_atom.type_symbol 
_chem_comp_atom.pdbx_aromatic_flag 
_chem_comp_atom.pdbx_stereo_config 
_chem_comp_atom.pdbx_ordinal 
ALA N    N N N 1   
ALA CA   C N S 2   
ALA C    C N N 3   
ALA O    O N N 4   
ALA CB   C N N 5   
ALA OXT  O N N 6   
ALA H    H N N 7   
ALA H2   H N N 8   
ALA HA   H N N 9   
ALA HB1  H N N 10  
ALA HB2  H N N 11  
ALA HB3  H N N 12  
ALA HXT  H N N 13  
ARG N    N N N 14  
ARG CA   C N S 15  
ARG C    C N N 16  
ARG O    O N N 17  
ARG CB   C N N 18  
ARG CG   C N N 19  
ARG CD   C N N 20  
ARG NE   N N N 21  
ARG CZ   C N N 22  
ARG NH1  N N N 23  
ARG NH2  N N N 24  
ARG OXT  O N N 25  
ARG H    H N N 26  
ARG H2   H N N 27  
ARG HA   H N N 28  
ARG HB2  H N N 29  
ARG HB3  H N N 30  
ARG HG2  H N N 31  
ARG HG3  H N N 32  
ARG HD2  H N N 33  
ARG HD3  H N N 34  
ARG HE   H N N 35  
ARG HH11 H N N 36  
ARG HH12 H N N 37  
ARG HH21 H N N 38  
ARG HH22 H N N 39  
ARG HXT  H N N 40  
ASN N    N N N 41  
ASN CA   C N S 42  
ASN C    C N N 43  
ASN O    O N N 44  
ASN CB   C N N 45  
ASN CG   C N N 46  
ASN OD1  O N N 47  
ASN ND2  N N N 48  
ASN OXT  O N N 49  
ASN H    H N N 50  
ASN H2   H N N 51  
ASN HA   H N N 52  
ASN HB2  H N N 53  
ASN HB3  H N N 54  
ASN HD21 H N N 55  
ASN HD22 H N N 56  
ASN HXT  H N N 57  
ASP N    N N N 58  
ASP CA   C N S 59  
ASP C    C N N 60  
ASP O    O N N 61  
ASP CB   C N N 62  
ASP CG   C N N 63  
ASP OD1  O N N 64  
ASP OD2  O N N 65  
ASP OXT  O N N 66  
ASP H    H N N 67  
ASP H2   H N N 68  
ASP HA   H N N 69  
ASP HB2  H N N 70  
ASP HB3  H N N 71  
ASP HD2  H N N 72  
ASP HXT  H N N 73  
CYS N    N N N 74  
CYS CA   C N R 75  
CYS C    C N N 76  
CYS O    O N N 77  
CYS CB   C N N 78  
CYS SG   S N N 79  
CYS OXT  O N N 80  
CYS H    H N N 81  
CYS H2   H N N 82  
CYS HA   H N N 83  
CYS HB2  H N N 84  
CYS HB3  H N N 85  
CYS HG   H N N 86  
CYS HXT  H N N 87  
GLN N    N N N 88  
GLN CA   C N S 89  
GLN C    C N N 90  
GLN O    O N N 91  
GLN CB   C N N 92  
GLN CG   C N N 93  
GLN CD   C N N 94  
GLN OE1  O N N 95  
GLN NE2  N N N 96  
GLN OXT  O N N 97  
GLN H    H N N 98  
GLN H2   H N N 99  
GLN HA   H N N 100 
GLN HB2  H N N 101 
GLN HB3  H N N 102 
GLN HG2  H N N 103 
GLN HG3  H N N 104 
GLN HE21 H N N 105 
GLN HE22 H N N 106 
GLN HXT  H N N 107 
GLU N    N N N 108 
GLU CA   C N S 109 
GLU C    C N N 110 
GLU O    O N N 111 
GLU CB   C N N 112 
GLU CG   C N N 113 
GLU CD   C N N 114 
GLU OE1  O N N 115 
GLU OE2  O N N 116 
GLU OXT  O N N 117 
GLU H    H N N 118 
GLU H2   H N N 119 
GLU HA   H N N 120 
GLU HB2  H N N 121 
GLU HB3  H N N 122 
GLU HG2  H N N 123 
GLU HG3  H N N 124 
GLU HE2  H N N 125 
GLU HXT  H N N 126 
GLY N    N N N 127 
GLY CA   C N N 128 
GLY C    C N N 129 
GLY O    O N N 130 
GLY OXT  O N N 131 
GLY H    H N N 132 
GLY H2   H N N 133 
GLY HA2  H N N 134 
GLY HA3  H N N 135 
GLY HXT  H N N 136 
HOH O    O N N 137 
HOH H1   H N N 138 
HOH H2   H N N 139 
ILE N    N N N 140 
ILE CA   C N S 141 
ILE C    C N N 142 
ILE O    O N N 143 
ILE CB   C N S 144 
ILE CG1  C N N 145 
ILE CG2  C N N 146 
ILE CD1  C N N 147 
ILE OXT  O N N 148 
ILE H    H N N 149 
ILE H2   H N N 150 
ILE HA   H N N 151 
ILE HB   H N N 152 
ILE HG12 H N N 153 
ILE HG13 H N N 154 
ILE HG21 H N N 155 
ILE HG22 H N N 156 
ILE HG23 H N N 157 
ILE HD11 H N N 158 
ILE HD12 H N N 159 
ILE HD13 H N N 160 
ILE HXT  H N N 161 
LEU N    N N N 162 
LEU CA   C N S 163 
LEU C    C N N 164 
LEU O    O N N 165 
LEU CB   C N N 166 
LEU CG   C N N 167 
LEU CD1  C N N 168 
LEU CD2  C N N 169 
LEU OXT  O N N 170 
LEU H    H N N 171 
LEU H2   H N N 172 
LEU HA   H N N 173 
LEU HB2  H N N 174 
LEU HB3  H N N 175 
LEU HG   H N N 176 
LEU HD11 H N N 177 
LEU HD12 H N N 178 
LEU HD13 H N N 179 
LEU HD21 H N N 180 
LEU HD22 H N N 181 
LEU HD23 H N N 182 
LEU HXT  H N N 183 
LMC C18  C N N 184 
LMC C17  C N N 185 
LMC C16  C N N 186 
LMC C20  C N N 187 
LMC C15  C N N 188 
LMC C14  C N N 189 
LMC C13  C N N 190 
LMC C8   C N N 191 
LMC C7   C N N 192 
LMC C11  C N N 193 
LMC C10  C N N 194 
LMC C2   C Y N 195 
LMC C3   C Y N 196 
LMC N9   N N N 197 
LMC C12  C N N 198 
LMC C1   C Y N 199 
LMC C6   C Y N 200 
LMC C5   C Y N 201 
LMC C4   C Y N 202 
LMC O1   O N N 203 
LMC H18  H N N 204 
LMC H17  H N N 205 
LMC H20  H N N 206 
LMC H20A H N N 207 
LMC H15  H N N 208 
LMC H14  H N N 209 
LMC H13  H N N 210 
LMC H11  H N N 211 
LMC H11A H N N 212 
LMC H11B H N N 213 
LMC H10  H N N 214 
LMC H10A H N N 215 
LMC H10B H N N 216 
LMC H12  H N N 217 
LMC H12A H N N 218 
LMC H12B H N N 219 
LMC H1   H N N 220 
LMC H6   H N N 221 
LMC H5   H N N 222 
LMC H4   H N N 223 
LMC H21  H N N 224 
LYS N    N N N 225 
LYS CA   C N S 226 
LYS C    C N N 227 
LYS O    O N N 228 
LYS CB   C N N 229 
LYS CG   C N N 230 
LYS CD   C N N 231 
LYS CE   C N N 232 
LYS NZ   N N N 233 
LYS OXT  O N N 234 
LYS H    H N N 235 
LYS H2   H N N 236 
LYS HA   H N N 237 
LYS HB2  H N N 238 
LYS HB3  H N N 239 
LYS HG2  H N N 240 
LYS HG3  H N N 241 
LYS HD2  H N N 242 
LYS HD3  H N N 243 
LYS HE2  H N N 244 
LYS HE3  H N N 245 
LYS HZ1  H N N 246 
LYS HZ2  H N N 247 
LYS HZ3  H N N 248 
LYS HXT  H N N 249 
MES O1   O N N 250 
MES C2   C N N 251 
MES C3   C N N 252 
MES N4   N N N 253 
MES C5   C N N 254 
MES C6   C N N 255 
MES C7   C N N 256 
MES C8   C N N 257 
MES S    S N N 258 
MES O1S  O N N 259 
MES O2S  O N N 260 
MES O3S  O N N 261 
MES H21  H N N 262 
MES H22  H N N 263 
MES H31  H N N 264 
MES H32  H N N 265 
MES HN4  H N N 266 
MES H51  H N N 267 
MES H52  H N N 268 
MES H61  H N N 269 
MES H62  H N N 270 
MES H71  H N N 271 
MES H72  H N N 272 
MES H81  H N N 273 
MES H82  H N N 274 
MET N    N N N 275 
MET CA   C N S 276 
MET C    C N N 277 
MET O    O N N 278 
MET CB   C N N 279 
MET CG   C N N 280 
MET SD   S N N 281 
MET CE   C N N 282 
MET OXT  O N N 283 
MET H    H N N 284 
MET H2   H N N 285 
MET HA   H N N 286 
MET HB2  H N N 287 
MET HB3  H N N 288 
MET HG2  H N N 289 
MET HG3  H N N 290 
MET HE1  H N N 291 
MET HE2  H N N 292 
MET HE3  H N N 293 
MET HXT  H N N 294 
PHE N    N N N 295 
PHE CA   C N S 296 
PHE C    C N N 297 
PHE O    O N N 298 
PHE CB   C N N 299 
PHE CG   C Y N 300 
PHE CD1  C Y N 301 
PHE CD2  C Y N 302 
PHE CE1  C Y N 303 
PHE CE2  C Y N 304 
PHE CZ   C Y N 305 
PHE OXT  O N N 306 
PHE H    H N N 307 
PHE H2   H N N 308 
PHE HA   H N N 309 
PHE HB2  H N N 310 
PHE HB3  H N N 311 
PHE HD1  H N N 312 
PHE HD2  H N N 313 
PHE HE1  H N N 314 
PHE HE2  H N N 315 
PHE HZ   H N N 316 
PHE HXT  H N N 317 
PRO N    N N N 318 
PRO CA   C N S 319 
PRO C    C N N 320 
PRO O    O N N 321 
PRO CB   C N N 322 
PRO CG   C N N 323 
PRO CD   C N N 324 
PRO OXT  O N N 325 
PRO H    H N N 326 
PRO HA   H N N 327 
PRO HB2  H N N 328 
PRO HB3  H N N 329 
PRO HG2  H N N 330 
PRO HG3  H N N 331 
PRO HD2  H N N 332 
PRO HD3  H N N 333 
PRO HXT  H N N 334 
SER N    N N N 335 
SER CA   C N S 336 
SER C    C N N 337 
SER O    O N N 338 
SER CB   C N N 339 
SER OG   O N N 340 
SER OXT  O N N 341 
SER H    H N N 342 
SER H2   H N N 343 
SER HA   H N N 344 
SER HB2  H N N 345 
SER HB3  H N N 346 
SER HG   H N N 347 
SER HXT  H N N 348 
THR N    N N N 349 
THR CA   C N S 350 
THR C    C N N 351 
THR O    O N N 352 
THR CB   C N R 353 
THR OG1  O N N 354 
THR CG2  C N N 355 
THR OXT  O N N 356 
THR H    H N N 357 
THR H2   H N N 358 
THR HA   H N N 359 
THR HB   H N N 360 
THR HG1  H N N 361 
THR HG21 H N N 362 
THR HG22 H N N 363 
THR HG23 H N N 364 
THR HXT  H N N 365 
TRP N    N N N 366 
TRP CA   C N S 367 
TRP C    C N N 368 
TRP O    O N N 369 
TRP CB   C N N 370 
TRP CG   C Y N 371 
TRP CD1  C Y N 372 
TRP CD2  C Y N 373 
TRP NE1  N Y N 374 
TRP CE2  C Y N 375 
TRP CE3  C Y N 376 
TRP CZ2  C Y N 377 
TRP CZ3  C Y N 378 
TRP CH2  C Y N 379 
TRP OXT  O N N 380 
TRP H    H N N 381 
TRP H2   H N N 382 
TRP HA   H N N 383 
TRP HB2  H N N 384 
TRP HB3  H N N 385 
TRP HD1  H N N 386 
TRP HE1  H N N 387 
TRP HE3  H N N 388 
TRP HZ2  H N N 389 
TRP HZ3  H N N 390 
TRP HH2  H N N 391 
TRP HXT  H N N 392 
TYR N    N N N 393 
TYR CA   C N S 394 
TYR C    C N N 395 
TYR O    O N N 396 
TYR CB   C N N 397 
TYR CG   C Y N 398 
TYR CD1  C Y N 399 
TYR CD2  C Y N 400 
TYR CE1  C Y N 401 
TYR CE2  C Y N 402 
TYR CZ   C Y N 403 
TYR OH   O N N 404 
TYR OXT  O N N 405 
TYR H    H N N 406 
TYR H2   H N N 407 
TYR HA   H N N 408 
TYR HB2  H N N 409 
TYR HB3  H N N 410 
TYR HD1  H N N 411 
TYR HD2  H N N 412 
TYR HE1  H N N 413 
TYR HE2  H N N 414 
TYR HH   H N N 415 
TYR HXT  H N N 416 
VAL N    N N N 417 
VAL CA   C N S 418 
VAL C    C N N 419 
VAL O    O N N 420 
VAL CB   C N N 421 
VAL CG1  C N N 422 
VAL CG2  C N N 423 
VAL OXT  O N N 424 
VAL H    H N N 425 
VAL H2   H N N 426 
VAL HA   H N N 427 
VAL HB   H N N 428 
VAL HG11 H N N 429 
VAL HG12 H N N 430 
VAL HG13 H N N 431 
VAL HG21 H N N 432 
VAL HG22 H N N 433 
VAL HG23 H N N 434 
VAL HXT  H N N 435 
# 
loop_
_chem_comp_bond.comp_id 
_chem_comp_bond.atom_id_1 
_chem_comp_bond.atom_id_2 
_chem_comp_bond.value_order 
_chem_comp_bond.pdbx_aromatic_flag 
_chem_comp_bond.pdbx_stereo_config 
_chem_comp_bond.pdbx_ordinal 
ALA N   CA   sing N N 1   
ALA N   H    sing N N 2   
ALA N   H2   sing N N 3   
ALA CA  C    sing N N 4   
ALA CA  CB   sing N N 5   
ALA CA  HA   sing N N 6   
ALA C   O    doub N N 7   
ALA C   OXT  sing N N 8   
ALA CB  HB1  sing N N 9   
ALA CB  HB2  sing N N 10  
ALA CB  HB3  sing N N 11  
ALA OXT HXT  sing N N 12  
ARG N   CA   sing N N 13  
ARG N   H    sing N N 14  
ARG N   H2   sing N N 15  
ARG CA  C    sing N N 16  
ARG CA  CB   sing N N 17  
ARG CA  HA   sing N N 18  
ARG C   O    doub N N 19  
ARG C   OXT  sing N N 20  
ARG CB  CG   sing N N 21  
ARG CB  HB2  sing N N 22  
ARG CB  HB3  sing N N 23  
ARG CG  CD   sing N N 24  
ARG CG  HG2  sing N N 25  
ARG CG  HG3  sing N N 26  
ARG CD  NE   sing N N 27  
ARG CD  HD2  sing N N 28  
ARG CD  HD3  sing N N 29  
ARG NE  CZ   sing N N 30  
ARG NE  HE   sing N N 31  
ARG CZ  NH1  sing N N 32  
ARG CZ  NH2  doub N N 33  
ARG NH1 HH11 sing N N 34  
ARG NH1 HH12 sing N N 35  
ARG NH2 HH21 sing N N 36  
ARG NH2 HH22 sing N N 37  
ARG OXT HXT  sing N N 38  
ASN N   CA   sing N N 39  
ASN N   H    sing N N 40  
ASN N   H2   sing N N 41  
ASN CA  C    sing N N 42  
ASN CA  CB   sing N N 43  
ASN CA  HA   sing N N 44  
ASN C   O    doub N N 45  
ASN C   OXT  sing N N 46  
ASN CB  CG   sing N N 47  
ASN CB  HB2  sing N N 48  
ASN CB  HB3  sing N N 49  
ASN CG  OD1  doub N N 50  
ASN CG  ND2  sing N N 51  
ASN ND2 HD21 sing N N 52  
ASN ND2 HD22 sing N N 53  
ASN OXT HXT  sing N N 54  
ASP N   CA   sing N N 55  
ASP N   H    sing N N 56  
ASP N   H2   sing N N 57  
ASP CA  C    sing N N 58  
ASP CA  CB   sing N N 59  
ASP CA  HA   sing N N 60  
ASP C   O    doub N N 61  
ASP C   OXT  sing N N 62  
ASP CB  CG   sing N N 63  
ASP CB  HB2  sing N N 64  
ASP CB  HB3  sing N N 65  
ASP CG  OD1  doub N N 66  
ASP CG  OD2  sing N N 67  
ASP OD2 HD2  sing N N 68  
ASP OXT HXT  sing N N 69  
CYS N   CA   sing N N 70  
CYS N   H    sing N N 71  
CYS N   H2   sing N N 72  
CYS CA  C    sing N N 73  
CYS CA  CB   sing N N 74  
CYS CA  HA   sing N N 75  
CYS C   O    doub N N 76  
CYS C   OXT  sing N N 77  
CYS CB  SG   sing N N 78  
CYS CB  HB2  sing N N 79  
CYS CB  HB3  sing N N 80  
CYS SG  HG   sing N N 81  
CYS OXT HXT  sing N N 82  
GLN N   CA   sing N N 83  
GLN N   H    sing N N 84  
GLN N   H2   sing N N 85  
GLN CA  C    sing N N 86  
GLN CA  CB   sing N N 87  
GLN CA  HA   sing N N 88  
GLN C   O    doub N N 89  
GLN C   OXT  sing N N 90  
GLN CB  CG   sing N N 91  
GLN CB  HB2  sing N N 92  
GLN CB  HB3  sing N N 93  
GLN CG  CD   sing N N 94  
GLN CG  HG2  sing N N 95  
GLN CG  HG3  sing N N 96  
GLN CD  OE1  doub N N 97  
GLN CD  NE2  sing N N 98  
GLN NE2 HE21 sing N N 99  
GLN NE2 HE22 sing N N 100 
GLN OXT HXT  sing N N 101 
GLU N   CA   sing N N 102 
GLU N   H    sing N N 103 
GLU N   H2   sing N N 104 
GLU CA  C    sing N N 105 
GLU CA  CB   sing N N 106 
GLU CA  HA   sing N N 107 
GLU C   O    doub N N 108 
GLU C   OXT  sing N N 109 
GLU CB  CG   sing N N 110 
GLU CB  HB2  sing N N 111 
GLU CB  HB3  sing N N 112 
GLU CG  CD   sing N N 113 
GLU CG  HG2  sing N N 114 
GLU CG  HG3  sing N N 115 
GLU CD  OE1  doub N N 116 
GLU CD  OE2  sing N N 117 
GLU OE2 HE2  sing N N 118 
GLU OXT HXT  sing N N 119 
GLY N   CA   sing N N 120 
GLY N   H    sing N N 121 
GLY N   H2   sing N N 122 
GLY CA  C    sing N N 123 
GLY CA  HA2  sing N N 124 
GLY CA  HA3  sing N N 125 
GLY C   O    doub N N 126 
GLY C   OXT  sing N N 127 
GLY OXT HXT  sing N N 128 
HOH O   H1   sing N N 129 
HOH O   H2   sing N N 130 
ILE N   CA   sing N N 131 
ILE N   H    sing N N 132 
ILE N   H2   sing N N 133 
ILE CA  C    sing N N 134 
ILE CA  CB   sing N N 135 
ILE CA  HA   sing N N 136 
ILE C   O    doub N N 137 
ILE C   OXT  sing N N 138 
ILE CB  CG1  sing N N 139 
ILE CB  CG2  sing N N 140 
ILE CB  HB   sing N N 141 
ILE CG1 CD1  sing N N 142 
ILE CG1 HG12 sing N N 143 
ILE CG1 HG13 sing N N 144 
ILE CG2 HG21 sing N N 145 
ILE CG2 HG22 sing N N 146 
ILE CG2 HG23 sing N N 147 
ILE CD1 HD11 sing N N 148 
ILE CD1 HD12 sing N N 149 
ILE CD1 HD13 sing N N 150 
ILE OXT HXT  sing N N 151 
LEU N   CA   sing N N 152 
LEU N   H    sing N N 153 
LEU N   H2   sing N N 154 
LEU CA  C    sing N N 155 
LEU CA  CB   sing N N 156 
LEU CA  HA   sing N N 157 
LEU C   O    doub N N 158 
LEU C   OXT  sing N N 159 
LEU CB  CG   sing N N 160 
LEU CB  HB2  sing N N 161 
LEU CB  HB3  sing N N 162 
LEU CG  CD1  sing N N 163 
LEU CG  CD2  sing N N 164 
LEU CG  HG   sing N N 165 
LEU CD1 HD11 sing N N 166 
LEU CD1 HD12 sing N N 167 
LEU CD1 HD13 sing N N 168 
LEU CD2 HD21 sing N N 169 
LEU CD2 HD22 sing N N 170 
LEU CD2 HD23 sing N N 171 
LEU OXT HXT  sing N N 172 
LMC C18 C17  sing N N 173 
LMC C18 O1   doub N N 174 
LMC C18 H18  sing N N 175 
LMC C17 H17  sing N N 176 
LMC C16 C17  doub N E 177 
LMC C16 C15  sing N N 178 
LMC C20 C16  sing N N 179 
LMC C20 H20  sing N N 180 
LMC C20 H20A sing N N 181 
LMC C15 H15  sing N N 182 
LMC C14 C15  doub N N 183 
LMC C14 C13  sing N E 184 
LMC C14 H14  sing N N 185 
LMC C13 H13  sing N N 186 
LMC C8  C13  doub N N 187 
LMC C8  N9   sing N E 188 
LMC C7  C8   sing N N 189 
LMC C7  C2   sing N N 190 
LMC C11 C7   sing N N 191 
LMC C11 H11  sing N N 192 
LMC C11 H11A sing N N 193 
LMC C11 H11B sing N N 194 
LMC C10 C7   sing N N 195 
LMC C10 H10  sing N N 196 
LMC C10 H10A sing N N 197 
LMC C10 H10B sing N N 198 
LMC C2  C3   sing Y N 199 
LMC C3  C4   doub Y N 200 
LMC C3  N9   sing N N 201 
LMC N9  C12  sing N N 202 
LMC C12 H12  sing N N 203 
LMC C12 H12A sing N N 204 
LMC C12 H12B sing N N 205 
LMC C1  C2   doub Y N 206 
LMC C1  C6   sing Y N 207 
LMC C1  H1   sing N N 208 
LMC C6  C5   doub Y N 209 
LMC C6  H6   sing N N 210 
LMC C5  C4   sing Y N 211 
LMC C5  H5   sing N N 212 
LMC C4  H4   sing N N 213 
LMC C20 H21  sing N N 214 
LYS N   CA   sing N N 215 
LYS N   H    sing N N 216 
LYS N   H2   sing N N 217 
LYS CA  C    sing N N 218 
LYS CA  CB   sing N N 219 
LYS CA  HA   sing N N 220 
LYS C   O    doub N N 221 
LYS C   OXT  sing N N 222 
LYS CB  CG   sing N N 223 
LYS CB  HB2  sing N N 224 
LYS CB  HB3  sing N N 225 
LYS CG  CD   sing N N 226 
LYS CG  HG2  sing N N 227 
LYS CG  HG3  sing N N 228 
LYS CD  CE   sing N N 229 
LYS CD  HD2  sing N N 230 
LYS CD  HD3  sing N N 231 
LYS CE  NZ   sing N N 232 
LYS CE  HE2  sing N N 233 
LYS CE  HE3  sing N N 234 
LYS NZ  HZ1  sing N N 235 
LYS NZ  HZ2  sing N N 236 
LYS NZ  HZ3  sing N N 237 
LYS OXT HXT  sing N N 238 
MES O1  C2   sing N N 239 
MES O1  C6   sing N N 240 
MES C2  C3   sing N N 241 
MES C2  H21  sing N N 242 
MES C2  H22  sing N N 243 
MES C3  N4   sing N N 244 
MES C3  H31  sing N N 245 
MES C3  H32  sing N N 246 
MES N4  C5   sing N N 247 
MES N4  C7   sing N N 248 
MES N4  HN4  sing N N 249 
MES C5  C6   sing N N 250 
MES C5  H51  sing N N 251 
MES C5  H52  sing N N 252 
MES C6  H61  sing N N 253 
MES C6  H62  sing N N 254 
MES C7  C8   sing N N 255 
MES C7  H71  sing N N 256 
MES C7  H72  sing N N 257 
MES C8  S    sing N N 258 
MES C8  H81  sing N N 259 
MES C8  H82  sing N N 260 
MES S   O1S  doub N N 261 
MES S   O2S  doub N N 262 
MES S   O3S  sing N N 263 
MET N   CA   sing N N 264 
MET N   H    sing N N 265 
MET N   H2   sing N N 266 
MET CA  C    sing N N 267 
MET CA  CB   sing N N 268 
MET CA  HA   sing N N 269 
MET C   O    doub N N 270 
MET C   OXT  sing N N 271 
MET CB  CG   sing N N 272 
MET CB  HB2  sing N N 273 
MET CB  HB3  sing N N 274 
MET CG  SD   sing N N 275 
MET CG  HG2  sing N N 276 
MET CG  HG3  sing N N 277 
MET SD  CE   sing N N 278 
MET CE  HE1  sing N N 279 
MET CE  HE2  sing N N 280 
MET CE  HE3  sing N N 281 
MET OXT HXT  sing N N 282 
PHE N   CA   sing N N 283 
PHE N   H    sing N N 284 
PHE N   H2   sing N N 285 
PHE CA  C    sing N N 286 
PHE CA  CB   sing N N 287 
PHE CA  HA   sing N N 288 
PHE C   O    doub N N 289 
PHE C   OXT  sing N N 290 
PHE CB  CG   sing N N 291 
PHE CB  HB2  sing N N 292 
PHE CB  HB3  sing N N 293 
PHE CG  CD1  doub Y N 294 
PHE CG  CD2  sing Y N 295 
PHE CD1 CE1  sing Y N 296 
PHE CD1 HD1  sing N N 297 
PHE CD2 CE2  doub Y N 298 
PHE CD2 HD2  sing N N 299 
PHE CE1 CZ   doub Y N 300 
PHE CE1 HE1  sing N N 301 
PHE CE2 CZ   sing Y N 302 
PHE CE2 HE2  sing N N 303 
PHE CZ  HZ   sing N N 304 
PHE OXT HXT  sing N N 305 
PRO N   CA   sing N N 306 
PRO N   CD   sing N N 307 
PRO N   H    sing N N 308 
PRO CA  C    sing N N 309 
PRO CA  CB   sing N N 310 
PRO CA  HA   sing N N 311 
PRO C   O    doub N N 312 
PRO C   OXT  sing N N 313 
PRO CB  CG   sing N N 314 
PRO CB  HB2  sing N N 315 
PRO CB  HB3  sing N N 316 
PRO CG  CD   sing N N 317 
PRO CG  HG2  sing N N 318 
PRO CG  HG3  sing N N 319 
PRO CD  HD2  sing N N 320 
PRO CD  HD3  sing N N 321 
PRO OXT HXT  sing N N 322 
SER N   CA   sing N N 323 
SER N   H    sing N N 324 
SER N   H2   sing N N 325 
SER CA  C    sing N N 326 
SER CA  CB   sing N N 327 
SER CA  HA   sing N N 328 
SER C   O    doub N N 329 
SER C   OXT  sing N N 330 
SER CB  OG   sing N N 331 
SER CB  HB2  sing N N 332 
SER CB  HB3  sing N N 333 
SER OG  HG   sing N N 334 
SER OXT HXT  sing N N 335 
THR N   CA   sing N N 336 
THR N   H    sing N N 337 
THR N   H2   sing N N 338 
THR CA  C    sing N N 339 
THR CA  CB   sing N N 340 
THR CA  HA   sing N N 341 
THR C   O    doub N N 342 
THR C   OXT  sing N N 343 
THR CB  OG1  sing N N 344 
THR CB  CG2  sing N N 345 
THR CB  HB   sing N N 346 
THR OG1 HG1  sing N N 347 
THR CG2 HG21 sing N N 348 
THR CG2 HG22 sing N N 349 
THR CG2 HG23 sing N N 350 
THR OXT HXT  sing N N 351 
TRP N   CA   sing N N 352 
TRP N   H    sing N N 353 
TRP N   H2   sing N N 354 
TRP CA  C    sing N N 355 
TRP CA  CB   sing N N 356 
TRP CA  HA   sing N N 357 
TRP C   O    doub N N 358 
TRP C   OXT  sing N N 359 
TRP CB  CG   sing N N 360 
TRP CB  HB2  sing N N 361 
TRP CB  HB3  sing N N 362 
TRP CG  CD1  doub Y N 363 
TRP CG  CD2  sing Y N 364 
TRP CD1 NE1  sing Y N 365 
TRP CD1 HD1  sing N N 366 
TRP CD2 CE2  doub Y N 367 
TRP CD2 CE3  sing Y N 368 
TRP NE1 CE2  sing Y N 369 
TRP NE1 HE1  sing N N 370 
TRP CE2 CZ2  sing Y N 371 
TRP CE3 CZ3  doub Y N 372 
TRP CE3 HE3  sing N N 373 
TRP CZ2 CH2  doub Y N 374 
TRP CZ2 HZ2  sing N N 375 
TRP CZ3 CH2  sing Y N 376 
TRP CZ3 HZ3  sing N N 377 
TRP CH2 HH2  sing N N 378 
TRP OXT HXT  sing N N 379 
TYR N   CA   sing N N 380 
TYR N   H    sing N N 381 
TYR N   H2   sing N N 382 
TYR CA  C    sing N N 383 
TYR CA  CB   sing N N 384 
TYR CA  HA   sing N N 385 
TYR C   O    doub N N 386 
TYR C   OXT  sing N N 387 
TYR CB  CG   sing N N 388 
TYR CB  HB2  sing N N 389 
TYR CB  HB3  sing N N 390 
TYR CG  CD1  doub Y N 391 
TYR CG  CD2  sing Y N 392 
TYR CD1 CE1  sing Y N 393 
TYR CD1 HD1  sing N N 394 
TYR CD2 CE2  doub Y N 395 
TYR CD2 HD2  sing N N 396 
TYR CE1 CZ   doub Y N 397 
TYR CE1 HE1  sing N N 398 
TYR CE2 CZ   sing Y N 399 
TYR CE2 HE2  sing N N 400 
TYR CZ  OH   sing N N 401 
TYR OH  HH   sing N N 402 
TYR OXT HXT  sing N N 403 
VAL N   CA   sing N N 404 
VAL N   H    sing N N 405 
VAL N   H2   sing N N 406 
VAL CA  C    sing N N 407 
VAL CA  CB   sing N N 408 
VAL CA  HA   sing N N 409 
VAL C   O    doub N N 410 
VAL C   OXT  sing N N 411 
VAL CB  CG1  sing N N 412 
VAL CB  CG2  sing N N 413 
VAL CB  HB   sing N N 414 
VAL CG1 HG11 sing N N 415 
VAL CG1 HG12 sing N N 416 
VAL CG1 HG13 sing N N 417 
VAL CG2 HG21 sing N N 418 
VAL CG2 HG22 sing N N 419 
VAL CG2 HG23 sing N N 420 
VAL OXT HXT  sing N N 421 
# 
_pdbx_initial_refinement_model.id               1 
_pdbx_initial_refinement_model.entity_id_list   ? 
_pdbx_initial_refinement_model.type             'experimental model' 
_pdbx_initial_refinement_model.source_name      PDB 
_pdbx_initial_refinement_model.accession_code   2G7B 
_pdbx_initial_refinement_model.details          'PDB entry 2G7B' 
# 
_atom_sites.entry_id                    3FEP 
_atom_sites.fract_transf_matrix[1][1]   0.01050122 
_atom_sites.fract_transf_matrix[1][2]   0.00817773 
_atom_sites.fract_transf_matrix[1][3]   0.01584167 
_atom_sites.fract_transf_matrix[2][1]   0.00562975 
_atom_sites.fract_transf_matrix[2][2]   -0.01193170 
_atom_sites.fract_transf_matrix[2][3]   0.01593919 
_atom_sites.fract_transf_matrix[3][1]   0.00796254 
_atom_sites.fract_transf_matrix[3][2]   -0.00194962 
_atom_sites.fract_transf_matrix[3][3]   -0.00427183 
_atom_sites.fract_transf_vector[1]      0.465097 
_atom_sites.fract_transf_vector[2]      -0.266830 
_atom_sites.fract_transf_vector[3]      0.119072 
# 
loop_
_atom_type.symbol 
C 
N 
O 
S 
# 
loop_
_atom_site.group_PDB 
_atom_site.id 
_atom_site.type_symbol 
_atom_site.label_atom_id 
_atom_site.label_alt_id 
_atom_site.label_comp_id 
_atom_site.label_asym_id 
_atom_site.label_entity_id 
_atom_site.label_seq_id 
_atom_site.pdbx_PDB_ins_code 
_atom_site.Cartn_x 
_atom_site.Cartn_y 
_atom_site.Cartn_z 
_atom_site.occupancy 
_atom_site.B_iso_or_equiv 
_atom_site.pdbx_formal_charge 
_atom_site.auth_seq_id 
_atom_site.auth_comp_id 
_atom_site.auth_asym_id 
_atom_site.auth_atom_id 
_atom_site.pdbx_PDB_model_num 
ATOM   1    N N   . PRO A 1 1   ? 7.189   -12.200 -12.381 0.80 40.52 ? 1   PRO A N   1 
ATOM   2    C CA  . PRO A 1 1   ? 5.803   -11.888 -12.048 0.60 40.45 ? 1   PRO A CA  1 
ATOM   3    C C   . PRO A 1 1   ? 5.479   -10.404 -12.260 0.60 40.47 ? 1   PRO A C   1 
ATOM   4    O O   . PRO A 1 1   ? 5.257   -9.676  -11.289 0.60 40.76 ? 1   PRO A O   1 
ATOM   5    C CB  . PRO A 1 1   ? 5.726   -12.233 -10.563 0.80 40.34 ? 1   PRO A CB  1 
ATOM   6    C CG  . PRO A 1 1   ? 7.101   -11.959 -10.053 0.80 40.11 ? 1   PRO A CG  1 
ATOM   7    C CD  . PRO A 1 1   ? 8.044   -12.290 -11.180 0.80 40.21 ? 1   PRO A CD  1 
ATOM   8    N N   . ASN A 1 2   ? 5.433   -9.971  -13.520 1.00 40.16 ? 2   ASN A N   1 
ATOM   9    C CA  . ASN A 1 2   ? 5.295   -8.546  -13.842 1.00 39.69 ? 2   ASN A CA  1 
ATOM   10   C C   . ASN A 1 2   ? 4.155   -7.845  -13.092 1.00 39.39 ? 2   ASN A C   1 
ATOM   11   O O   . ASN A 1 2   ? 2.991   -7.909  -13.502 1.00 39.47 ? 2   ASN A O   1 
ATOM   12   C CB  . ASN A 1 2   ? 5.161   -8.332  -15.357 1.00 39.69 ? 2   ASN A CB  1 
ATOM   13   C CG  . ASN A 1 2   ? 3.786   -8.704  -15.883 0.70 39.69 ? 2   ASN A CG  1 
ATOM   14   O OD1 . ASN A 1 2   ? 3.149   -7.921  -16.588 0.50 39.57 ? 2   ASN A OD1 1 
ATOM   15   N ND2 . ASN A 1 2   ? 3.323   -9.902  -15.540 0.50 39.66 ? 2   ASN A ND2 1 
ATOM   16   N N   . PHE A 1 3   ? 4.502   -7.188  -11.986 1.00 38.74 ? 3   PHE A N   1 
ATOM   17   C CA  . PHE A 1 3   ? 3.577   -6.298  -11.290 1.00 38.15 ? 3   PHE A CA  1 
ATOM   18   C C   . PHE A 1 3   ? 3.450   -4.990  -12.059 1.00 37.75 ? 3   PHE A C   1 
ATOM   19   O O   . PHE A 1 3   ? 2.585   -4.166  -11.767 1.00 37.45 ? 3   PHE A O   1 
ATOM   20   C CB  . PHE A 1 3   ? 4.071   -6.016  -9.868  1.00 38.01 ? 3   PHE A CB  1 
ATOM   21   C CG  . PHE A 1 3   ? 3.874   -7.160  -8.917  1.00 37.95 ? 3   PHE A CG  1 
ATOM   22   C CD1 . PHE A 1 3   ? 4.856   -8.120  -8.756  1.00 37.91 ? 3   PHE A CD1 1 
ATOM   23   C CD2 . PHE A 1 3   ? 2.711   -7.268  -8.173  1.00 37.99 ? 3   PHE A CD2 1 
ATOM   24   C CE1 . PHE A 1 3   ? 4.680   -9.169  -7.877  1.00 37.86 ? 3   PHE A CE1 1 
ATOM   25   C CE2 . PHE A 1 3   ? 2.532   -8.313  -7.290  1.00 37.85 ? 3   PHE A CE2 1 
ATOM   26   C CZ  . PHE A 1 3   ? 3.517   -9.263  -7.142  1.00 37.90 ? 3   PHE A CZ  1 
ATOM   27   N N   . SER A 1 4   ? 4.329   -4.812  -13.042 1.00 37.81 ? 4   SER A N   1 
ATOM   28   C CA  . SER A 1 4   ? 4.334   -3.619  -13.881 1.00 37.95 ? 4   SER A CA  1 
ATOM   29   C C   . SER A 1 4   ? 2.950   -3.311  -14.425 1.00 38.22 ? 4   SER A C   1 
ATOM   30   O O   . SER A 1 4   ? 2.094   -4.196  -14.511 1.00 38.76 ? 4   SER A O   1 
ATOM   31   C CB  . SER A 1 4   ? 5.316   -3.787  -15.042 1.00 37.79 ? 4   SER A CB  1 
ATOM   32   O OG  . SER A 1 4   ? 6.654   -3.682  -14.597 1.00 37.73 ? 4   SER A OG  1 
ATOM   33   N N   . GLY A 1 5   ? 2.734   -2.054  -14.798 1.00 38.04 ? 5   GLY A N   1 
ATOM   34   C CA  . GLY A 1 5   ? 1.483   -1.654  -15.420 1.00 37.36 ? 5   GLY A CA  1 
ATOM   35   C C   . GLY A 1 5   ? 0.755   -0.579  -14.647 1.00 36.98 ? 5   GLY A C   1 
ATOM   36   O O   . GLY A 1 5   ? 1.238   -0.098  -13.611 1.00 36.65 ? 5   GLY A O   1 
ATOM   37   N N   . ASN A 1 6   ? -0.409  -0.189  -15.162 1.00 36.63 ? 6   ASN A N   1 
ATOM   38   C CA  . ASN A 1 6   ? -1.244  0.823   -14.527 1.00 36.17 ? 6   ASN A CA  1 
ATOM   39   C C   . ASN A 1 6   ? -2.489  0.185   -13.953 1.00 36.01 ? 6   ASN A C   1 
ATOM   40   O O   . ASN A 1 6   ? -3.186  -0.563  -14.640 1.00 36.23 ? 6   ASN A O   1 
ATOM   41   C CB  . ASN A 1 6   ? -1.631  1.899   -15.540 1.00 36.00 ? 6   ASN A CB  1 
ATOM   42   C CG  . ASN A 1 6   ? -0.433  2.657   -16.068 1.00 35.79 ? 6   ASN A CG  1 
ATOM   43   O OD1 . ASN A 1 6   ? 0.075   3.567   -15.417 1.00 35.84 ? 6   ASN A OD1 1 
ATOM   44   N ND2 . ASN A 1 6   ? 0.025   2.286   -17.254 1.00 35.79 ? 6   ASN A ND2 1 
ATOM   45   N N   . TRP A 1 7   ? -2.772  0.472   -12.688 1.00 35.59 ? 7   TRP A N   1 
ATOM   46   C CA  . TRP A 1 7   ? -3.748  -0.312  -11.953 1.00 35.23 ? 7   TRP A CA  1 
ATOM   47   C C   . TRP A 1 7   ? -4.971  0.480   -11.525 1.00 35.42 ? 7   TRP A C   1 
ATOM   48   O O   . TRP A 1 7   ? -4.865  1.613   -11.062 1.00 35.69 ? 7   TRP A O   1 
ATOM   49   C CB  . TRP A 1 7   ? -3.089  -1.013  -10.764 1.00 35.09 ? 7   TRP A CB  1 
ATOM   50   C CG  . TRP A 1 7   ? -2.132  -2.075  -11.198 1.00 34.97 ? 7   TRP A CG  1 
ATOM   51   C CD1 . TRP A 1 7   ? -0.790  -1.941  -11.394 1.00 34.92 ? 7   TRP A CD1 1 
ATOM   52   C CD2 . TRP A 1 7   ? -2.457  -3.420  -11.557 1.00 34.85 ? 7   TRP A CD2 1 
ATOM   53   N NE1 . TRP A 1 7   ? -0.253  -3.128  -11.828 1.00 34.95 ? 7   TRP A NE1 1 
ATOM   54   C CE2 . TRP A 1 7   ? -1.257  -4.052  -11.936 1.00 34.89 ? 7   TRP A CE2 1 
ATOM   55   C CE3 . TRP A 1 7   ? -3.643  -4.157  -11.576 1.00 34.90 ? 7   TRP A CE3 1 
ATOM   56   C CZ2 . TRP A 1 7   ? -1.210  -5.383  -12.337 1.00 35.06 ? 7   TRP A CZ2 1 
ATOM   57   C CZ3 . TRP A 1 7   ? -3.596  -5.478  -11.973 1.00 35.01 ? 7   TRP A CZ3 1 
ATOM   58   C CH2 . TRP A 1 7   ? -2.388  -6.078  -12.350 1.00 35.01 ? 7   TRP A CH2 1 
ATOM   59   N N   . LYS A 1 8   ? -6.135  -0.140  -11.681 0.90 35.42 ? 8   LYS A N   1 
ATOM   60   C CA  . LYS A 1 8   ? -7.406  0.513   -11.434 0.90 35.39 ? 8   LYS A CA  1 
ATOM   61   C C   . LYS A 1 8   ? -8.141  -0.207  -10.310 0.90 35.85 ? 8   LYS A C   1 
ATOM   62   O O   . LYS A 1 8   ? -8.442  -1.397  -10.412 0.90 36.04 ? 8   LYS A O   1 
ATOM   63   C CB  . LYS A 1 8   ? -8.243  0.522   -12.728 0.80 35.29 ? 8   LYS A CB  1 
ATOM   64   C CG  . LYS A 1 8   ? -9.749  0.645   -12.541 0.60 35.06 ? 8   LYS A CG  1 
ATOM   65   C CD  . LYS A 1 8   ? -10.449 0.751   -13.892 0.50 35.05 ? 8   LYS A CD  1 
ATOM   66   C CE  . LYS A 1 8   ? -11.775 0.008   -13.898 0.40 35.13 ? 8   LYS A CE  1 
ATOM   67   N NZ  . LYS A 1 8   ? -12.777 0.626   -12.987 0.60 35.23 ? 8   LYS A NZ  1 
ATOM   68   N N   . ILE A 1 9   ? -8.397  0.513   -9.224  1.00 36.20 ? 9   ILE A N   1 
ATOM   69   C CA  . ILE A 1 9   ? -9.015  -0.080  -8.043  1.00 36.81 ? 9   ILE A CA  1 
ATOM   70   C C   . ILE A 1 9   ? -10.505 -0.340  -8.264  0.90 37.66 ? 9   ILE A C   1 
ATOM   71   O O   . ILE A 1 9   ? -11.238 0.538   -8.718  0.80 37.88 ? 9   ILE A O   1 
ATOM   72   C CB  . ILE A 1 9   ? -8.812  0.811   -6.796  1.00 36.56 ? 9   ILE A CB  1 
ATOM   73   C CG1 . ILE A 1 9   ? -9.250  0.079   -5.532  1.00 36.20 ? 9   ILE A CG1 1 
ATOM   74   C CG2 . ILE A 1 9   ? -9.561  2.125   -6.943  1.00 36.70 ? 9   ILE A CG2 1 
ATOM   75   C CD1 . ILE A 1 9   ? -8.939  0.835   -4.270  1.00 36.36 ? 9   ILE A CD1 1 
ATOM   76   N N   . ILE A 1 10  ? -10.945 -1.555  -7.954  1.00 38.62 ? 10  ILE A N   1 
ATOM   77   C CA  . ILE A 1 10  ? -12.334 -1.942  -8.185  1.00 39.28 ? 10  ILE A CA  1 
ATOM   78   C C   . ILE A 1 10  ? -12.986 -2.566  -6.952  1.00 40.23 ? 10  ILE A C   1 
ATOM   79   O O   . ILE A 1 10  ? -14.077 -3.126  -7.039  0.90 40.48 ? 10  ILE A O   1 
ATOM   80   C CB  . ILE A 1 10  ? -12.461 -2.918  -9.370  1.00 39.09 ? 10  ILE A CB  1 
ATOM   81   C CG1 . ILE A 1 10  ? -11.963 -4.308  -8.974  1.00 39.25 ? 10  ILE A CG1 1 
ATOM   82   C CG2 . ILE A 1 10  ? -11.704 -2.386  -10.585 1.00 38.88 ? 10  ILE A CG2 1 
ATOM   83   C CD1 . ILE A 1 10  ? -12.257 -5.380  -10.004 1.00 39.48 ? 10  ILE A CD1 1 
ATOM   84   N N   . ARG A 1 11  ? -12.316 -2.463  -5.806  1.00 41.26 ? 11  ARG A N   1 
ATOM   85   C CA  . ARG A 1 11  ? -12.861 -2.979  -4.545  1.00 42.08 ? 11  ARG A CA  1 
ATOM   86   C C   . ARG A 1 11  ? -11.940 -2.638  -3.378  1.00 41.47 ? 11  ARG A C   1 
ATOM   87   O O   . ARG A 1 11  ? -10.724 -2.544  -3.541  0.80 41.19 ? 11  ARG A O   1 
ATOM   88   C CB  . ARG A 1 11  ? -13.075 -4.496  -4.624  1.00 42.55 ? 11  ARG A CB  1 
ATOM   89   C CG  . ARG A 1 11  ? -14.230 -5.016  -3.767  1.00 43.51 ? 11  ARG A CG  1 
ATOM   90   C CD  . ARG A 1 11  ? -14.259 -6.544  -3.746  1.00 44.00 ? 11  ARG A CD  1 
ATOM   91   N NE  . ARG A 1 11  ? -14.045 -7.116  -5.082  1.00 45.42 ? 11  ARG A NE  1 
ATOM   92   C CZ  . ARG A 1 11  ? -13.730 -8.392  -5.314  1.00 45.79 ? 11  ARG A CZ  1 
ATOM   93   N NH1 . ARG A 1 11  ? -13.592 -9.244  -4.298  1.00 45.74 ? 11  ARG A NH1 1 
ATOM   94   N NH2 . ARG A 1 11  ? -13.546 -8.816  -6.562  1.00 45.84 ? 11  ARG A NH2 1 
ATOM   95   N N   . SER A 1 12  ? -12.530 -2.459  -2.201  1.00 41.33 ? 12  SER A N   1 
ATOM   96   C CA  . SER A 1 12  ? -11.798 -1.962  -1.044  1.00 41.36 ? 12  SER A CA  1 
ATOM   97   C C   . SER A 1 12  ? -12.598 -2.172  0.230   1.00 41.60 ? 12  SER A C   1 
ATOM   98   O O   . SER A 1 12  ? -13.651 -1.562  0.413   1.00 42.34 ? 12  SER A O   1 
ATOM   99   C CB  . SER A 1 12  ? -11.481 -0.473  -1.215  1.00 40.91 ? 12  SER A CB  1 
ATOM   100  O OG  . SER A 1 12  ? -11.158 0.128   0.026   1.00 40.80 ? 12  SER A OG  1 
ATOM   101  N N   . GLU A 1 13  ? -12.094 -3.028  1.118   1.00 41.29 ? 13  GLU A N   1 
ATOM   102  C CA  . GLU A 1 13  ? -12.783 -3.313  2.373   1.00 41.00 ? 13  GLU A CA  1 
ATOM   103  C C   . GLU A 1 13  ? -11.952 -2.925  3.601   1.00 40.50 ? 13  GLU A C   1 
ATOM   104  O O   . GLU A 1 13  ? -10.731 -3.015  3.586   1.00 40.60 ? 13  GLU A O   1 
ATOM   105  C CB  . GLU A 1 13  ? -13.200 -4.790  2.443   1.00 41.12 ? 13  GLU A CB  1 
ATOM   106  C CG  . GLU A 1 13  ? -12.060 -5.757  2.765   1.00 41.60 ? 13  GLU A CG  1 
ATOM   107  C CD  . GLU A 1 13  ? -12.508 -7.216  2.780   0.60 41.40 ? 13  GLU A CD  1 
ATOM   108  O OE1 . GLU A 1 13  ? -13.482 -7.546  2.071   0.60 41.58 ? 13  GLU A OE1 1 
ATOM   109  O OE2 . GLU A 1 13  ? -11.880 -8.029  3.495   0.60 41.37 ? 13  GLU A OE2 1 
ATOM   110  N N   . ASN A 1 14  ? -12.634 -2.471  4.648   1.00 40.42 ? 14  ASN A N   1 
ATOM   111  C CA  . ASN A 1 14  ? -12.012 -2.225  5.953   1.00 40.02 ? 14  ASN A CA  1 
ATOM   112  C C   . ASN A 1 14  ? -11.042 -1.048  5.983   1.00 39.69 ? 14  ASN A C   1 
ATOM   113  O O   . ASN A 1 14  ? -10.237 -0.925  6.910   1.00 39.48 ? 14  ASN A O   1 
ATOM   114  C CB  . ASN A 1 14  ? -11.320 -3.493  6.474   1.00 40.31 ? 14  ASN A CB  1 
ATOM   115  C CG  . ASN A 1 14  ? -12.156 -4.236  7.500   0.80 40.57 ? 14  ASN A CG  1 
ATOM   116  O OD1 . ASN A 1 14  ? -12.408 -3.731  8.599   0.70 40.51 ? 14  ASN A OD1 1 
ATOM   117  N ND2 . ASN A 1 14  ? -12.580 -5.452  7.154   0.70 40.69 ? 14  ASN A ND2 1 
ATOM   118  N N   . PHE A 1 15  ? -11.125 -0.175  4.986   1.00 39.31 ? 15  PHE A N   1 
ATOM   119  C CA  . PHE A 1 15  ? -10.152 0.900   4.866   1.00 39.16 ? 15  PHE A CA  1 
ATOM   120  C C   . PHE A 1 15  ? -10.299 1.965   5.956   1.00 39.10 ? 15  PHE A C   1 
ATOM   121  O O   . PHE A 1 15  ? -9.305  2.427   6.521   1.00 38.92 ? 15  PHE A O   1 
ATOM   122  C CB  . PHE A 1 15  ? -10.193 1.540   3.481   1.00 39.31 ? 15  PHE A CB  1 
ATOM   123  C CG  . PHE A 1 15  ? -9.121  2.574   3.267   1.00 39.49 ? 15  PHE A CG  1 
ATOM   124  C CD1 . PHE A 1 15  ? -7.781  2.257   3.476   1.00 39.49 ? 15  PHE A CD1 1 
ATOM   125  C CD2 . PHE A 1 15  ? -9.446  3.865   2.885   1.00 39.56 ? 15  PHE A CD2 1 
ATOM   126  C CE1 . PHE A 1 15  ? -6.790  3.206   3.300   1.00 39.52 ? 15  PHE A CE1 1 
ATOM   127  C CE2 . PHE A 1 15  ? -8.457  4.822   2.709   1.00 39.62 ? 15  PHE A CE2 1 
ATOM   128  C CZ  . PHE A 1 15  ? -7.127  4.489   2.914   1.00 39.63 ? 15  PHE A CZ  1 
ATOM   129  N N   . GLU A 1 16  ? -11.536 2.349   6.247   1.00 39.13 ? 16  GLU A N   1 
ATOM   130  C CA  . GLU A 1 16  ? -11.786 3.388   7.239   1.00 39.04 ? 16  GLU A CA  1 
ATOM   131  C C   . GLU A 1 16  ? -11.388 2.928   8.641   1.00 38.65 ? 16  GLU A C   1 
ATOM   132  O O   . GLU A 1 16  ? -10.912 3.726   9.456   1.00 38.33 ? 16  GLU A O   1 
ATOM   133  C CB  . GLU A 1 16  ? -13.256 3.819   7.214   1.00 39.34 ? 16  GLU A CB  1 
ATOM   134  C CG  . GLU A 1 16  ? -13.577 4.994   8.143   1.00 39.60 ? 16  GLU A CG  1 
ATOM   135  C CD  . GLU A 1 16  ? -15.035 5.407   8.087   0.90 39.66 ? 16  GLU A CD  1 
ATOM   136  O OE1 . GLU A 1 16  ? -15.800 4.806   7.297   0.80 39.79 ? 16  GLU A OE1 1 
ATOM   137  O OE2 . GLU A 1 16  ? -15.415 6.337   8.834   0.80 39.80 ? 16  GLU A OE2 1 
ATOM   138  N N   . GLU A 1 17  ? -11.583 1.636   8.914   1.00 38.38 ? 17  GLU A N   1 
ATOM   139  C CA  . GLU A 1 17  ? -11.245 1.059   10.215  1.00 38.02 ? 17  GLU A CA  1 
ATOM   140  C C   . GLU A 1 17  ? -9.740  1.032   10.409  1.00 37.43 ? 17  GLU A C   1 
ATOM   141  O O   . GLU A 1 17  ? -9.243  1.253   11.511  1.00 37.40 ? 17  GLU A O   1 
ATOM   142  C CB  . GLU A 1 17  ? -11.818 -0.354  10.350  1.00 38.46 ? 17  GLU A CB  1 
ATOM   143  C CG  . GLU A 1 17  ? -13.342 -0.407  10.543  1.00 39.15 ? 17  GLU A CG  1 
ATOM   144  C CD  . GLU A 1 17  ? -14.119 -0.158  9.246   0.70 39.40 ? 17  GLU A CD  1 
ATOM   145  O OE1 . GLU A 1 17  ? -13.562 -0.408  8.149   0.80 39.29 ? 17  GLU A OE1 1 
ATOM   146  O OE2 . GLU A 1 17  ? -15.288 0.284   9.329   0.70 39.56 ? 17  GLU A OE2 1 
ATOM   147  N N   . LEU A 1 18  ? -9.018  0.758   9.324   1.00 36.85 ? 18  LEU A N   1 
ATOM   148  C CA  . LEU A 1 18  ? -7.563  0.837   9.321   1.00 35.98 ? 18  LEU A CA  1 
ATOM   149  C C   . LEU A 1 18  ? -7.122  2.234   9.732   1.00 35.60 ? 18  LEU A C   1 
ATOM   150  O O   . LEU A 1 18  ? -6.356  2.401   10.677  1.00 35.31 ? 18  LEU A O   1 
ATOM   151  C CB  . LEU A 1 18  ? -7.020  0.505   7.930   1.00 35.94 ? 18  LEU A CB  1 
ATOM   152  C CG  . LEU A 1 18  ? -5.516  0.249   7.798   1.00 36.15 ? 18  LEU A CG  1 
ATOM   153  C CD1 . LEU A 1 18  ? -5.187  -1.198  8.129   1.00 35.91 ? 18  LEU A CD1 1 
ATOM   154  C CD2 . LEU A 1 18  ? -5.040  0.598   6.392   1.00 35.93 ? 18  LEU A CD2 1 
ATOM   155  N N   . LEU A 1 19  ? -7.628  3.237   9.022   1.00 35.44 ? 19  LEU A N   1 
ATOM   156  C CA  . LEU A 1 19  ? -7.339  4.627   9.341   1.00 35.28 ? 19  LEU A CA  1 
ATOM   157  C C   . LEU A 1 19  ? -7.740  4.927   10.768  1.00 35.52 ? 19  LEU A C   1 
ATOM   158  O O   . LEU A 1 19  ? -7.007  5.589   11.505  1.00 35.14 ? 19  LEU A O   1 
ATOM   159  C CB  . LEU A 1 19  ? -8.086  5.559   8.389   1.00 34.92 ? 19  LEU A CB  1 
ATOM   160  C CG  . LEU A 1 19  ? -7.745  5.434   6.905   1.00 34.95 ? 19  LEU A CG  1 
ATOM   161  C CD1 . LEU A 1 19  ? -8.391  6.558   6.118   1.00 34.72 ? 19  LEU A CD1 1 
ATOM   162  C CD2 . LEU A 1 19  ? -6.231  5.423   6.692   1.00 34.94 ? 19  LEU A CD2 1 
ATOM   163  N N   . LYS A 1 20  ? -8.917  4.443   11.150  1.00 35.95 ? 20  LYS A N   1 
ATOM   164  C CA  A LYS A 1 20  ? -9.414  4.647   12.501  0.50 36.23 ? 20  LYS A CA  1 
ATOM   165  C CA  B LYS A 1 20  ? -9.436  4.623   12.500  0.50 36.29 ? 20  LYS A CA  1 
ATOM   166  C C   . LYS A 1 20  ? -8.439  4.086   13.523  1.00 36.49 ? 20  LYS A C   1 
ATOM   167  O O   . LYS A 1 20  ? -8.135  4.743   14.525  1.00 36.46 ? 20  LYS A O   1 
ATOM   168  C CB  A LYS A 1 20  ? -10.799 4.021   12.683  0.50 36.23 ? 20  LYS A CB  1 
ATOM   169  C CB  B LYS A 1 20  ? -10.779 3.896   12.636  0.50 36.39 ? 20  LYS A CB  1 
ATOM   170  C CG  A LYS A 1 20  ? -11.353 4.159   14.099  0.50 36.27 ? 20  LYS A CG  1 
ATOM   171  C CG  B LYS A 1 20  ? -11.618 4.308   13.836  0.50 36.57 ? 20  LYS A CG  1 
ATOM   172  C CD  A LYS A 1 20  ? -12.869 4.290   14.103  0.50 36.10 ? 20  LYS A CD  1 
ATOM   173  C CD  B LYS A 1 20  ? -13.060 3.814   13.689  0.50 36.50 ? 20  LYS A CD  1 
ATOM   174  C CE  A LYS A 1 20  ? -13.377 4.680   15.482  0.50 35.96 ? 20  LYS A CE  1 
ATOM   175  C CE  B LYS A 1 20  ? -13.110 2.324   13.353  0.50 36.52 ? 20  LYS A CE  1 
ATOM   176  N NZ  A LYS A 1 20  ? -14.812 5.063   15.454  0.50 36.06 ? 20  LYS A NZ  1 
ATOM   177  N NZ  B LYS A 1 20  ? -14.495 1.861   13.057  0.50 36.50 ? 20  LYS A NZ  1 
ATOM   178  N N   . VAL A 1 21  ? -7.929  2.887   13.252  1.00 36.82 ? 21  VAL A N   1 
ATOM   179  C CA  . VAL A 1 21  ? -6.953  2.241   14.121  1.00 37.15 ? 21  VAL A CA  1 
ATOM   180  C C   . VAL A 1 21  ? -5.663  3.056   14.201  1.00 37.46 ? 21  VAL A C   1 
ATOM   181  O O   . VAL A 1 21  ? -5.054  3.171   15.263  1.00 37.70 ? 21  VAL A O   1 
ATOM   182  C CB  . VAL A 1 21  ? -6.627  0.810   13.631  1.00 36.96 ? 21  VAL A CB  1 
ATOM   183  C CG1 . VAL A 1 21  ? -5.418  0.261   14.355  1.00 36.89 ? 21  VAL A CG1 1 
ATOM   184  C CG2 . VAL A 1 21  ? -7.825  -0.097  13.825  1.00 36.94 ? 21  VAL A CG2 1 
ATOM   185  N N   . LEU A 1 22  ? -5.263  3.633   13.076  1.00 37.84 ? 22  LEU A N   1 
ATOM   186  C CA  . LEU A 1 22  ? -4.015  4.382   13.005  1.00 38.07 ? 22  LEU A CA  1 
ATOM   187  C C   . LEU A 1 22  ? -4.104  5.745   13.703  1.00 38.67 ? 22  LEU A C   1 
ATOM   188  O O   . LEU A 1 22  ? -3.089  6.303   14.113  0.90 39.15 ? 22  LEU A O   1 
ATOM   189  C CB  . LEU A 1 22  ? -3.578  4.548   11.553  1.00 37.63 ? 22  LEU A CB  1 
ATOM   190  C CG  . LEU A 1 22  ? -3.025  3.278   10.910  1.00 37.18 ? 22  LEU A CG  1 
ATOM   191  C CD1 . LEU A 1 22  ? -2.819  3.466   9.421   1.00 37.06 ? 22  LEU A CD1 1 
ATOM   192  C CD2 . LEU A 1 22  ? -1.733  2.886   11.587  1.00 37.17 ? 22  LEU A CD2 1 
ATOM   193  N N   . GLY A 1 23  ? -5.321  6.272   13.832  1.00 39.21 ? 23  GLY A N   1 
ATOM   194  C CA  . GLY A 1 23  ? -5.547  7.536   14.549  1.00 39.12 ? 23  GLY A CA  1 
ATOM   195  C C   . GLY A 1 23  ? -5.913  8.702   13.643  1.00 38.86 ? 23  GLY A C   1 
ATOM   196  O O   . GLY A 1 23  ? -5.927  9.853   14.078  1.00 38.82 ? 23  GLY A O   1 
ATOM   197  N N   . VAL A 1 24  ? -6.233  8.395   12.388  1.00 38.67 ? 24  VAL A N   1 
ATOM   198  C CA  . VAL A 1 24  ? -6.438  9.415   11.359  1.00 38.67 ? 24  VAL A CA  1 
ATOM   199  C C   . VAL A 1 24  ? -7.619  10.334  11.677  1.00 38.69 ? 24  VAL A C   1 
ATOM   200  O O   . VAL A 1 24  ? -8.726  9.867   11.930  1.00 39.04 ? 24  VAL A O   1 
ATOM   201  C CB  . VAL A 1 24  ? -6.659  8.772   9.971   1.00 38.69 ? 24  VAL A CB  1 
ATOM   202  C CG1 . VAL A 1 24  ? -6.975  9.833   8.935   1.00 38.78 ? 24  VAL A CG1 1 
ATOM   203  C CG2 . VAL A 1 24  ? -5.438  7.957   9.558   1.00 38.70 ? 24  VAL A CG2 1 
ATOM   204  N N   . ASN A 1 25  ? -7.380  11.642  11.656  1.00 38.51 ? 25  ASN A N   1 
ATOM   205  C CA  . ASN A 1 25  ? -8.439  12.603  11.919  0.80 38.02 ? 25  ASN A CA  1 
ATOM   206  C C   . ASN A 1 25  ? -9.721  12.226  11.202  0.90 37.58 ? 25  ASN A C   1 
ATOM   207  O O   . ASN A 1 25  ? -9.708  11.923  10.008  1.00 37.25 ? 25  ASN A O   1 
ATOM   208  C CB  . ASN A 1 25  ? -8.017  14.001  11.500  0.80 38.35 ? 25  ASN A CB  1 
ATOM   209  C CG  . ASN A 1 25  ? -9.166  14.974  11.519  0.90 38.74 ? 25  ASN A CG  1 
ATOM   210  O OD1 . ASN A 1 25  ? -9.688  15.353  10.474  1.00 39.00 ? 25  ASN A OD1 1 
ATOM   211  N ND2 . ASN A 1 25  ? -9.608  15.345  12.717  1.00 39.08 ? 25  ASN A ND2 1 
ATOM   212  N N   . VAL A 1 26  ? -10.831 12.262  11.930  1.00 37.19 ? 26  VAL A N   1 
ATOM   213  C CA  . VAL A 1 26  ? -12.111 11.810  11.396  1.00 36.78 ? 26  VAL A CA  1 
ATOM   214  C C   . VAL A 1 26  ? -12.474 12.516  10.089  1.00 36.46 ? 26  VAL A C   1 
ATOM   215  O O   . VAL A 1 26  ? -13.000 11.892  9.162   1.00 36.66 ? 26  VAL A O   1 
ATOM   216  C CB  . VAL A 1 26  ? -13.251 12.002  12.412  1.00 36.88 ? 26  VAL A CB  1 
ATOM   217  C CG1 . VAL A 1 26  ? -13.545 13.477  12.608  1.00 36.95 ? 26  VAL A CG1 1 
ATOM   218  C CG2 . VAL A 1 26  ? -14.497 11.263  11.950  1.00 36.94 ? 26  VAL A CG2 1 
ATOM   219  N N   . MET A 1 27  ? -12.190 13.813  10.018  1.00 35.61 ? 27  MET A N   1 
ATOM   220  C CA  . MET A 1 27  ? -12.513 14.591  8.836   1.00 34.81 ? 27  MET A CA  1 
ATOM   221  C C   . MET A 1 27  ? -11.719 14.093  7.644   1.00 34.44 ? 27  MET A C   1 
ATOM   222  O O   . MET A 1 27  ? -12.213 14.091  6.509   1.00 34.62 ? 27  MET A O   1 
ATOM   223  C CB  . MET A 1 27  ? -12.233 16.071  9.074   0.90 35.01 ? 27  MET A CB  1 
ATOM   224  C CG  . MET A 1 27  ? -13.073 16.684  10.173  0.80 35.08 ? 27  MET A CG  1 
ATOM   225  S SD  . MET A 1 27  ? -12.838 18.460  10.304  0.70 35.04 ? 27  MET A SD  1 
ATOM   226  C CE  . MET A 1 27  ? -13.955 18.842  11.650  0.80 35.06 ? 27  MET A CE  1 
ATOM   227  N N   . LEU A 1 28  ? -10.488 13.658  7.899   1.00 33.54 ? 28  LEU A N   1 
ATOM   228  C CA  . LEU A 1 28  ? -9.655  13.108  6.842   1.00 32.90 ? 28  LEU A CA  1 
ATOM   229  C C   . LEU A 1 28  ? -10.098 11.691  6.499   1.00 33.19 ? 28  LEU A C   1 
ATOM   230  O O   . LEU A 1 28  ? -9.976  11.255  5.353   1.00 33.06 ? 28  LEU A O   1 
ATOM   231  C CB  . LEU A 1 28  ? -8.181  13.130  7.241   1.00 32.31 ? 28  LEU A CB  1 
ATOM   232  C CG  . LEU A 1 28  ? -7.176  12.685  6.174   1.00 31.99 ? 28  LEU A CG  1 
ATOM   233  C CD1 . LEU A 1 28  ? -7.235  13.586  4.968   1.00 32.03 ? 28  LEU A CD1 1 
ATOM   234  C CD2 . LEU A 1 28  ? -5.771  12.653  6.740   1.00 32.25 ? 28  LEU A CD2 1 
ATOM   235  N N   . ARG A 1 29  ? -10.633 10.984  7.494   1.00 33.39 ? 29  ARG A N   1 
ATOM   236  C CA  . ARG A 1 29  ? -11.168 9.638   7.278   1.00 33.51 ? 29  ARG A CA  1 
ATOM   237  C C   . ARG A 1 29  ? -12.320 9.666   6.280   1.00 33.85 ? 29  ARG A C   1 
ATOM   238  O O   . ARG A 1 29  ? -12.396 8.827   5.376   1.00 33.29 ? 29  ARG A O   1 
ATOM   239  C CB  . ARG A 1 29  ? -11.631 9.014   8.604   1.00 33.46 ? 29  ARG A CB  1 
ATOM   240  C CG  . ARG A 1 29  ? -10.494 8.644   9.564   1.00 33.22 ? 29  ARG A CG  1 
ATOM   241  C CD  . ARG A 1 29  ? -10.873 7.464   10.477  1.00 32.91 ? 29  ARG A CD  1 
ATOM   242  N NE  . ARG A 1 29  ? -11.907 7.814   11.455  1.00 32.87 ? 29  ARG A NE  1 
ATOM   243  C CZ  . ARG A 1 29  ? -11.665 8.117   12.731  1.00 32.85 ? 29  ARG A CZ  1 
ATOM   244  N NH1 . ARG A 1 29  ? -10.423 8.120   13.194  1.00 32.61 ? 29  ARG A NH1 1 
ATOM   245  N NH2 . ARG A 1 29  ? -12.670 8.423   13.547  1.00 33.11 ? 29  ARG A NH2 1 
ATOM   246  N N   . LYS A 1 30  ? -13.203 10.650  6.440   1.00 34.47 ? 30  LYS A N   1 
ATOM   247  C CA  . LYS A 1 30  ? -14.396 10.774  5.604   1.00 35.18 ? 30  LYS A CA  1 
ATOM   248  C C   . LYS A 1 30  ? -14.072 11.162  4.170   1.00 35.53 ? 30  LYS A C   1 
ATOM   249  O O   . LYS A 1 30  ? -14.687 10.658  3.230   1.00 35.48 ? 30  LYS A O   1 
ATOM   250  C CB  . LYS A 1 30  ? -15.360 11.781  6.211   1.00 35.71 ? 30  LYS A CB  1 
ATOM   251  C CG  . LYS A 1 30  ? -15.899 11.353  7.553   1.00 36.80 ? 30  LYS A CG  1 
ATOM   252  C CD  . LYS A 1 30  ? -16.645 10.038  7.436   1.00 37.48 ? 30  LYS A CD  1 
ATOM   253  C CE  . LYS A 1 30  ? -16.907 9.426   8.797   1.00 38.29 ? 30  LYS A CE  1 
ATOM   254  N NZ  . LYS A 1 30  ? -17.924 8.339   8.716   1.00 39.16 ? 30  LYS A NZ  1 
ATOM   255  N N   . ILE A 1 31  ? -13.113 12.065  4.001   1.00 36.29 ? 31  ILE A N   1 
ATOM   256  C CA  . ILE A 1 31  ? -12.666 12.444  2.669   1.00 36.94 ? 31  ILE A CA  1 
ATOM   257  C C   . ILE A 1 31  ? -11.869 11.306  2.026   1.00 37.00 ? 31  ILE A C   1 
ATOM   258  O O   . ILE A 1 31  ? -11.860 11.149  0.804   1.00 37.18 ? 31  ILE A O   1 
ATOM   259  C CB  . ILE A 1 31  ? -11.821 13.754  2.690   1.00 37.32 ? 31  ILE A CB  1 
ATOM   260  C CG1 . ILE A 1 31  ? -11.848 14.435  1.318   1.00 37.45 ? 31  ILE A CG1 1 
ATOM   261  C CG2 . ILE A 1 31  ? -10.390 13.474  3.128   1.00 37.22 ? 31  ILE A CG2 1 
ATOM   262  C CD1 . ILE A 1 31  ? -13.230 14.927  0.903   1.00 37.27 ? 31  ILE A CD1 1 
ATOM   263  N N   . ALA A 1 32  ? -11.231 10.492  2.860   1.00 36.98 ? 32  ALA A N   1 
ATOM   264  C CA  . ALA A 1 32  ? -10.380 9.418   2.377   1.00 37.26 ? 32  ALA A CA  1 
ATOM   265  C C   . ALA A 1 32  ? -11.180 8.328   1.687   1.00 37.71 ? 32  ALA A C   1 
ATOM   266  O O   . ALA A 1 32  ? -10.675 7.655   0.794   1.00 37.74 ? 32  ALA A O   1 
ATOM   267  C CB  . ALA A 1 32  ? -9.572  8.835   3.514   1.00 37.08 ? 32  ALA A CB  1 
ATOM   268  N N   . VAL A 1 33  ? -12.428 8.152   2.105   1.00 38.53 ? 33  VAL A N   1 
ATOM   269  C CA  . VAL A 1 33  ? -13.251 7.049   1.601   1.00 39.37 ? 33  VAL A CA  1 
ATOM   270  C C   . VAL A 1 33  ? -14.246 7.487   0.525   1.00 39.98 ? 33  VAL A C   1 
ATOM   271  O O   . VAL A 1 33  ? -15.176 6.755   0.199   1.00 40.49 ? 33  VAL A O   1 
ATOM   272  C CB  . VAL A 1 33  ? -14.015 6.326   2.748   1.00 39.35 ? 33  VAL A CB  1 
ATOM   273  C CG1 . VAL A 1 33  ? -13.032 5.738   3.766   1.00 39.57 ? 33  VAL A CG1 1 
ATOM   274  C CG2 . VAL A 1 33  ? -14.992 7.270   3.422   1.00 39.35 ? 33  VAL A CG2 1 
ATOM   275  N N   . ALA A 1 34  ? -14.039 8.676   -0.031  1.00 40.82 ? 34  ALA A N   1 
ATOM   276  C CA  . ALA A 1 34  ? -14.929 9.198   -1.072  1.00 41.08 ? 34  ALA A CA  1 
ATOM   277  C C   . ALA A 1 34  ? -14.607 8.602   -2.445  1.00 40.98 ? 34  ALA A C   1 
ATOM   278  O O   . ALA A 1 34  ? -13.446 8.376   -2.775  1.00 41.24 ? 34  ALA A O   1 
ATOM   279  C CB  . ALA A 1 34  ? -14.856 10.722  -1.119  1.00 41.27 ? 34  ALA A CB  1 
ATOM   280  N N   . ALA A 1 35  ? -15.640 8.354   -3.240  0.80 40.91 ? 35  ALA A N   1 
ATOM   281  C CA  . ALA A 1 35  ? -15.454 7.831   -4.590  0.80 41.01 ? 35  ALA A CA  1 
ATOM   282  C C   . ALA A 1 35  ? -14.469 8.690   -5.378  0.80 41.01 ? 35  ALA A C   1 
ATOM   283  O O   . ALA A 1 35  ? -13.939 8.262   -6.402  0.70 41.10 ? 35  ALA A O   1 
ATOM   284  C CB  . ALA A 1 35  ? -16.783 7.753   -5.317  0.80 41.12 ? 35  ALA A CB  1 
ATOM   285  N N   . ALA A 1 36  ? -14.238 9.906   -4.898  0.90 41.05 ? 36  ALA A N   1 
ATOM   286  C CA  . ALA A 1 36  ? -13.320 10.824  -5.557  0.70 40.98 ? 36  ALA A CA  1 
ATOM   287  C C   . ALA A 1 36  ? -11.873 10.507  -5.200  0.80 40.86 ? 36  ALA A C   1 
ATOM   288  O O   . ALA A 1 36  ? -10.957 10.781  -5.976  0.80 41.10 ? 36  ALA A O   1 
ATOM   289  C CB  . ALA A 1 36  ? -13.653 12.263  -5.191  0.70 41.01 ? 36  ALA A CB  1 
ATOM   290  N N   . SER A 1 37  ? -11.675 9.914   -4.026  1.00 40.58 ? 37  SER A N   1 
ATOM   291  C CA  . SER A 1 37  ? -10.330 9.710   -3.491  1.00 40.25 ? 37  SER A CA  1 
ATOM   292  C C   . SER A 1 37  ? -9.735  8.343   -3.850  1.00 40.10 ? 37  SER A C   1 
ATOM   293  O O   . SER A 1 37  ? -8.642  7.998   -3.398  1.00 40.08 ? 37  SER A O   1 
ATOM   294  C CB  . SER A 1 37  ? -10.320 9.916   -1.977  1.00 40.09 ? 37  SER A CB  1 
ATOM   295  O OG  . SER A 1 37  ? -10.779 11.214  -1.642  1.00 40.12 ? 37  SER A OG  1 
ATOM   296  N N   . LYS A 1 38  ? -10.457 7.574   -4.666  1.00 39.77 ? 38  LYS A N   1 
ATOM   297  C CA  . LYS A 1 38  ? -9.933  6.314   -5.184  1.00 39.26 ? 38  LYS A CA  1 
ATOM   298  C C   . LYS A 1 38  ? -8.526  6.540   -5.729  1.00 39.20 ? 38  LYS A C   1 
ATOM   299  O O   . LYS A 1 38  ? -8.311  7.449   -6.533  1.00 39.64 ? 38  LYS A O   1 
ATOM   300  C CB  . LYS A 1 38  ? -10.841 5.766   -6.288  0.90 38.97 ? 38  LYS A CB  1 
ATOM   301  C CG  . LYS A 1 38  ? -12.323 5.837   -5.965  0.80 39.12 ? 38  LYS A CG  1 
ATOM   302  C CD  . LYS A 1 38  ? -12.787 4.638   -5.147  0.70 39.10 ? 38  LYS A CD  1 
ATOM   303  C CE  . LYS A 1 38  ? -13.214 3.481   -6.047  0.60 39.06 ? 38  LYS A CE  1 
ATOM   304  N NZ  . LYS A 1 38  ? -14.318 3.867   -6.972  0.60 38.80 ? 38  LYS A NZ  1 
ATOM   305  N N   . PRO A 1 39  ? -7.553  5.726   -5.270  1.00 38.81 ? 39  PRO A N   1 
ATOM   306  C CA  . PRO A 1 39  ? -6.171  5.878   -5.692  1.00 38.18 ? 39  PRO A CA  1 
ATOM   307  C C   . PRO A 1 39  ? -5.907  5.203   -7.032  1.00 38.04 ? 39  PRO A C   1 
ATOM   308  O O   . PRO A 1 39  ? -6.546  4.198   -7.363  1.00 37.69 ? 39  PRO A O   1 
ATOM   309  C CB  . PRO A 1 39  ? -5.398  5.161   -4.590  1.00 37.99 ? 39  PRO A CB  1 
ATOM   310  C CG  . PRO A 1 39  ? -6.299  4.078   -4.162  1.00 38.28 ? 39  PRO A CG  1 
ATOM   311  C CD  . PRO A 1 39  ? -7.712  4.615   -4.311  1.00 38.70 ? 39  PRO A CD  1 
ATOM   312  N N   . ALA A 1 40  ? -4.980  5.767   -7.801  1.00 37.91 ? 40  ALA A N   1 
ATOM   313  C CA  . ALA A 1 40  ? -4.483  5.127   -9.005  1.00 37.56 ? 40  ALA A CA  1 
ATOM   314  C C   . ALA A 1 40  ? -3.056  4.661   -8.772  1.00 37.80 ? 40  ALA A C   1 
ATOM   315  O O   . ALA A 1 40  ? -2.227  5.411   -8.251  1.00 38.37 ? 40  ALA A O   1 
ATOM   316  C CB  . ALA A 1 40  ? -4.541  6.079   -10.170 1.00 37.30 ? 40  ALA A CB  1 
ATOM   317  N N   . VAL A 1 41  ? -2.775  3.420   -9.148  1.00 37.57 ? 41  VAL A N   1 
ATOM   318  C CA  . VAL A 1 41  ? -1.478  2.822   -8.889  1.00 37.30 ? 41  VAL A CA  1 
ATOM   319  C C   . VAL A 1 41  ? -0.754  2.494   -10.190 1.00 37.36 ? 41  VAL A C   1 
ATOM   320  O O   . VAL A 1 41  ? -1.281  1.773   -11.042 1.00 37.38 ? 41  VAL A O   1 
ATOM   321  C CB  . VAL A 1 41  ? -1.612  1.538   -8.024  1.00 37.30 ? 41  VAL A CB  1 
ATOM   322  C CG1 . VAL A 1 41  ? -0.254  0.870   -7.832  1.00 36.98 ? 41  VAL A CG1 1 
ATOM   323  C CG2 . VAL A 1 41  ? -2.252  1.864   -6.678  1.00 37.08 ? 41  VAL A CG2 1 
ATOM   324  N N   . GLU A 1 42  ? 0.445   3.054   -10.350 1.00 37.48 ? 42  GLU A N   1 
ATOM   325  C CA  . GLU A 1 42  ? 1.360   2.623   -11.403 1.00 37.67 ? 42  GLU A CA  1 
ATOM   326  C C   . GLU A 1 42  ? 2.579   1.945   -10.803 1.00 37.73 ? 42  GLU A C   1 
ATOM   327  O O   . GLU A 1 42  ? 3.287   2.527   -9.968  1.00 37.63 ? 42  GLU A O   1 
ATOM   328  C CB  . GLU A 1 42  ? 1.802   3.805   -12.274 1.00 37.89 ? 42  GLU A CB  1 
ATOM   329  C CG  . GLU A 1 42  ? 2.793   3.418   -13.380 0.90 37.66 ? 42  GLU A CG  1 
ATOM   330  C CD  . GLU A 1 42  ? 3.506   4.616   -13.981 0.90 37.76 ? 42  GLU A CD  1 
ATOM   331  O OE1 . GLU A 1 42  ? 3.224   5.756   -13.550 0.70 38.03 ? 42  GLU A OE1 1 
ATOM   332  O OE2 . GLU A 1 42  ? 4.349   4.420   -14.884 0.70 37.78 ? 42  GLU A OE2 1 
ATOM   333  N N   . ILE A 1 43  ? 2.815   0.711   -11.225 1.00 37.66 ? 43  ILE A N   1 
ATOM   334  C CA  . ILE A 1 43  ? 3.973   -0.040  -10.792 1.00 37.65 ? 43  ILE A CA  1 
ATOM   335  C C   . ILE A 1 43  ? 4.894   -0.251  -11.982 1.00 38.01 ? 43  ILE A C   1 
ATOM   336  O O   . ILE A 1 43  ? 4.433   -0.528  -13.090 1.00 38.06 ? 43  ILE A O   1 
ATOM   337  C CB  . ILE A 1 43  ? 3.556   -1.412  -10.201 1.00 37.30 ? 43  ILE A CB  1 
ATOM   338  C CG1 . ILE A 1 43  ? 2.671   -1.212  -8.972  1.00 36.77 ? 43  ILE A CG1 1 
ATOM   339  C CG2 . ILE A 1 43  ? 4.783   -2.257  -9.855  1.00 37.07 ? 43  ILE A CG2 1 
ATOM   340  C CD1 . ILE A 1 43  ? 2.018   -2.469  -8.491  1.00 36.79 ? 43  ILE A CD1 1 
ATOM   341  N N   . LYS A 1 44  ? 6.194   -0.081  -11.762 1.00 38.48 ? 44  LYS A N   1 
ATOM   342  C CA  . LYS A 1 44  ? 7.179   -0.382  -12.790 1.00 39.26 ? 44  LYS A CA  1 
ATOM   343  C C   . LYS A 1 44  ? 8.236   -1.349  -12.250 1.00 39.64 ? 44  LYS A C   1 
ATOM   344  O O   . LYS A 1 44  ? 9.017   -0.999  -11.358 1.00 39.59 ? 44  LYS A O   1 
ATOM   345  C CB  . LYS A 1 44  ? 7.833   0.904   -13.307 1.00 39.70 ? 44  LYS A CB  1 
ATOM   346  C CG  . LYS A 1 44  ? 7.833   1.027   -14.832 0.80 40.07 ? 44  LYS A CG  1 
ATOM   347  C CD  . LYS A 1 44  ? 6.410   1.180   -15.365 0.90 40.36 ? 44  LYS A CD  1 
ATOM   348  C CE  . LYS A 1 44  ? 6.183   0.333   -16.615 0.80 40.46 ? 44  LYS A CE  1 
ATOM   349  N NZ  . LYS A 1 44  ? 4.725   0.097   -16.858 0.80 40.45 ? 44  LYS A NZ  1 
ATOM   350  N N   . GLN A 1 45  ? 8.249   -2.568  -12.791 1.00 39.96 ? 45  GLN A N   1 
ATOM   351  C CA  . GLN A 1 45  ? 9.035   -3.665  -12.211 1.00 40.30 ? 45  GLN A CA  1 
ATOM   352  C C   . GLN A 1 45  ? 10.168  -4.149  -13.115 1.00 40.17 ? 45  GLN A C   1 
ATOM   353  O O   . GLN A 1 45  ? 9.946   -4.496  -14.279 1.00 40.43 ? 45  GLN A O   1 
ATOM   354  C CB  . GLN A 1 45  ? 8.126   -4.845  -11.855 1.00 40.32 ? 45  GLN A CB  1 
ATOM   355  C CG  . GLN A 1 45  ? 8.874   -6.154  -11.641 1.00 40.44 ? 45  GLN A CG  1 
ATOM   356  C CD  . GLN A 1 45  ? 7.966   -7.282  -11.206 1.00 40.61 ? 45  GLN A CD  1 
ATOM   357  O OE1 . GLN A 1 45  ? 6.743   -7.193  -11.321 1.00 40.82 ? 45  GLN A OE1 1 
ATOM   358  N NE2 . GLN A 1 45  ? 8.560   -8.353  -10.699 1.00 41.01 ? 45  GLN A NE2 1 
ATOM   359  N N   . GLU A 1 46  ? 11.376  -4.191  -12.562 0.90 39.74 ? 46  GLU A N   1 
ATOM   360  C CA  . GLU A 1 46  ? 12.502  -4.823  -13.235 0.80 39.45 ? 46  GLU A CA  1 
ATOM   361  C C   . GLU A 1 46  ? 13.404  -5.505  -12.211 0.80 39.20 ? 46  GLU A C   1 
ATOM   362  O O   . GLU A 1 46  ? 14.143  -4.841  -11.477 0.80 39.08 ? 46  GLU A O   1 
ATOM   363  C CB  . GLU A 1 46  ? 13.294  -3.797  -14.056 0.80 39.57 ? 46  GLU A CB  1 
ATOM   364  C CG  . GLU A 1 46  ? 14.243  -4.416  -15.089 0.70 39.64 ? 46  GLU A CG  1 
ATOM   365  C CD  . GLU A 1 46  ? 13.506  -5.152  -16.198 0.50 39.58 ? 46  GLU A CD  1 
ATOM   366  O OE1 . GLU A 1 46  ? 13.931  -6.275  -16.559 0.60 39.35 ? 46  GLU A OE1 1 
ATOM   367  O OE2 . GLU A 1 46  ? 12.501  -4.611  -16.705 0.50 39.64 ? 46  GLU A OE2 1 
ATOM   368  N N   . GLY A 1 47  ? 13.316  -6.832  -12.146 1.00 38.92 ? 47  GLY A N   1 
ATOM   369  C CA  . GLY A 1 47  ? 14.116  -7.624  -11.210 1.00 38.63 ? 47  GLY A CA  1 
ATOM   370  C C   . GLY A 1 47  ? 13.625  -7.547  -9.772  1.00 38.35 ? 47  GLY A C   1 
ATOM   371  O O   . GLY A 1 47  ? 12.449  -7.788  -9.489  1.00 38.08 ? 47  GLY A O   1 
ATOM   372  N N   . ASP A 1 48  ? 14.540  -7.231  -8.862  1.00 38.10 ? 48  ASP A N   1 
ATOM   373  C CA  . ASP A 1 48  ? 14.189  -6.981  -7.474  0.90 37.78 ? 48  ASP A CA  1 
ATOM   374  C C   . ASP A 1 48  ? 13.981  -5.491  -7.236  0.90 37.64 ? 48  ASP A C   1 
ATOM   375  O O   . ASP A 1 48  ? 13.771  -5.055  -6.102  1.00 37.47 ? 48  ASP A O   1 
ATOM   376  C CB  . ASP A 1 48  ? 15.282  -7.510  -6.543  0.90 38.20 ? 48  ASP A CB  1 
ATOM   377  C CG  . ASP A 1 48  ? 16.629  -6.842  -6.780  0.90 38.40 ? 48  ASP A CG  1 
ATOM   378  O OD1 . ASP A 1 48  ? 16.881  -6.387  -7.916  0.90 38.44 ? 48  ASP A OD1 1 
ATOM   379  O OD2 . ASP A 1 48  ? 17.440  -6.784  -5.828  0.90 38.69 ? 48  ASP A OD2 1 
ATOM   380  N N   . THR A 1 49  ? 14.051  -4.712  -8.319  1.00 37.47 ? 49  THR A N   1 
ATOM   381  C CA  . THR A 1 49  ? 13.878  -3.256  -8.249  0.90 36.70 ? 49  THR A CA  1 
ATOM   382  C C   . THR A 1 49  ? 12.453  -2.858  -8.597  0.90 36.04 ? 49  THR A C   1 
ATOM   383  O O   . THR A 1 49  ? 11.943  -3.199  -9.670  1.00 35.75 ? 49  THR A O   1 
ATOM   384  C CB  . THR A 1 49  ? 14.837  -2.525  -9.208  1.00 36.83 ? 49  THR A CB  1 
ATOM   385  O OG1 . THR A 1 49  ? 16.181  -2.975  -8.985  0.90 36.94 ? 49  THR A OG1 1 
ATOM   386  C CG2 . THR A 1 49  ? 14.762  -1.014  -8.988  1.00 36.94 ? 49  THR A CG2 1 
ATOM   387  N N   . PHE A 1 50  ? 11.816  -2.121  -7.693  0.90 35.43 ? 50  PHE A N   1 
ATOM   388  C CA  . PHE A 1 50  ? 10.432  -1.714  -7.886  1.00 34.92 ? 50  PHE A CA  1 
ATOM   389  C C   . PHE A 1 50  ? 10.232  -0.196  -7.836  1.00 34.90 ? 50  PHE A C   1 
ATOM   390  O O   . PHE A 1 50  ? 10.910  0.524   -7.081  1.00 34.37 ? 50  PHE A O   1 
ATOM   391  C CB  . PHE A 1 50  ? 9.520   -2.400  -6.869  1.00 34.57 ? 50  PHE A CB  1 
ATOM   392  C CG  . PHE A 1 50  ? 9.162   -3.808  -7.234  1.00 34.33 ? 50  PHE A CG  1 
ATOM   393  C CD1 . PHE A 1 50  ? 10.004  -4.860  -6.907  1.00 34.30 ? 50  PHE A CD1 1 
ATOM   394  C CD2 . PHE A 1 50  ? 7.981   -4.084  -7.907  1.00 34.32 ? 50  PHE A CD2 1 
ATOM   395  C CE1 . PHE A 1 50  ? 9.678   -6.164  -7.246  1.00 34.34 ? 50  PHE A CE1 1 
ATOM   396  C CE2 . PHE A 1 50  ? 7.647   -5.384  -8.246  1.00 34.49 ? 50  PHE A CE2 1 
ATOM   397  C CZ  . PHE A 1 50  ? 8.498   -6.427  -7.914  1.00 34.51 ? 50  PHE A CZ  1 
ATOM   398  N N   . TYR A 1 51  ? 9.304   0.276   -8.663  1.00 34.89 ? 51  TYR A N   1 
ATOM   399  C CA  . TYR A 1 51  ? 8.822   1.643   -8.605  1.00 34.51 ? 51  TYR A CA  1 
ATOM   400  C C   . TYR A 1 51  ? 7.307   1.620   -8.569  1.00 34.07 ? 51  TYR A C   1 
ATOM   401  O O   . TYR A 1 51  ? 6.658   1.072   -9.468  1.00 33.90 ? 51  TYR A O   1 
ATOM   402  C CB  . TYR A 1 51  ? 9.307   2.436   -9.825  1.00 35.17 ? 51  TYR A CB  1 
ATOM   403  C CG  . TYR A 1 51  ? 8.605   3.769   -10.010 1.00 35.33 ? 51  TYR A CG  1 
ATOM   404  C CD1 . TYR A 1 51  ? 8.984   4.887   -9.266  1.00 35.24 ? 51  TYR A CD1 1 
ATOM   405  C CD2 . TYR A 1 51  ? 7.560   3.911   -10.926 1.00 35.10 ? 51  TYR A CD2 1 
ATOM   406  C CE1 . TYR A 1 51  ? 8.341   6.108   -9.425  1.00 35.23 ? 51  TYR A CE1 1 
ATOM   407  C CE2 . TYR A 1 51  ? 6.913   5.125   -11.093 1.00 35.12 ? 51  TYR A CE2 1 
ATOM   408  C CZ  . TYR A 1 51  ? 7.311   6.222   -10.340 1.00 35.31 ? 51  TYR A CZ  1 
ATOM   409  O OH  . TYR A 1 51  ? 6.677   7.430   -10.503 1.00 35.62 ? 51  TYR A OH  1 
ATOM   410  N N   . ILE A 1 52  ? 6.740   2.187   -7.516  1.00 33.63 ? 52  ILE A N   1 
ATOM   411  C CA  . ILE A 1 52  ? 5.298   2.210   -7.365  1.00 33.41 ? 52  ILE A CA  1 
ATOM   412  C C   . ILE A 1 52  ? 4.826   3.619   -7.080  1.00 33.20 ? 52  ILE A C   1 
ATOM   413  O O   . ILE A 1 52  ? 5.364   4.304   -6.200  1.00 32.42 ? 52  ILE A O   1 
ATOM   414  C CB  . ILE A 1 52  ? 4.821   1.243   -6.250  1.00 33.34 ? 52  ILE A CB  1 
ATOM   415  C CG1 . ILE A 1 52  ? 5.281   -0.188  -6.560  1.00 33.65 ? 52  ILE A CG1 1 
ATOM   416  C CG2 . ILE A 1 52  ? 3.308   1.288   -6.114  1.00 32.93 ? 52  ILE A CG2 1 
ATOM   417  C CD1 . ILE A 1 52  ? 5.170   -1.148  -5.387  1.00 33.73 ? 52  ILE A CD1 1 
ATOM   418  N N   . LYS A 1 53  ? 3.851   4.073   -7.864  1.00 33.51 ? 53  LYS A N   1 
ATOM   419  C CA  . LYS A 1 53  ? 3.261   5.386   -7.656  1.00 34.03 ? 53  LYS A CA  1 
ATOM   420  C C   . LYS A 1 53  ? 1.791   5.273   -7.306  1.00 33.78 ? 53  LYS A C   1 
ATOM   421  O O   . LYS A 1 53  ? 1.048   4.528   -7.938  1.00 33.39 ? 53  LYS A O   1 
ATOM   422  C CB  . LYS A 1 53  ? 3.441   6.277   -8.890  1.00 34.42 ? 53  LYS A CB  1 
ATOM   423  C CG  . LYS A 1 53  ? 3.297   7.779   -8.597  1.00 34.50 ? 53  LYS A CG  1 
ATOM   424  C CD  . LYS A 1 53  ? 2.849   8.551   -9.829  1.00 34.40 ? 53  LYS A CD  1 
ATOM   425  C CE  . LYS A 1 53  ? 3.644   8.144   -11.051 1.00 34.64 ? 53  LYS A CE  1 
ATOM   426  N NZ  . LYS A 1 53  ? 3.305   8.976   -12.231 1.00 35.18 ? 53  LYS A NZ  1 
ATOM   427  N N   . THR A 1 54  ? 1.384   6.023   -6.288  1.00 34.10 ? 54  THR A N   1 
ATOM   428  C CA  . THR A 1 54  ? 0.010   6.040   -5.831  1.00 34.35 ? 54  THR A CA  1 
ATOM   429  C C   . THR A 1 54  ? -0.514  7.462   -5.899  1.00 34.86 ? 54  THR A C   1 
ATOM   430  O O   . THR A 1 54  ? 0.009   8.348   -5.230  1.00 34.83 ? 54  THR A O   1 
ATOM   431  C CB  . THR A 1 54  ? -0.080  5.566   -4.371  1.00 34.36 ? 54  THR A CB  1 
ATOM   432  O OG1 . THR A 1 54  ? 0.847   4.492   -4.152  1.00 34.37 ? 54  THR A OG1 1 
ATOM   433  C CG2 . THR A 1 54  ? -1.485  5.109   -4.045  1.00 34.32 ? 54  THR A CG2 1 
ATOM   434  N N   . SER A 1 55  ? -1.546  7.684   -6.704  1.00 35.62 ? 55  SER A N   1 
ATOM   435  C CA  . SER A 1 55  ? -2.048  9.037   -6.919  1.00 36.77 ? 55  SER A CA  1 
ATOM   436  C C   . SER A 1 55  ? -3.530  9.179   -6.624  1.00 37.35 ? 55  SER A C   1 
ATOM   437  O O   . SER A 1 55  ? -4.360  8.491   -7.218  1.00 37.71 ? 55  SER A O   1 
ATOM   438  C CB  . SER A 1 55  ? -1.763  9.495   -8.347  1.00 37.12 ? 55  SER A CB  1 
ATOM   439  O OG  . SER A 1 55  ? -0.412  9.879   -8.490  0.90 37.92 ? 55  SER A OG  1 
ATOM   440  N N   . THR A 1 56  ? -3.856  10.100  -5.721  1.00 37.82 ? 56  THR A N   1 
ATOM   441  C CA  . THR A 1 56  ? -5.241  10.489  -5.477  1.00 38.32 ? 56  THR A CA  1 
ATOM   442  C C   . THR A 1 56  ? -5.555  11.858  -6.124  1.00 38.76 ? 56  THR A C   1 
ATOM   443  O O   . THR A 1 56  ? -4.935  12.231  -7.121  1.00 39.25 ? 56  THR A O   1 
ATOM   444  C CB  . THR A 1 56  ? -5.548  10.520  -3.983  1.00 38.16 ? 56  THR A CB  1 
ATOM   445  O OG1 . THR A 1 56  ? -4.729  11.507  -3.346  1.00 38.31 ? 56  THR A OG1 1 
ATOM   446  C CG2 . THR A 1 56  ? -5.257  9.169   -3.369  1.00 38.06 ? 56  THR A CG2 1 
ATOM   447  N N   . THR A 1 57  ? -6.511  12.597  -5.554  1.00 38.91 ? 57  THR A N   1 
ATOM   448  C CA  . THR A 1 57  ? -6.990  13.853  -6.173  1.00 38.66 ? 57  THR A CA  1 
ATOM   449  C C   . THR A 1 57  ? -5.913  14.945  -6.228  1.00 38.40 ? 57  THR A C   1 
ATOM   450  O O   . THR A 1 57  ? -5.726  15.594  -7.260  1.00 38.67 ? 57  THR A O   1 
ATOM   451  C CB  . THR A 1 57  ? -8.266  14.419  -5.464  1.00 38.79 ? 57  THR A CB  1 
ATOM   452  O OG1 . THR A 1 57  ? -8.167  14.222  -4.043  0.70 38.79 ? 57  THR A OG1 1 
ATOM   453  C CG2 . THR A 1 57  ? -9.527  13.737  -5.989  1.00 38.47 ? 57  THR A CG2 1 
ATOM   454  N N   . VAL A 1 58  ? -5.211  15.139  -5.116  1.00 37.64 ? 58  VAL A N   1 
ATOM   455  C CA  . VAL A 1 58  ? -4.256  16.231  -4.999  1.00 36.74 ? 58  VAL A CA  1 
ATOM   456  C C   . VAL A 1 58  ? -2.924  15.777  -4.396  1.00 36.53 ? 58  VAL A C   1 
ATOM   457  O O   . VAL A 1 58  ? -2.091  16.606  -4.010  1.00 36.70 ? 58  VAL A O   1 
ATOM   458  C CB  . VAL A 1 58  ? -4.825  17.375  -4.144  1.00 36.64 ? 58  VAL A CB  1 
ATOM   459  C CG1 . VAL A 1 58  ? -6.001  18.027  -4.853  1.00 36.75 ? 58  VAL A CG1 1 
ATOM   460  C CG2 . VAL A 1 58  ? -5.236  16.861  -2.763  1.00 36.06 ? 58  VAL A CG2 1 
ATOM   461  N N   . TRP A 1 59  ? -2.728  14.462  -4.312  1.00 35.62 ? 59  TRP A N   1 
ATOM   462  C CA  . TRP A 1 59  ? -1.530  13.906  -3.688  1.00 34.63 ? 59  TRP A CA  1 
ATOM   463  C C   . TRP A 1 59  ? -0.969  12.763  -4.527  1.00 34.99 ? 59  TRP A C   1 
ATOM   464  O O   . TRP A 1 59  ? -1.717  12.068  -5.220  1.00 35.25 ? 59  TRP A O   1 
ATOM   465  C CB  . TRP A 1 59  ? -1.855  13.415  -2.279  1.00 33.39 ? 59  TRP A CB  1 
ATOM   466  C CG  . TRP A 1 59  ? -0.664  13.302  -1.368  1.00 32.96 ? 59  TRP A CG  1 
ATOM   467  C CD1 . TRP A 1 59  ? 0.199   12.251  -1.276  1.00 32.90 ? 59  TRP A CD1 1 
ATOM   468  C CD2 . TRP A 1 59  ? -0.232  14.260  -0.395  1.00 32.69 ? 59  TRP A CD2 1 
ATOM   469  N NE1 . TRP A 1 59  ? 1.151   12.500  -0.317  1.00 32.70 ? 59  TRP A NE1 1 
ATOM   470  C CE2 . TRP A 1 59  ? 0.910   13.727  0.240   1.00 32.73 ? 59  TRP A CE2 1 
ATOM   471  C CE3 . TRP A 1 59  ? -0.691  15.521  -0.006  1.00 32.59 ? 59  TRP A CE3 1 
ATOM   472  C CZ2 . TRP A 1 59  ? 1.601   14.412  1.244   1.00 32.93 ? 59  TRP A CZ2 1 
ATOM   473  C CZ3 . TRP A 1 59  ? -0.005  16.200  0.995   1.00 32.87 ? 59  TRP A CZ3 1 
ATOM   474  C CH2 . TRP A 1 59  ? 1.129   15.642  1.607   1.00 32.90 ? 59  TRP A CH2 1 
ATOM   475  N N   . THR A 1 60  ? 0.356   12.597  -4.500  1.00 35.17 ? 60  THR A N   1 
ATOM   476  C CA  . THR A 1 60  ? 0.983   11.396  -5.051  1.00 35.40 ? 60  THR A CA  1 
ATOM   477  C C   . THR A 1 60  ? 2.144   10.915  -4.188  1.00 35.36 ? 60  THR A C   1 
ATOM   478  O O   . THR A 1 60  ? 2.875   11.716  -3.593  1.00 35.12 ? 60  THR A O   1 
ATOM   479  C CB  . THR A 1 60  ? 1.492   11.587  -6.503  1.00 35.68 ? 60  THR A CB  1 
ATOM   480  O OG1 . THR A 1 60  ? 2.848   12.041  -6.479  1.00 36.41 ? 60  THR A OG1 1 
ATOM   481  C CG2 . THR A 1 60  ? 0.635   12.572  -7.263  1.00 36.01 ? 60  THR A CG2 1 
ATOM   482  N N   . THR A 1 61  ? 2.309   9.593   -4.143  1.00 35.39 ? 61  THR A N   1 
ATOM   483  C CA  . THR A 1 61  ? 3.402   8.969   -3.427  1.00 35.10 ? 61  THR A CA  1 
ATOM   484  C C   . THR A 1 61  ? 4.234   8.120   -4.381  1.00 35.32 ? 61  THR A C   1 
ATOM   485  O O   . THR A 1 61  ? 3.692   7.315   -5.147  1.00 35.46 ? 61  THR A O   1 
ATOM   486  C CB  . THR A 1 61  ? 2.879   8.073   -2.317  1.00 34.91 ? 61  THR A CB  1 
ATOM   487  O OG1 . THR A 1 61  ? 1.658   8.618   -1.798  1.00 34.96 ? 61  THR A OG1 1 
ATOM   488  C CG2 . THR A 1 61  ? 3.896   7.969   -1.207  1.00 35.19 ? 61  THR A CG2 1 
ATOM   489  N N   . GLU A 1 62  ? 5.548   8.317   -4.351  1.00 35.18 ? 62  GLU A N   1 
ATOM   490  C CA  . GLU A 1 62  ? 6.456   7.487   -5.133  1.00 35.35 ? 62  GLU A CA  1 
ATOM   491  C C   . GLU A 1 62  ? 7.397   6.758   -4.207  1.00 34.94 ? 62  GLU A C   1 
ATOM   492  O O   . GLU A 1 62  ? 8.005   7.368   -3.314  1.00 34.51 ? 62  GLU A O   1 
ATOM   493  C CB  . GLU A 1 62  ? 7.269   8.333   -6.115  1.00 35.67 ? 62  GLU A CB  1 
ATOM   494  C CG  . GLU A 1 62  ? 6.449   9.046   -7.175  1.00 36.22 ? 62  GLU A CG  1 
ATOM   495  C CD  . GLU A 1 62  ? 7.306   9.919   -8.073  1.00 36.24 ? 62  GLU A CD  1 
ATOM   496  O OE1 . GLU A 1 62  ? 8.159   9.368   -8.803  0.90 36.51 ? 62  GLU A OE1 1 
ATOM   497  O OE2 . GLU A 1 62  ? 7.133   11.156  -8.040  1.00 36.94 ? 62  GLU A OE2 1 
ATOM   498  N N   . ILE A 1 63  ? 7.510   5.448   -4.406  1.00 34.56 ? 63  ILE A N   1 
ATOM   499  C CA  . ILE A 1 63  ? 8.483   4.655   -3.670  1.00 33.98 ? 63  ILE A CA  1 
ATOM   500  C C   . ILE A 1 63  ? 9.368   3.857   -4.617  1.00 33.96 ? 63  ILE A C   1 
ATOM   501  O O   . ILE A 1 63  ? 8.920   3.404   -5.676  1.00 33.99 ? 63  ILE A O   1 
ATOM   502  C CB  . ILE A 1 63  ? 7.810   3.714   -2.629  1.00 33.92 ? 63  ILE A CB  1 
ATOM   503  C CG1 . ILE A 1 63  ? 7.028   2.593   -3.325  1.00 33.84 ? 63  ILE A CG1 1 
ATOM   504  C CG2 . ILE A 1 63  ? 6.912   4.514   -1.683  1.00 33.72 ? 63  ILE A CG2 1 
ATOM   505  C CD1 . ILE A 1 63  ? 6.435   1.571   -2.368  1.00 33.58 ? 63  ILE A CD1 1 
ATOM   506  N N   . ASN A 1 64  ? 10.638  3.735   -4.248  1.00 34.13 ? 64  ASN A N   1 
ATOM   507  C CA  . ASN A 1 64  ? 11.611  2.974   -5.018  1.00 34.35 ? 64  ASN A CA  1 
ATOM   508  C C   . ASN A 1 64  ? 12.333  2.028   -4.088  1.00 34.19 ? 64  ASN A C   1 
ATOM   509  O O   . ASN A 1 64  ? 12.949  2.466   -3.115  1.00 34.16 ? 64  ASN A O   1 
ATOM   510  C CB  . ASN A 1 64  ? 12.636  3.913   -5.666  0.90 34.79 ? 64  ASN A CB  1 
ATOM   511  C CG  . ASN A 1 64  ? 12.076  4.657   -6.854  0.90 34.98 ? 64  ASN A CG  1 
ATOM   512  O OD1 . ASN A 1 64  ? 11.826  4.069   -7.909  0.90 35.34 ? 64  ASN A OD1 1 
ATOM   513  N ND2 . ASN A 1 64  ? 11.896  5.967   -6.701  0.90 34.88 ? 64  ASN A ND2 1 
ATOM   514  N N   . PHE A 1 65  ? 12.258  0.733   -4.374  1.00 34.08 ? 65  PHE A N   1 
ATOM   515  C CA  . PHE A 1 65  ? 12.879  -0.262  -3.500  1.00 34.09 ? 65  PHE A CA  1 
ATOM   516  C C   . PHE A 1 65  ? 13.444  -1.443  -4.262  1.00 34.36 ? 65  PHE A C   1 
ATOM   517  O O   . PHE A 1 65  ? 12.999  -1.757  -5.371  1.00 34.38 ? 65  PHE A O   1 
ATOM   518  C CB  . PHE A 1 65  ? 11.890  -0.745  -2.421  1.00 33.17 ? 65  PHE A CB  1 
ATOM   519  C CG  . PHE A 1 65  ? 10.692  -1.481  -2.971  1.00 32.96 ? 65  PHE A CG  1 
ATOM   520  C CD1 . PHE A 1 65  ? 10.788  -2.817  -3.344  1.00 32.53 ? 65  PHE A CD1 1 
ATOM   521  C CD2 . PHE A 1 65  ? 9.467   -0.838  -3.105  1.00 32.90 ? 65  PHE A CD2 1 
ATOM   522  C CE1 . PHE A 1 65  ? 9.692   -3.493  -3.849  1.00 32.46 ? 65  PHE A CE1 1 
ATOM   523  C CE2 . PHE A 1 65  ? 8.363   -1.512  -3.620  1.00 32.74 ? 65  PHE A CE2 1 
ATOM   524  C CZ  . PHE A 1 65  ? 8.476   -2.840  -3.987  1.00 32.64 ? 65  PHE A CZ  1 
ATOM   525  N N   . LYS A 1 66  ? 14.449  -2.081  -3.669  1.00 34.74 ? 66  LYS A N   1 
ATOM   526  C CA  . LYS A 1 66  ? 14.857  -3.414  -4.081  1.00 35.43 ? 66  LYS A CA  1 
ATOM   527  C C   . LYS A 1 66  ? 14.404  -4.434  -3.034  1.00 35.67 ? 66  LYS A C   1 
ATOM   528  O O   . LYS A 1 66  ? 14.509  -4.183  -1.827  1.00 36.04 ? 66  LYS A O   1 
ATOM   529  C CB  . LYS A 1 66  ? 16.375  -3.482  -4.259  1.00 35.73 ? 66  LYS A CB  1 
ATOM   530  C CG  . LYS A 1 66  ? 16.872  -3.049  -5.632  1.00 36.00 ? 66  LYS A CG  1 
ATOM   531  C CD  . LYS A 1 66  ? 18.400  -3.052  -5.689  0.70 35.83 ? 66  LYS A CD  1 
ATOM   532  C CE  . LYS A 1 66  ? 18.912  -2.604  -7.056  0.60 35.92 ? 66  LYS A CE  1 
ATOM   533  N NZ  . LYS A 1 66  ? 18.596  -1.176  -7.338  0.60 35.77 ? 66  LYS A NZ  1 
ATOM   534  N N   . VAL A 1 67  ? 13.884  -5.569  -3.495  1.00 35.43 ? 67  VAL A N   1 
ATOM   535  C CA  . VAL A 1 67  ? 13.516  -6.658  -2.594  1.00 35.36 ? 67  VAL A CA  1 
ATOM   536  C C   . VAL A 1 67  ? 14.728  -7.122  -1.796  1.00 35.86 ? 67  VAL A C   1 
ATOM   537  O O   . VAL A 1 67  ? 15.694  -7.636  -2.361  1.00 36.32 ? 67  VAL A O   1 
ATOM   538  C CB  . VAL A 1 67  ? 12.938  -7.857  -3.357  1.00 34.99 ? 67  VAL A CB  1 
ATOM   539  C CG1 . VAL A 1 67  ? 12.755  -9.034  -2.423  1.00 34.53 ? 67  VAL A CG1 1 
ATOM   540  C CG2 . VAL A 1 67  ? 11.619  -7.482  -4.023  1.00 34.74 ? 67  VAL A CG2 1 
ATOM   541  N N   . GLY A 1 68  ? 14.678  -6.927  -0.483  1.00 36.17 ? 68  GLY A N   1 
ATOM   542  C CA  . GLY A 1 68  ? 15.793  -7.276  0.383   1.00 36.65 ? 68  GLY A CA  1 
ATOM   543  C C   . GLY A 1 68  ? 16.517  -6.053  0.904   1.00 37.33 ? 68  GLY A C   1 
ATOM   544  O O   . GLY A 1 68  ? 17.085  -6.072  1.993   1.00 37.76 ? 68  GLY A O   1 
ATOM   545  N N   . GLU A 1 69  ? 16.495  -4.980  0.125   1.00 37.88 ? 69  GLU A N   1 
ATOM   546  C CA  . GLU A 1 69  ? 17.171  -3.752  0.513   1.00 38.04 ? 69  GLU A CA  1 
ATOM   547  C C   . GLU A 1 69  ? 16.232  -2.843  1.292   1.00 38.18 ? 69  GLU A C   1 
ATOM   548  O O   . GLU A 1 69  ? 15.179  -2.441  0.792   0.90 38.19 ? 69  GLU A O   1 
ATOM   549  C CB  . GLU A 1 69  ? 17.721  -3.028  -0.720  1.00 38.21 ? 69  GLU A CB  1 
ATOM   550  C CG  . GLU A 1 69  ? 18.772  -1.972  -0.409  0.70 38.08 ? 69  GLU A CG  1 
ATOM   551  C CD  . GLU A 1 69  ? 19.332  -1.324  -1.658  0.60 37.98 ? 69  GLU A CD  1 
ATOM   552  O OE1 . GLU A 1 69  ? 18.583  -1.183  -2.648  0.60 37.74 ? 69  GLU A OE1 1 
ATOM   553  O OE2 . GLU A 1 69  ? 20.523  -0.953  -1.651  0.60 38.15 ? 69  GLU A OE2 1 
ATOM   554  N N   . GLU A 1 70  ? 16.610  -2.535  2.525   1.00 38.50 ? 70  GLU A N   1 
ATOM   555  C CA  . GLU A 1 70  ? 15.829  -1.646  3.367   1.00 39.25 ? 70  GLU A CA  1 
ATOM   556  C C   . GLU A 1 70  ? 15.750  -0.257  2.750   1.00 39.96 ? 70  GLU A C   1 
ATOM   557  O O   . GLU A 1 70  ? 16.698  0.198   2.106   1.00 40.37 ? 70  GLU A O   1 
ATOM   558  C CB  . GLU A 1 70  ? 16.448  -1.563  4.762   1.00 39.25 ? 70  GLU A CB  1 
ATOM   559  C CG  . GLU A 1 70  ? 15.697  -0.669  5.728   0.80 39.61 ? 70  GLU A CG  1 
ATOM   560  C CD  . GLU A 1 70  ? 16.334  -0.637  7.101   0.70 40.07 ? 70  GLU A CD  1 
ATOM   561  O OE1 . GLU A 1 70  ? 15.997  0.267   7.897   0.70 40.36 ? 70  GLU A OE1 1 
ATOM   562  O OE2 . GLU A 1 70  ? 17.176  -1.516  7.385   0.60 40.22 ? 70  GLU A OE2 1 
ATOM   563  N N   . PHE A 1 71  ? 14.614  0.414   2.941   1.00 40.61 ? 71  PHE A N   1 
ATOM   564  C CA  . PHE A 1 71  ? 14.433  1.773   2.426   1.00 41.02 ? 71  PHE A CA  1 
ATOM   565  C C   . PHE A 1 71  ? 13.518  2.635   3.305   1.00 40.80 ? 71  PHE A C   1 
ATOM   566  O O   . PHE A 1 71  ? 12.768  2.120   4.131   1.00 40.87 ? 71  PHE A O   1 
ATOM   567  C CB  . PHE A 1 71  ? 13.928  1.745   0.977   1.00 41.51 ? 71  PHE A CB  1 
ATOM   568  C CG  . PHE A 1 71  ? 12.575  1.117   0.814   1.00 41.75 ? 71  PHE A CG  1 
ATOM   569  C CD1 . PHE A 1 71  ? 12.445  -0.259  0.691   1.00 42.14 ? 71  PHE A CD1 1 
ATOM   570  C CD2 . PHE A 1 71  ? 11.432  1.903   0.757   1.00 41.88 ? 71  PHE A CD2 1 
ATOM   571  C CE1 . PHE A 1 71  ? 11.194  -0.842  0.531   1.00 42.18 ? 71  PHE A CE1 1 
ATOM   572  C CE2 . PHE A 1 71  ? 10.178  1.329   0.593   1.00 41.89 ? 71  PHE A CE2 1 
ATOM   573  C CZ  . PHE A 1 71  ? 10.060  -0.044  0.477   1.00 42.02 ? 71  PHE A CZ  1 
ATOM   574  N N   . GLU A 1 72  ? 13.606  3.950   3.131   0.90 40.77 ? 72  GLU A N   1 
ATOM   575  C CA  . GLU A 1 72  ? 12.754  4.879   3.857   0.90 40.88 ? 72  GLU A CA  1 
ATOM   576  C C   . GLU A 1 72  ? 11.489  5.142   3.056   1.00 40.93 ? 72  GLU A C   1 
ATOM   577  O O   . GLU A 1 72  ? 11.474  4.965   1.841   1.00 40.91 ? 72  GLU A O   1 
ATOM   578  C CB  . GLU A 1 72  ? 13.491  6.189   4.122   0.90 41.04 ? 72  GLU A CB  1 
ATOM   579  C CG  . GLU A 1 72  ? 13.237  6.778   5.500   0.80 41.24 ? 72  GLU A CG  1 
ATOM   580  C CD  . GLU A 1 72  ? 13.922  8.119   5.698   0.50 41.22 ? 72  GLU A CD  1 
ATOM   581  O OE1 . GLU A 1 72  ? 15.075  8.135   6.186   0.50 41.28 ? 72  GLU A OE1 1 
ATOM   582  O OE2 . GLU A 1 72  ? 13.310  9.153   5.359   0.50 41.26 ? 72  GLU A OE2 1 
ATOM   583  N N   . GLU A 1 73  ? 10.431  5.567   3.739   1.00 41.24 ? 73  GLU A N   1 
ATOM   584  C CA  . GLU A 1 73  ? 9.096   5.600   3.146   1.00 41.55 ? 73  GLU A CA  1 
ATOM   585  C C   . GLU A 1 73  ? 8.100   6.220   4.121   1.00 41.45 ? 73  GLU A C   1 
ATOM   586  O O   . GLU A 1 73  ? 8.488   6.735   5.171   1.00 41.99 ? 73  GLU A O   1 
ATOM   587  C CB  . GLU A 1 73  ? 8.659   4.178   2.777   1.00 41.79 ? 73  GLU A CB  1 
ATOM   588  C CG  . GLU A 1 73  ? 7.280   4.061   2.149   1.00 42.41 ? 73  GLU A CG  1 
ATOM   589  C CD  . GLU A 1 73  ? 6.780   2.616   2.100   1.00 42.55 ? 73  GLU A CD  1 
ATOM   590  O OE1 . GLU A 1 73  ? 5.959   2.295   1.214   1.00 43.39 ? 73  GLU A OE1 1 
ATOM   591  O OE2 . GLU A 1 73  ? 7.211   1.804   2.948   1.00 42.78 ? 73  GLU A OE2 1 
ATOM   592  N N   . GLN A 1 74  ? 6.821   6.182   3.769   1.00 41.20 ? 74  GLN A N   1 
ATOM   593  C CA  . GLN A 1 74  ? 5.771   6.620   4.675   1.00 41.20 ? 74  GLN A CA  1 
ATOM   594  C C   . GLN A 1 74  ? 4.740   5.514   4.880   1.00 41.30 ? 74  GLN A C   1 
ATOM   595  O O   . GLN A 1 74  ? 4.481   4.717   3.973   1.00 41.53 ? 74  GLN A O   1 
ATOM   596  C CB  . GLN A 1 74  ? 5.080   7.871   4.134   1.00 41.34 ? 74  GLN A CB  1 
ATOM   597  C CG  . GLN A 1 74  ? 5.990   9.066   3.940   1.00 41.48 ? 74  GLN A CG  1 
ATOM   598  C CD  . GLN A 1 74  ? 5.262   10.256  3.324   0.70 41.58 ? 74  GLN A CD  1 
ATOM   599  O OE1 . GLN A 1 74  ? 4.342   10.091  2.516   0.70 41.63 ? 74  GLN A OE1 1 
ATOM   600  N NE2 . GLN A 1 74  ? 5.673   11.463  3.703   0.70 41.77 ? 74  GLN A NE2 1 
ATOM   601  N N   . THR A 1 75  ? 4.153   5.471   6.074   1.00 41.16 ? 75  THR A N   1 
ATOM   602  C CA  . THR A 1 75  ? 3.018   4.594   6.338   1.00 41.11 ? 75  THR A CA  1 
ATOM   603  C C   . THR A 1 75  ? 1.811   5.038   5.513   1.00 41.67 ? 75  THR A C   1 
ATOM   604  O O   . THR A 1 75  ? 1.929   5.905   4.645   1.00 42.16 ? 75  THR A O   1 
ATOM   605  C CB  . THR A 1 75  ? 2.644   4.592   7.831   1.00 40.72 ? 75  THR A CB  1 
ATOM   606  O OG1 . THR A 1 75  ? 2.354   5.927   8.254   1.00 40.45 ? 75  THR A OG1 1 
ATOM   607  C CG2 . THR A 1 75  ? 3.784   4.051   8.662   1.00 40.58 ? 75  THR A CG2 1 
ATOM   608  N N   . VAL A 1 76  ? 0.654   4.446   5.778   1.00 41.93 ? 76  VAL A N   1 
ATOM   609  C CA  . VAL A 1 76  ? -0.554  4.842   5.077   1.00 42.14 ? 76  VAL A CA  1 
ATOM   610  C C   . VAL A 1 76  ? -1.019  6.214   5.548   1.00 42.29 ? 76  VAL A C   1 
ATOM   611  O O   . VAL A 1 76  ? -1.452  7.043   4.744   1.00 42.60 ? 76  VAL A O   1 
ATOM   612  C CB  . VAL A 1 76  ? -1.686  3.818   5.254   1.00 42.27 ? 76  VAL A CB  1 
ATOM   613  C CG1 . VAL A 1 76  ? -2.852  4.155   4.334   1.00 42.41 ? 76  VAL A CG1 1 
ATOM   614  C CG2 . VAL A 1 76  ? -1.178  2.428   4.962   1.00 42.59 ? 76  VAL A CG2 1 
ATOM   615  N N   . ASP A 1 77  ? -0.904  6.461   6.850   1.00 42.41 ? 77  ASP A N   1 
ATOM   616  C CA  . ASP A 1 77  ? -1.282  7.757   7.412   1.00 42.63 ? 77  ASP A CA  1 
ATOM   617  C C   . ASP A 1 77  ? -0.157  8.784   7.287   1.00 42.56 ? 77  ASP A C   1 
ATOM   618  O O   . ASP A 1 77  ? -0.242  9.883   7.834   1.00 42.52 ? 77  ASP A O   1 
ATOM   619  C CB  . ASP A 1 77  ? -1.750  7.620   8.874   1.00 42.94 ? 77  ASP A CB  1 
ATOM   620  C CG  . ASP A 1 77  ? -0.652  7.104   9.806   1.00 43.11 ? 77  ASP A CG  1 
ATOM   621  O OD1 . ASP A 1 77  ? 0.326   6.492   9.317   1.00 43.16 ? 77  ASP A OD1 1 
ATOM   622  O OD2 . ASP A 1 77  ? -0.781  7.302   11.033  1.00 43.10 ? 77  ASP A OD2 1 
ATOM   623  N N   . GLY A 1 78  ? 0.891   8.416   6.556   1.00 42.58 ? 78  GLY A N   1 
ATOM   624  C CA  . GLY A 1 78  ? 1.964   9.345   6.225   1.00 42.95 ? 78  GLY A CA  1 
ATOM   625  C C   . GLY A 1 78  ? 2.902   9.648   7.380   1.00 43.24 ? 78  GLY A C   1 
ATOM   626  O O   . GLY A 1 78  ? 3.204   10.807  7.655   1.00 43.71 ? 78  GLY A O   1 
ATOM   627  N N   . ARG A 1 79  ? 3.364   8.606   8.057   1.00 43.25 ? 79  ARG A N   1 
ATOM   628  C CA  . ARG A 1 79  ? 4.397   8.759   9.071   1.00 43.05 ? 79  ARG A CA  1 
ATOM   629  C C   . ARG A 1 79  ? 5.697   8.143   8.570   1.00 43.09 ? 79  ARG A C   1 
ATOM   630  O O   . ARG A 1 79  ? 5.694   7.027   8.045   1.00 43.25 ? 79  ARG A O   1 
ATOM   631  C CB  . ARG A 1 79  ? 3.966   8.098   10.377  1.00 43.07 ? 79  ARG A CB  1 
ATOM   632  C CG  . ARG A 1 79  ? 2.717   8.700   10.988  0.90 43.23 ? 79  ARG A CG  1 
ATOM   633  C CD  . ARG A 1 79  ? 2.198   7.849   12.133  0.90 43.55 ? 79  ARG A CD  1 
ATOM   634  N NE  . ARG A 1 79  ? 3.078   7.901   13.300  0.90 43.97 ? 79  ARG A NE  1 
ATOM   635  C CZ  . ARG A 1 79  ? 2.855   7.239   14.433  0.80 44.19 ? 79  ARG A CZ  1 
ATOM   636  N NH1 . ARG A 1 79  ? 1.778   6.468   14.556  0.80 44.24 ? 79  ARG A NH1 1 
ATOM   637  N NH2 . ARG A 1 79  ? 3.711   7.345   15.444  0.80 44.24 ? 79  ARG A NH2 1 
ATOM   638  N N   . PRO A 1 80  ? 6.815   8.881   8.714   1.00 42.90 ? 80  PRO A N   1 
ATOM   639  C CA  . PRO A 1 80  ? 8.111   8.426   8.205   1.00 42.44 ? 80  PRO A CA  1 
ATOM   640  C C   . PRO A 1 80  ? 8.546   7.118   8.865   1.00 42.00 ? 80  PRO A C   1 
ATOM   641  O O   . PRO A 1 80  ? 8.436   6.975   10.090  1.00 42.04 ? 80  PRO A O   1 
ATOM   642  C CB  . PRO A 1 80  ? 9.064   9.567   8.599   1.00 42.68 ? 80  PRO A CB  1 
ATOM   643  C CG  . PRO A 1 80  ? 8.358   10.300  9.706   1.00 42.77 ? 80  PRO A CG  1 
ATOM   644  C CD  . PRO A 1 80  ? 6.908   10.192  9.382   1.00 42.88 ? 80  PRO A CD  1 
ATOM   645  N N   . CYS A 1 81  ? 9.036   6.174   8.057   1.00 41.19 ? 81  CYS A N   1 
ATOM   646  C CA  . CYS A 1 81  ? 9.386   4.842   8.551   1.00 40.50 ? 81  CYS A CA  1 
ATOM   647  C C   . CYS A 1 81  ? 10.406  4.141   7.653   1.00 39.73 ? 81  CYS A C   1 
ATOM   648  O O   . CYS A 1 81  ? 10.586  4.516   6.497   1.00 39.53 ? 81  CYS A O   1 
ATOM   649  C CB  . CYS A 1 81  ? 8.138   3.982   8.650   1.00 40.86 ? 81  CYS A CB  1 
ATOM   650  S SG  . CYS A 1 81  ? 7.500   3.479   7.044   1.00 41.55 ? 81  CYS A SG  1 
ATOM   651  N N   . LYS A 1 82  ? 11.057  3.111   8.197   1.00 39.13 ? 82  LYS A N   1 
ATOM   652  C CA  . LYS A 1 82  ? 11.952  2.239   7.418   1.00 38.43 ? 82  LYS A CA  1 
ATOM   653  C C   . LYS A 1 82  ? 11.195  0.988   6.980   1.00 37.40 ? 82  LYS A C   1 
ATOM   654  O O   . LYS A 1 82  ? 10.408  0.437   7.743   1.00 37.60 ? 82  LYS A O   1 
ATOM   655  C CB  . LYS A 1 82  ? 13.180  1.828   8.255   1.00 38.85 ? 82  LYS A CB  1 
ATOM   656  C CG  . LYS A 1 82  ? 13.892  2.983   8.986   0.70 39.19 ? 82  LYS A CG  1 
ATOM   657  C CD  . LYS A 1 82  ? 15.248  3.335   8.341   0.70 39.45 ? 82  LYS A CD  1 
ATOM   658  C CE  . LYS A 1 82  ? 15.118  4.464   7.317   0.70 39.39 ? 82  LYS A CE  1 
ATOM   659  N NZ  . LYS A 1 82  ? 16.420  4.790   6.669   0.80 39.20 ? 82  LYS A NZ  1 
ATOM   660  N N   . SER A 1 83  ? 11.448  0.533   5.759   1.00 36.12 ? 83  SER A N   1 
ATOM   661  C CA  . SER A 1 83  ? 10.701  -0.588  5.195   1.00 35.31 ? 83  SER A CA  1 
ATOM   662  C C   . SER A 1 83  ? 11.622  -1.635  4.592   1.00 35.12 ? 83  SER A C   1 
ATOM   663  O O   . SER A 1 83  ? 12.737  -1.330  4.184   1.00 35.52 ? 83  SER A O   1 
ATOM   664  C CB  . SER A 1 83  ? 9.718   -0.098  4.126   1.00 34.95 ? 83  SER A CB  1 
ATOM   665  O OG  . SER A 1 83  ? 8.607   0.555   4.703   1.00 34.40 ? 83  SER A OG  1 
ATOM   666  N N   . LEU A 1 84  ? 11.134  -2.869  4.506   1.00 34.48 ? 84  LEU A N   1 
ATOM   667  C CA  . LEU A 1 84  ? 11.900  -3.952  3.918   1.00 34.01 ? 84  LEU A CA  1 
ATOM   668  C C   . LEU A 1 84  ? 10.966  -4.954  3.249   1.00 33.43 ? 84  LEU A C   1 
ATOM   669  O O   . LEU A 1 84  ? 10.098  -5.525  3.898   1.00 34.29 ? 84  LEU A O   1 
ATOM   670  C CB  . LEU A 1 84  ? 12.740  -4.638  4.995   1.00 34.29 ? 84  LEU A CB  1 
ATOM   671  C CG  . LEU A 1 84  ? 13.605  -5.829  4.585   1.00 34.55 ? 84  LEU A CG  1 
ATOM   672  C CD1 . LEU A 1 84  ? 14.521  -5.465  3.430   1.00 34.45 ? 84  LEU A CD1 1 
ATOM   673  C CD2 . LEU A 1 84  ? 14.412  -6.329  5.782   1.00 34.59 ? 84  LEU A CD2 1 
ATOM   674  N N   . VAL A 1 85  ? 11.136  -5.156  1.950   1.00 32.50 ? 85  VAL A N   1 
ATOM   675  C CA  . VAL A 1 85  ? 10.215  -5.991  1.189   1.00 31.97 ? 85  VAL A CA  1 
ATOM   676  C C   . VAL A 1 85  ? 10.843  -7.324  0.821   1.00 32.07 ? 85  VAL A C   1 
ATOM   677  O O   . VAL A 1 85  ? 11.969  -7.369  0.339   1.00 32.47 ? 85  VAL A O   1 
ATOM   678  C CB  . VAL A 1 85  ? 9.739   -5.286  -0.098  1.00 31.71 ? 85  VAL A CB  1 
ATOM   679  C CG1 . VAL A 1 85  ? 8.947   -6.249  -0.977  1.00 31.43 ? 85  VAL A CG1 1 
ATOM   680  C CG2 . VAL A 1 85  ? 8.906   -4.070  0.246   1.00 31.66 ? 85  VAL A CG2 1 
ATOM   681  N N   . LYS A 1 86  ? 10.105  -8.410  1.044   1.00 31.96 ? 86  LYS A N   1 
ATOM   682  C CA  . LYS A 1 86  ? 10.563  -9.742  0.666   1.00 32.02 ? 86  LYS A CA  1 
ATOM   683  C C   . LYS A 1 86  ? 9.489   -10.518 -0.088  1.00 32.04 ? 86  LYS A C   1 
ATOM   684  O O   . LYS A 1 86  ? 8.314   -10.176 -0.034  1.00 32.01 ? 86  LYS A O   1 
ATOM   685  C CB  . LYS A 1 86  ? 11.005  -10.522 1.900   1.00 32.10 ? 86  LYS A CB  1 
ATOM   686  C CG  . LYS A 1 86  ? 12.330  -10.072 2.464   1.00 32.28 ? 86  LYS A CG  1 
ATOM   687  C CD  . LYS A 1 86  ? 12.509  -10.561 3.875   1.00 32.49 ? 86  LYS A CD  1 
ATOM   688  C CE  . LYS A 1 86  ? 13.702  -9.907  4.535   1.00 32.57 ? 86  LYS A CE  1 
ATOM   689  N NZ  . LYS A 1 86  ? 13.853  -10.374 5.942   1.00 32.83 ? 86  LYS A NZ  1 
ATOM   690  N N   . TRP A 1 87  ? 9.902   -11.563 -0.791  1.00 32.46 ? 87  TRP A N   1 
ATOM   691  C CA  . TRP A 1 87  ? 8.962   -12.406 -1.513  1.00 33.23 ? 87  TRP A CA  1 
ATOM   692  C C   . TRP A 1 87  ? 8.313   -13.422 -0.588  1.00 33.08 ? 87  TRP A C   1 
ATOM   693  O O   . TRP A 1 87  ? 8.907   -13.856 0.395   1.00 33.31 ? 87  TRP A O   1 
ATOM   694  C CB  . TRP A 1 87  ? 9.655   -13.126 -2.667  1.00 34.51 ? 87  TRP A CB  1 
ATOM   695  C CG  . TRP A 1 87  ? 10.102  -12.214 -3.757  1.00 35.03 ? 87  TRP A CG  1 
ATOM   696  C CD1 . TRP A 1 87  ? 11.354  -11.697 -3.931  1.00 35.08 ? 87  TRP A CD1 1 
ATOM   697  C CD2 . TRP A 1 87  ? 9.299   -11.700 -4.836  1.00 35.35 ? 87  TRP A CD2 1 
ATOM   698  N NE1 . TRP A 1 87  ? 11.384  -10.893 -5.051  1.00 35.47 ? 87  TRP A NE1 1 
ATOM   699  C CE2 . TRP A 1 87  ? 10.135  -10.878 -5.623  1.00 35.45 ? 87  TRP A CE2 1 
ATOM   700  C CE3 . TRP A 1 87  ? 7.955   -11.857 -5.211  1.00 35.39 ? 87  TRP A CE3 1 
ATOM   701  C CZ2 . TRP A 1 87  ? 9.674   -10.216 -6.770  1.00 35.14 ? 87  TRP A CZ2 1 
ATOM   702  C CZ3 . TRP A 1 87  ? 7.498   -11.196 -6.350  1.00 35.13 ? 87  TRP A CZ3 1 
ATOM   703  C CH2 . TRP A 1 87  ? 8.357   -10.386 -7.113  1.00 35.10 ? 87  TRP A CH2 1 
ATOM   704  N N   . GLU A 1 88  ? 7.090   -13.799 -0.913  1.00 32.56 ? 88  GLU A N   1 
ATOM   705  C CA  . GLU A 1 88  ? 6.379   -14.801 -0.165  1.00 32.32 ? 88  GLU A CA  1 
ATOM   706  C C   . GLU A 1 88  ? 6.092   -15.964 -1.098  1.00 32.56 ? 88  GLU A C   1 
ATOM   707  O O   . GLU A 1 88  ? 6.161   -17.124 -0.700  1.00 32.95 ? 88  GLU A O   1 
ATOM   708  C CB  . GLU A 1 88  ? 5.078   -14.211 0.390   1.00 32.61 ? 88  GLU A CB  1 
ATOM   709  C CG  . GLU A 1 88  ? 4.351   -15.092 1.382   0.70 32.50 ? 88  GLU A CG  1 
ATOM   710  C CD  . GLU A 1 88  ? 3.680   -14.294 2.483   0.60 32.37 ? 88  GLU A CD  1 
ATOM   711  O OE1 . GLU A 1 88  ? 4.402   -13.735 3.337   0.50 32.14 ? 88  GLU A OE1 1 
ATOM   712  O OE2 . GLU A 1 88  ? 2.432   -14.235 2.502   0.50 32.43 ? 88  GLU A OE2 1 
ATOM   713  N N   . SER A 1 89  ? 5.771   -15.638 -2.349  1.00 32.59 ? 89  SER A N   1 
ATOM   714  C CA  . SER A 1 89  ? 5.782   -16.609 -3.445  1.00 32.38 ? 89  SER A CA  1 
ATOM   715  C C   . SER A 1 89  ? 6.380   -15.964 -4.695  1.00 32.26 ? 89  SER A C   1 
ATOM   716  O O   . SER A 1 89  ? 7.141   -14.996 -4.600  1.00 32.43 ? 89  SER A O   1 
ATOM   717  C CB  . SER A 1 89  ? 4.370   -17.126 -3.732  1.00 32.51 ? 89  SER A CB  1 
ATOM   718  O OG  . SER A 1 89  ? 3.522   -16.092 -4.195  1.00 32.77 ? 89  SER A OG  1 
ATOM   719  N N   . GLU A 1 90  ? 6.045   -16.502 -5.865  1.00 32.17 ? 90  GLU A N   1 
ATOM   720  C CA  . GLU A 1 90  ? 6.449   -15.881 -7.129  1.00 31.69 ? 90  GLU A CA  1 
ATOM   721  C C   . GLU A 1 90  ? 5.650   -14.601 -7.352  1.00 32.11 ? 90  GLU A C   1 
ATOM   722  O O   . GLU A 1 90  ? 6.176   -13.606 -7.862  1.00 32.26 ? 90  GLU A O   1 
ATOM   723  C CB  . GLU A 1 90  ? 6.237   -16.843 -8.308  1.00 31.21 ? 90  GLU A CB  1 
ATOM   724  C CG  . GLU A 1 90  ? 6.858   -16.362 -9.617  0.70 31.11 ? 90  GLU A CG  1 
ATOM   725  C CD  . GLU A 1 90  ? 6.480   -17.228 -10.808 0.60 31.03 ? 90  GLU A CD  1 
ATOM   726  O OE1 . GLU A 1 90  ? 5.819   -18.266 -10.610 0.50 30.90 ? 90  GLU A OE1 1 
ATOM   727  O OE2 . GLU A 1 90  ? 6.847   -16.868 -11.944 0.50 30.74 ? 90  GLU A OE2 1 
ATOM   728  N N   . ASN A 1 91  ? 4.389   -14.627 -6.921  1.00 31.90 ? 91  ASN A N   1 
ATOM   729  C CA  . ASN A 1 91  ? 3.439   -13.566 -7.224  1.00 31.75 ? 91  ASN A CA  1 
ATOM   730  C C   . ASN A 1 91  ? 3.033   -12.742 -6.007  1.00 31.94 ? 91  ASN A C   1 
ATOM   731  O O   . ASN A 1 91  ? 2.069   -11.989 -6.062  1.00 32.76 ? 91  ASN A O   1 
ATOM   732  C CB  . ASN A 1 91  ? 2.186   -14.155 -7.868  0.80 31.55 ? 91  ASN A CB  1 
ATOM   733  C CG  . ASN A 1 91  ? 2.458   -14.760 -9.220  0.70 31.42 ? 91  ASN A CG  1 
ATOM   734  O OD1 . ASN A 1 91  ? 3.447   -14.426 -9.876  0.60 31.26 ? 91  ASN A OD1 1 
ATOM   735  N ND2 . ASN A 1 91  ? 1.576   -15.653 -9.655  0.60 31.30 ? 91  ASN A ND2 1 
ATOM   736  N N   . LYS A 1 92  ? 3.751   -12.893 -4.905  1.00 31.88 ? 92  LYS A N   1 
ATOM   737  C CA  . LYS A 1 92  ? 3.419   -12.143 -3.702  1.00 31.84 ? 92  LYS A CA  1 
ATOM   738  C C   . LYS A 1 92  ? 4.641   -11.576 -3.025  1.00 32.01 ? 92  LYS A C   1 
ATOM   739  O O   . LYS A 1 92  ? 5.671   -12.225 -2.940  1.00 32.54 ? 92  LYS A O   1 
ATOM   740  C CB  . LYS A 1 92  ? 2.629   -13.006 -2.719  1.00 31.96 ? 92  LYS A CB  1 
ATOM   741  C CG  . LYS A 1 92  ? 2.361   -12.327 -1.384  1.00 32.08 ? 92  LYS A CG  1 
ATOM   742  C CD  . LYS A 1 92  ? 1.154   -12.922 -0.693  1.00 32.41 ? 92  LYS A CD  1 
ATOM   743  C CE  . LYS A 1 92  ? 0.757   -12.107 0.530   0.90 32.79 ? 92  LYS A CE  1 
ATOM   744  N NZ  . LYS A 1 92  ? -0.384  -12.731 1.279   0.80 33.15 ? 92  LYS A NZ  1 
ATOM   745  N N   . MET A 1 93  ? 4.520   -10.353 -2.545  1.00 32.56 ? 93  MET A N   1 
ATOM   746  C CA  . MET A 1 93  ? 5.561   -9.759  -1.736  1.00 33.18 ? 93  MET A CA  1 
ATOM   747  C C   . MET A 1 93  ? 4.939   -9.084  -0.530  1.00 32.25 ? 93  MET A C   1 
ATOM   748  O O   . MET A 1 93  ? 3.775   -8.681  -0.563  1.00 31.77 ? 93  MET A O   1 
ATOM   749  C CB  . MET A 1 93  ? 6.375   -8.754  -2.553  1.00 33.67 ? 93  MET A CB  1 
ATOM   750  C CG  . MET A 1 93  ? 5.723   -7.386  -2.689  1.00 34.79 ? 93  MET A CG  1 
ATOM   751  S SD  . MET A 1 93  ? 6.386   -6.440  -4.079  1.00 35.69 ? 93  MET A SD  1 
ATOM   752  C CE  . MET A 1 93  ? 5.474   -7.169  -5.448  1.00 35.33 ? 93  MET A CE  1 
ATOM   753  N N   . VAL A 1 94  ? 5.705   -8.996  0.545   1.00 31.60 ? 94  VAL A N   1 
ATOM   754  C CA  . VAL A 1 94  ? 5.220   -8.405  1.772   1.00 31.08 ? 94  VAL A CA  1 
ATOM   755  C C   . VAL A 1 94  ? 6.224   -7.398  2.275   1.00 30.75 ? 94  VAL A C   1 
ATOM   756  O O   . VAL A 1 94  ? 7.425   -7.582  2.119   1.00 30.83 ? 94  VAL A O   1 
ATOM   757  C CB  . VAL A 1 94  ? 4.994   -9.473  2.858   1.00 31.13 ? 94  VAL A CB  1 
ATOM   758  C CG1 . VAL A 1 94  ? 4.355   -10.717 2.249   1.00 31.04 ? 94  VAL A CG1 1 
ATOM   759  C CG2 . VAL A 1 94  ? 6.318   -9.822  3.550   1.00 31.12 ? 94  VAL A CG2 1 
ATOM   760  N N   . CYS A 1 95  ? 5.733   -6.329  2.878   1.00 30.53 ? 95  CYS A N   1 
ATOM   761  C CA  . CYS A 1 95  ? 6.607   -5.298  3.384   1.00 30.35 ? 95  CYS A CA  1 
ATOM   762  C C   . CYS A 1 95  ? 6.302   -4.983  4.824   1.00 30.33 ? 95  CYS A C   1 
ATOM   763  O O   . CYS A 1 95  ? 5.163   -4.684  5.173   1.00 30.36 ? 95  CYS A O   1 
ATOM   764  C CB  . CYS A 1 95  ? 6.492   -4.036  2.539   1.00 30.42 ? 95  CYS A CB  1 
ATOM   765  S SG  . CYS A 1 95  ? 7.161   -2.564  3.335   1.00 30.89 ? 95  CYS A SG  1 
ATOM   766  N N   . GLU A 1 96  ? 7.324   -5.063  5.663   1.00 30.74 ? 96  GLU A N   1 
ATOM   767  C CA  . GLU A 1 96  ? 7.207   -4.664  7.053   1.00 31.65 ? 96  GLU A CA  1 
ATOM   768  C C   . GLU A 1 96  ? 7.834   -3.291  7.246   1.00 32.05 ? 96  GLU A C   1 
ATOM   769  O O   . GLU A 1 96  ? 8.818   -2.951  6.590   1.00 32.49 ? 96  GLU A O   1 
ATOM   770  C CB  . GLU A 1 96  ? 7.870   -5.700  7.977   1.00 31.93 ? 96  GLU A CB  1 
ATOM   771  C CG  . GLU A 1 96  ? 9.379   -5.848  7.784   0.50 32.22 ? 96  GLU A CG  1 
ATOM   772  C CD  . GLU A 1 96  ? 9.833   -7.299  7.802   0.40 32.54 ? 96  GLU A CD  1 
ATOM   773  O OE1 . GLU A 1 96  ? 11.042  -7.550  7.591   0.60 32.53 ? 96  GLU A OE1 1 
ATOM   774  O OE2 . GLU A 1 96  ? 8.979   -8.191  8.012   0.70 32.97 ? 96  GLU A OE2 1 
ATOM   775  N N   . GLN A 1 97  ? 7.252   -2.501  8.136   1.00 32.47 ? 97  GLN A N   1 
ATOM   776  C CA  . GLN A 1 97  ? 7.663   -1.119  8.314   1.00 33.11 ? 97  GLN A CA  1 
ATOM   777  C C   . GLN A 1 97  ? 8.011   -0.828  9.773   1.00 33.62 ? 97  GLN A C   1 
ATOM   778  O O   . GLN A 1 97  ? 7.348   -1.322  10.689  1.00 33.79 ? 97  GLN A O   1 
ATOM   779  C CB  . GLN A 1 97  ? 6.550   -0.175  7.843   1.00 33.14 ? 97  GLN A CB  1 
ATOM   780  C CG  . GLN A 1 97  ? 6.096   -0.409  6.401   1.00 33.33 ? 97  GLN A CG  1 
ATOM   781  C CD  . GLN A 1 97  ? 4.820   0.348   6.056   1.00 33.37 ? 97  GLN A CD  1 
ATOM   782  O OE1 . GLN A 1 97  ? 3.986   0.617   6.926   1.00 33.42 ? 97  GLN A OE1 1 
ATOM   783  N NE2 . GLN A 1 97  ? 4.659   0.685   4.778   1.00 33.44 ? 97  GLN A NE2 1 
ATOM   784  N N   . LYS A 1 98  ? 9.042   -0.013  9.983   0.90 34.01 ? 98  LYS A N   1 
ATOM   785  C CA  . LYS A 1 98  ? 9.453   0.377   11.333  0.80 34.45 ? 98  LYS A CA  1 
ATOM   786  C C   . LYS A 1 98  ? 9.438   1.897   11.491  0.80 34.58 ? 98  LYS A C   1 
ATOM   787  O O   . LYS A 1 98  ? 10.189  2.606   10.827  0.80 34.69 ? 98  LYS A O   1 
ATOM   788  C CB  . LYS A 1 98  ? 10.846  -0.173  11.638  0.80 34.68 ? 98  LYS A CB  1 
ATOM   789  C CG  . LYS A 1 98  ? 11.052  -1.612  11.162  0.60 35.18 ? 98  LYS A CG  1 
ATOM   790  C CD  . LYS A 1 98  ? 12.358  -1.766  10.386  0.60 35.37 ? 98  LYS A CD  1 
ATOM   791  C CE  . LYS A 1 98  ? 12.418  -3.104  9.661   0.50 35.28 ? 98  LYS A CE  1 
ATOM   792  N NZ  . LYS A 1 98  ? 13.511  -3.133  8.651   0.60 35.29 ? 98  LYS A NZ  1 
ATOM   793  N N   . LEU A 1 99  ? 8.574   2.392   12.369  0.80 34.93 ? 99  LEU A N   1 
ATOM   794  C CA  . LEU A 1 99  ? 8.444   3.830   12.585  0.80 35.44 ? 99  LEU A CA  1 
ATOM   795  C C   . LEU A 1 99  ? 9.778   4.468   12.939  0.70 36.04 ? 99  LEU A C   1 
ATOM   796  O O   . LEU A 1 99  ? 10.468  4.020   13.856  0.70 36.14 ? 99  LEU A O   1 
ATOM   797  C CB  . LEU A 1 99  ? 7.421   4.119   13.681  0.80 35.38 ? 99  LEU A CB  1 
ATOM   798  C CG  . LEU A 1 99  ? 5.972   3.756   13.355  0.80 35.55 ? 99  LEU A CG  1 
ATOM   799  C CD1 . LEU A 1 99  ? 5.037   4.254   14.440  0.80 35.44 ? 99  LEU A CD1 1 
ATOM   800  C CD2 . LEU A 1 99  ? 5.578   4.324   12.003  0.80 35.57 ? 99  LEU A CD2 1 
ATOM   801  N N   . LEU A 1 100 ? 10.137  5.516   12.207  0.70 36.63 ? 100 LEU A N   1 
ATOM   802  C CA  . LEU A 1 100 ? 11.367  6.246   12.467  0.80 37.22 ? 100 LEU A CA  1 
ATOM   803  C C   . LEU A 1 100 ? 11.294  6.984   13.795  0.80 38.14 ? 100 LEU A C   1 
ATOM   804  O O   . LEU A 1 100 ? 12.165  6.829   14.647  0.80 38.34 ? 100 LEU A O   1 
ATOM   805  C CB  . LEU A 1 100 ? 11.649  7.232   11.339  0.70 36.90 ? 100 LEU A CB  1 
ATOM   806  C CG  . LEU A 1 100 ? 12.132  6.618   10.028  0.70 36.66 ? 100 LEU A CG  1 
ATOM   807  C CD1 . LEU A 1 100 ? 12.318  7.691   8.973   0.70 36.61 ? 100 LEU A CD1 1 
ATOM   808  C CD2 . LEU A 1 100 ? 13.420  5.859   10.255  0.70 36.74 ? 100 LEU A CD2 1 
ATOM   809  N N   . LYS A 1 101 ? 10.250  7.787   13.967  0.80 39.26 ? 101 LYS A N   1 
ATOM   810  C CA  . LYS A 1 101 ? 10.088  8.577   15.183  0.80 40.48 ? 101 LYS A CA  1 
ATOM   811  C C   . LYS A 1 101 ? 8.743   8.284   15.829  0.80 40.96 ? 101 LYS A C   1 
ATOM   812  O O   . LYS A 1 101 ? 7.748   8.067   15.136  0.80 41.43 ? 101 LYS A O   1 
ATOM   813  C CB  . LYS A 1 101 ? 10.196  10.078  14.871  0.80 40.87 ? 101 LYS A CB  1 
ATOM   814  C CG  . LYS A 1 101 ? 11.309  10.445  13.881  0.80 41.21 ? 101 LYS A CG  1 
ATOM   815  C CD  . LYS A 1 101 ? 11.237  11.922  13.477  0.80 41.03 ? 101 LYS A CD  1 
ATOM   816  C CE  . LYS A 1 101 ? 12.216  12.239  12.347  0.80 41.11 ? 101 LYS A CE  1 
ATOM   817  N NZ  . LYS A 1 101 ? 12.225  13.689  12.012  0.40 41.03 ? 101 LYS A NZ  1 
ATOM   818  N N   . GLY A 1 102 ? 8.711   8.290   17.160  0.80 41.32 ? 102 GLY A N   1 
ATOM   819  C CA  . GLY A 1 102 ? 7.478   8.024   17.900  0.80 41.22 ? 102 GLY A CA  1 
ATOM   820  C C   . GLY A 1 102 ? 7.163   6.542   17.960  0.80 41.24 ? 102 GLY A C   1 
ATOM   821  O O   . GLY A 1 102 ? 8.018   5.704   17.656  0.80 41.16 ? 102 GLY A O   1 
ATOM   822  N N   . GLU A 1 103 ? 5.935   6.214   18.357  0.80 41.17 ? 103 GLU A N   1 
ATOM   823  C CA  . GLU A 1 103 ? 5.487   4.819   18.419  0.80 41.00 ? 103 GLU A CA  1 
ATOM   824  C C   . GLU A 1 103 ? 3.975   4.699   18.262  0.60 40.81 ? 103 GLU A C   1 
ATOM   825  O O   . GLU A 1 103 ? 3.212   5.409   18.916  0.60 40.91 ? 103 GLU A O   1 
ATOM   826  C CB  . GLU A 1 103 ? 5.935   4.156   19.726  0.70 40.98 ? 103 GLU A CB  1 
ATOM   827  C CG  . GLU A 1 103 ? 7.276   3.443   19.634  0.50 40.90 ? 103 GLU A CG  1 
ATOM   828  C CD  . GLU A 1 103 ? 7.835   3.076   20.993  0.40 40.91 ? 103 GLU A CD  1 
ATOM   829  O OE1 . GLU A 1 103 ? 7.182   3.389   22.010  0.40 40.85 ? 103 GLU A OE1 1 
ATOM   830  O OE2 . GLU A 1 103 ? 8.932   2.478   21.045  0.40 40.86 ? 103 GLU A OE2 1 
ATOM   831  N N   . GLY A 1 104 ? 3.556   3.793   17.387  1.00 40.65 ? 104 GLY A N   1 
ATOM   832  C CA  . GLY A 1 104 ? 2.139   3.512   17.166  1.00 40.51 ? 104 GLY A CA  1 
ATOM   833  C C   . GLY A 1 104 ? 1.935   2.076   16.704  1.00 40.41 ? 104 GLY A C   1 
ATOM   834  O O   . GLY A 1 104 ? 2.830   1.238   16.855  1.00 40.59 ? 104 GLY A O   1 
ATOM   835  N N   . PRO A 1 105 ? 0.756   1.781   16.135  1.00 40.13 ? 105 PRO A N   1 
ATOM   836  C CA  . PRO A 1 105 ? 0.407   0.425   15.687  1.00 39.80 ? 105 PRO A CA  1 
ATOM   837  C C   . PRO A 1 105 ? 1.474   -0.214  14.791  1.00 39.33 ? 105 PRO A C   1 
ATOM   838  O O   . PRO A 1 105 ? 2.302   0.484   14.206  1.00 39.79 ? 105 PRO A O   1 
ATOM   839  C CB  . PRO A 1 105 ? -0.889  0.642   14.897  1.00 39.85 ? 105 PRO A CB  1 
ATOM   840  C CG  . PRO A 1 105 ? -1.504  1.843   15.524  1.00 39.96 ? 105 PRO A CG  1 
ATOM   841  C CD  . PRO A 1 105 ? -0.347  2.736   15.911  1.00 40.14 ? 105 PRO A CD  1 
ATOM   842  N N   . LYS A 1 106 ? 1.446   -1.537  14.700  1.00 38.56 ? 106 LYS A N   1 
ATOM   843  C CA  . LYS A 1 106 ? 2.330   -2.270  13.806  1.00 37.75 ? 106 LYS A CA  1 
ATOM   844  C C   . LYS A 1 106 ? 1.723   -2.300  12.406  1.00 37.10 ? 106 LYS A C   1 
ATOM   845  O O   . LYS A 1 106 ? 0.660   -2.887  12.194  1.00 37.22 ? 106 LYS A O   1 
ATOM   846  C CB  . LYS A 1 106 ? 2.538   -3.696  14.326  0.90 37.86 ? 106 LYS A CB  1 
ATOM   847  C CG  . LYS A 1 106 ? 3.484   -4.558  13.500  0.80 37.97 ? 106 LYS A CG  1 
ATOM   848  C CD  . LYS A 1 106 ? 3.701   -5.913  14.174  0.80 38.09 ? 106 LYS A CD  1 
ATOM   849  C CE  . LYS A 1 106 ? 4.405   -6.904  13.259  0.80 38.29 ? 106 LYS A CE  1 
ATOM   850  N NZ  . LYS A 1 106 ? 4.533   -8.242  13.912  0.80 38.26 ? 106 LYS A NZ  1 
ATOM   851  N N   . THR A 1 107 ? 2.389   -1.654  11.457  1.00 36.06 ? 107 THR A N   1 
ATOM   852  C CA  . THR A 1 107 ? 1.861   -1.560  10.105  1.00 35.13 ? 107 THR A CA  1 
ATOM   853  C C   . THR A 1 107 ? 2.636   -2.421  9.120   1.00 34.48 ? 107 THR A C   1 
ATOM   854  O O   . THR A 1 107 ? 3.754   -2.862  9.398   1.00 34.44 ? 107 THR A O   1 
ATOM   855  C CB  . THR A 1 107 ? 1.839   -0.097  9.592   1.00 35.25 ? 107 THR A CB  1 
ATOM   856  O OG1 . THR A 1 107 ? 3.183   0.371   9.408   1.00 35.47 ? 107 THR A OG1 1 
ATOM   857  C CG2 . THR A 1 107 ? 1.124   0.800   10.574  1.00 34.99 ? 107 THR A CG2 1 
ATOM   858  N N   . SER A 1 108 ? 2.033   -2.650  7.961   1.00 33.71 ? 108 SER A N   1 
ATOM   859  C CA  . SER A 1 108 ? 2.676   -3.378  6.887   1.00 32.80 ? 108 SER A CA  1 
ATOM   860  C C   . SER A 1 108 ? 1.745   -3.414  5.690   1.00 32.20 ? 108 SER A C   1 
ATOM   861  O O   . SER A 1 108 ? 0.605   -2.940  5.759   1.00 32.04 ? 108 SER A O   1 
ATOM   862  C CB  . SER A 1 108 ? 2.998   -4.801  7.333   1.00 33.13 ? 108 SER A CB  1 
ATOM   863  O OG  . SER A 1 108 ? 1.834   -5.457  7.813   1.00 33.40 ? 108 SER A OG  1 
ATOM   864  N N   . TRP A 1 109 ? 2.221   -3.986  4.594   1.00 31.31 ? 109 TRP A N   1 
ATOM   865  C CA  . TRP A 1 109 ? 1.366   -4.229  3.446   1.00 30.75 ? 109 TRP A CA  1 
ATOM   866  C C   . TRP A 1 109 ? 1.849   -5.426  2.649   1.00 30.88 ? 109 TRP A C   1 
ATOM   867  O O   . TRP A 1 109 ? 2.959   -5.916  2.861   1.00 30.91 ? 109 TRP A O   1 
ATOM   868  C CB  . TRP A 1 109 ? 1.274   -2.978  2.551   1.00 29.85 ? 109 TRP A CB  1 
ATOM   869  C CG  . TRP A 1 109 ? 2.602   -2.415  2.140   1.00 29.26 ? 109 TRP A CG  1 
ATOM   870  C CD1 . TRP A 1 109 ? 3.325   -1.467  2.797   1.00 29.23 ? 109 TRP A CD1 1 
ATOM   871  C CD2 . TRP A 1 109 ? 3.355   -2.757  0.971   1.00 28.81 ? 109 TRP A CD2 1 
ATOM   872  N NE1 . TRP A 1 109 ? 4.488   -1.205  2.117   1.00 29.26 ? 109 TRP A NE1 1 
ATOM   873  C CE2 . TRP A 1 109 ? 4.529   -1.984  0.991   1.00 29.01 ? 109 TRP A CE2 1 
ATOM   874  C CE3 . TRP A 1 109 ? 3.152   -3.647  -0.085  1.00 29.13 ? 109 TRP A CE3 1 
ATOM   875  C CZ2 . TRP A 1 109 ? 5.501   -2.071  -0.008  1.00 29.35 ? 109 TRP A CZ2 1 
ATOM   876  C CZ3 . TRP A 1 109 ? 4.123   -3.737  -1.078  1.00 29.39 ? 109 TRP A CZ3 1 
ATOM   877  C CH2 . TRP A 1 109 ? 5.278   -2.951  -1.030  1.00 29.31 ? 109 TRP A CH2 1 
ATOM   878  N N   . THR A 1 110 ? 1.003   -5.908  1.749   1.00 31.15 ? 110 THR A N   1 
ATOM   879  C CA  . THR A 1 110 ? 1.386   -6.967  0.836   1.00 31.94 ? 110 THR A CA  1 
ATOM   880  C C   . THR A 1 110 ? 0.865   -6.666  -0.570  1.00 32.75 ? 110 THR A C   1 
ATOM   881  O O   . THR A 1 110 ? -0.052  -5.862  -0.743  1.00 33.19 ? 110 THR A O   1 
ATOM   882  C CB  . THR A 1 110 ? 0.872   -8.359  1.320   1.00 31.85 ? 110 THR A CB  1 
ATOM   883  O OG1 . THR A 1 110 ? -0.523  -8.500  1.016   1.00 31.84 ? 110 THR A OG1 1 
ATOM   884  C CG2 . THR A 1 110 ? 1.077   -8.513  2.821   1.00 31.39 ? 110 THR A CG2 1 
ATOM   885  N N   . LEU A 1 111 ? 1.472   -7.291  -1.569  1.00 33.64 ? 111 LEU A N   1 
ATOM   886  C CA  . LEU A 1 111 ? 1.038   -7.141  -2.950  1.00 34.88 ? 111 LEU A CA  1 
ATOM   887  C C   . LEU A 1 111 ? 0.999   -8.491  -3.631  1.00 35.82 ? 111 LEU A C   1 
ATOM   888  O O   . LEU A 1 111 ? 1.921   -9.290  -3.491  1.00 35.83 ? 111 LEU A O   1 
ATOM   889  C CB  . LEU A 1 111 ? 1.978   -6.211  -3.709  1.00 34.97 ? 111 LEU A CB  1 
ATOM   890  C CG  . LEU A 1 111 ? 1.584   -4.744  -3.808  1.00 34.95 ? 111 LEU A CG  1 
ATOM   891  C CD1 . LEU A 1 111 ? 2.573   -4.017  -4.696  1.00 35.38 ? 111 LEU A CD1 1 
ATOM   892  C CD2 . LEU A 1 111 ? 0.173   -4.597  -4.353  1.00 34.92 ? 111 LEU A CD2 1 
ATOM   893  N N   . GLU A 1 112 ? -0.059  -8.741  -4.389  1.00 37.18 ? 112 GLU A N   1 
ATOM   894  C CA  . GLU A 1 112 ? -0.293  -10.073 -4.916  1.00 38.57 ? 112 GLU A CA  1 
ATOM   895  C C   . GLU A 1 112 ? -0.904  -10.041 -6.303  1.00 39.17 ? 112 GLU A C   1 
ATOM   896  O O   . GLU A 1 112 ? -2.063  -9.679  -6.472  1.00 39.32 ? 112 GLU A O   1 
ATOM   897  C CB  . GLU A 1 112 ? -1.191  -10.860 -3.968  1.00 39.12 ? 112 GLU A CB  1 
ATOM   898  C CG  . GLU A 1 112 ? -1.024  -12.361 -4.058  0.90 39.80 ? 112 GLU A CG  1 
ATOM   899  C CD  . GLU A 1 112 ? -1.948  -13.102 -3.113  0.90 40.28 ? 112 GLU A CD  1 
ATOM   900  O OE1 . GLU A 1 112 ? -2.141  -12.635 -1.966  0.90 40.48 ? 112 GLU A OE1 1 
ATOM   901  O OE2 . GLU A 1 112 ? -2.483  -14.153 -3.516  0.90 40.78 ? 112 GLU A OE2 1 
ATOM   902  N N   . LEU A 1 113 ? -0.115  -10.419 -7.295  1.00 40.18 ? 113 LEU A N   1 
ATOM   903  C CA  . LEU A 1 113 ? -0.618  -10.574 -8.645  1.00 41.41 ? 113 LEU A CA  1 
ATOM   904  C C   . LEU A 1 113 ? -1.230  -11.963 -8.780  1.00 42.15 ? 113 LEU A C   1 
ATOM   905  O O   . LEU A 1 113 ? -0.537  -12.966 -8.647  1.00 42.93 ? 113 LEU A O   1 
ATOM   906  C CB  . LEU A 1 113 ? 0.517   -10.390 -9.661  1.00 41.36 ? 113 LEU A CB  1 
ATOM   907  C CG  . LEU A 1 113 ? 0.182   -9.675  -10.978 0.90 41.56 ? 113 LEU A CG  1 
ATOM   908  C CD1 . LEU A 1 113 ? 1.296   -9.880  -11.992 0.80 41.61 ? 113 LEU A CD1 1 
ATOM   909  C CD2 . LEU A 1 113 ? -1.152  -10.141 -11.550 0.80 41.47 ? 113 LEU A CD2 1 
ATOM   910  N N   . THR A 1 114 ? -2.535  -12.018 -9.026  1.00 42.81 ? 114 THR A N   1 
ATOM   911  C CA  . THR A 1 114 ? -3.234  -13.298 -9.142  1.00 43.19 ? 114 THR A CA  1 
ATOM   912  C C   . THR A 1 114 ? -3.087  -13.904 -10.535 1.00 43.27 ? 114 THR A C   1 
ATOM   913  O O   . THR A 1 114 ? -2.404  -13.350 -11.406 1.00 43.45 ? 114 THR A O   1 
ATOM   914  C CB  . THR A 1 114 ? -4.739  -13.166 -8.823  1.00 43.47 ? 114 THR A CB  1 
ATOM   915  O OG1 . THR A 1 114 ? -5.464  -12.898 -10.031 1.00 43.76 ? 114 THR A OG1 1 
ATOM   916  C CG2 . THR A 1 114 ? -4.983  -12.048 -7.817  1.00 43.41 ? 114 THR A CG2 1 
ATOM   917  N N   . ASN A 1 115 ? -3.738  -15.043 -10.739 0.80 43.16 ? 115 ASN A N   1 
ATOM   918  C CA  . ASN A 1 115 ? -3.701  -15.726 -12.019 0.80 42.89 ? 115 ASN A CA  1 
ATOM   919  C C   . ASN A 1 115 ? -4.842  -15.277 -12.912 0.80 42.56 ? 115 ASN A C   1 
ATOM   920  O O   . ASN A 1 115 ? -4.717  -15.266 -14.134 0.80 42.86 ? 115 ASN A O   1 
ATOM   921  C CB  . ASN A 1 115 ? -3.735  -17.242 -11.817 0.80 42.90 ? 115 ASN A CB  1 
ATOM   922  C CG  . ASN A 1 115 ? -2.511  -17.757 -11.071 0.60 42.83 ? 115 ASN A CG  1 
ATOM   923  O OD1 . ASN A 1 115 ? -1.402  -17.772 -11.608 0.60 42.62 ? 115 ASN A OD1 1 
ATOM   924  N ND2 . ASN A 1 115 ? -2.709  -18.174 -9.824  0.60 42.78 ? 115 ASN A ND2 1 
ATOM   925  N N   . ASP A 1 116 ? -5.950  -14.884 -12.294 0.80 41.92 ? 116 ASP A N   1 
ATOM   926  C CA  . ASP A 1 116 ? -7.046  -14.263 -13.021 0.80 41.21 ? 116 ASP A CA  1 
ATOM   927  C C   . ASP A 1 116 ? -6.755  -12.783 -13.285 0.80 40.74 ? 116 ASP A C   1 
ATOM   928  O O   . ASP A 1 116 ? -7.671  -11.975 -13.400 0.80 40.71 ? 116 ASP A O   1 
ATOM   929  C CB  . ASP A 1 116 ? -8.364  -14.428 -12.259 0.50 41.29 ? 116 ASP A CB  1 
ATOM   930  C CG  . ASP A 1 116 ? -8.220  -14.146 -10.777 0.50 41.41 ? 116 ASP A CG  1 
ATOM   931  O OD1 . ASP A 1 116 ? -8.289  -15.105 -9.976  0.50 41.33 ? 116 ASP A OD1 1 
ATOM   932  O OD2 . ASP A 1 116 ? -8.030  -12.967 -10.411 0.50 41.48 ? 116 ASP A OD2 1 
ATOM   933  N N   . GLY A 1 117 ? -5.468  -12.439 -13.349 0.70 40.28 ? 117 GLY A N   1 
ATOM   934  C CA  . GLY A 1 117 ? -5.028  -11.131 -13.840 0.80 39.78 ? 117 GLY A CA  1 
ATOM   935  C C   . GLY A 1 117 ? -5.204  -9.959  -12.880 0.80 39.50 ? 117 GLY A C   1 
ATOM   936  O O   . GLY A 1 117 ? -4.883  -8.822  -13.222 0.80 39.41 ? 117 GLY A O   1 
ATOM   937  N N   . GLU A 1 118 ? -5.707  -10.234 -11.677 1.00 39.27 ? 118 GLU A N   1 
ATOM   938  C CA  . GLU A 1 118 ? -5.970  -9.174  -10.688 1.00 38.73 ? 118 GLU A CA  1 
ATOM   939  C C   . GLU A 1 118 ? -4.720  -8.838  -9.866  1.00 38.38 ? 118 GLU A C   1 
ATOM   940  O O   . GLU A 1 118 ? -3.741  -9.588  -9.875  1.00 38.52 ? 118 GLU A O   1 
ATOM   941  C CB  . GLU A 1 118 ? -7.121  -9.581  -9.756  0.90 38.73 ? 118 GLU A CB  1 
ATOM   942  C CG  . GLU A 1 118 ? -8.514  -9.491  -10.394 0.80 38.82 ? 118 GLU A CG  1 
ATOM   943  C CD  . GLU A 1 118 ? -9.613  -10.085 -9.512  0.70 38.79 ? 118 GLU A CD  1 
ATOM   944  O OE1 . GLU A 1 118 ? -9.286  -10.802 -8.541  0.60 38.80 ? 118 GLU A OE1 1 
ATOM   945  O OE2 . GLU A 1 118 ? -10.805 -9.835  -9.798  0.60 38.68 ? 118 GLU A OE2 1 
ATOM   946  N N   . LEU A 1 119 ? -4.752  -7.691  -9.181  1.00 37.67 ? 119 LEU A N   1 
ATOM   947  C CA  . LEU A 1 119 ? -3.720  -7.346  -8.196  1.00 36.72 ? 119 LEU A CA  1 
ATOM   948  C C   . LEU A 1 119 ? -4.357  -7.062  -6.860  1.00 36.47 ? 119 LEU A C   1 
ATOM   949  O O   . LEU A 1 119 ? -5.091  -6.092  -6.710  1.00 36.50 ? 119 LEU A O   1 
ATOM   950  C CB  . LEU A 1 119 ? -2.904  -6.127  -8.642  1.00 36.71 ? 119 LEU A CB  1 
ATOM   951  C CG  . LEU A 1 119 ? -1.936  -5.548  -7.591  1.00 36.79 ? 119 LEU A CG  1 
ATOM   952  C CD1 . LEU A 1 119 ? -0.715  -6.446  -7.410  1.00 36.85 ? 119 LEU A CD1 1 
ATOM   953  C CD2 . LEU A 1 119 ? -1.504  -4.138  -7.947  1.00 36.67 ? 119 LEU A CD2 1 
ATOM   954  N N   . ILE A 1 120 ? -4.072  -7.911  -5.886  1.00 36.41 ? 120 ILE A N   1 
ATOM   955  C CA  . ILE A 1 120 ? -4.612  -7.737  -4.552  1.00 36.11 ? 120 ILE A CA  1 
ATOM   956  C C   . ILE A 1 120 ? -3.589  -7.078  -3.645  1.00 36.09 ? 120 ILE A C   1 
ATOM   957  O O   . ILE A 1 120 ? -2.426  -7.469  -3.616  1.00 36.07 ? 120 ILE A O   1 
ATOM   958  C CB  . ILE A 1 120 ? -5.061  -9.082  -3.944  1.00 36.03 ? 120 ILE A CB  1 
ATOM   959  C CG1 . ILE A 1 120 ? -5.977  -9.823  -4.920  1.00 36.09 ? 120 ILE A CG1 1 
ATOM   960  C CG2 . ILE A 1 120 ? -5.763  -8.860  -2.604  1.00 35.67 ? 120 ILE A CG2 1 
ATOM   961  C CD1 . ILE A 1 120 ? -6.163  -11.285 -4.595  1.00 36.25 ? 120 ILE A CD1 1 
ATOM   962  N N   . GLU A 1 121 ? -4.027  -6.054  -2.928  1.00 36.52 ? 121 GLU A N   1 
ATOM   963  C CA  . GLU A 1 121 ? -3.194  -5.395  -1.947  1.00 36.83 ? 121 GLU A CA  1 
ATOM   964  C C   . GLU A 1 121 ? -3.853  -5.472  -0.591  1.00 36.48 ? 121 GLU A C   1 
ATOM   965  O O   . GLU A 1 121 ? -5.052  -5.240  -0.465  1.00 36.49 ? 121 GLU A O   1 
ATOM   966  C CB  . GLU A 1 121 ? -2.985  -3.926  -2.321  1.00 37.68 ? 121 GLU A CB  1 
ATOM   967  C CG  . GLU A 1 121 ? -2.174  -3.152  -1.291  1.00 38.94 ? 121 GLU A CG  1 
ATOM   968  C CD  . GLU A 1 121 ? -2.341  -1.648  -1.401  1.00 39.80 ? 121 GLU A CD  1 
ATOM   969  O OE1 . GLU A 1 121 ? -3.131  -1.184  -2.261  1.00 40.10 ? 121 GLU A OE1 1 
ATOM   970  O OE2 . GLU A 1 121 ? -1.678  -0.929  -0.623  1.00 40.44 ? 121 GLU A OE2 1 
ATOM   971  N N   . THR A 1 122 ? -3.070  -5.793  0.429   1.00 36.38 ? 122 THR A N   1 
ATOM   972  C CA  . THR A 1 122 ? -3.549  -5.701  1.802   1.00 36.35 ? 122 THR A CA  1 
ATOM   973  C C   . THR A 1 122 ? -2.694  -4.744  2.611   1.00 36.19 ? 122 THR A C   1 
ATOM   974  O O   . THR A 1 122 ? -1.512  -4.556  2.331   1.00 35.88 ? 122 THR A O   1 
ATOM   975  C CB  . THR A 1 122 ? -3.589  -7.085  2.505   1.00 36.63 ? 122 THR A CB  1 
ATOM   976  O OG1 . THR A 1 122 ? -2.290  -7.411  3.014   1.00 37.27 ? 122 THR A OG1 1 
ATOM   977  C CG2 . THR A 1 122 ? -4.038  -8.168  1.533   1.00 36.48 ? 122 THR A CG2 1 
ATOM   978  N N   . MET A 1 123 ? -3.307  -4.122  3.602   1.00 36.54 ? 123 MET A N   1 
ATOM   979  C CA  . MET A 1 123 ? -2.606  -3.233  4.502   1.00 37.41 ? 123 MET A CA  1 
ATOM   980  C C   . MET A 1 123 ? -3.053  -3.542  5.913   1.00 37.28 ? 123 MET A C   1 
ATOM   981  O O   . MET A 1 123 ? -4.236  -3.757  6.162   1.00 37.43 ? 123 MET A O   1 
ATOM   982  C CB  . MET A 1 123 ? -2.913  -1.772  4.165   1.00 37.58 ? 123 MET A CB  1 
ATOM   983  C CG  . MET A 1 123 ? -2.416  -1.322  2.796   1.00 38.37 ? 123 MET A CG  1 
ATOM   984  S SD  . MET A 1 123 ? -3.003  0.327   2.334   1.00 38.81 ? 123 MET A SD  1 
ATOM   985  C CE  . MET A 1 123 ? -4.772  0.049   2.264   1.00 38.40 ? 123 MET A CE  1 
ATOM   986  N N   . THR A 1 124 ? -2.107  -3.578  6.837   1.00 37.14 ? 124 THR A N   1 
ATOM   987  C CA  . THR A 1 124 ? -2.397  -4.039  8.173   1.00 36.87 ? 124 THR A CA  1 
ATOM   988  C C   . THR A 1 124 ? -1.943  -3.034  9.209   1.00 37.15 ? 124 THR A C   1 
ATOM   989  O O   . THR A 1 124 ? -0.817  -2.550  9.168   1.00 37.09 ? 124 THR A O   1 
ATOM   990  C CB  . THR A 1 124 ? -1.736  -5.397  8.445   1.00 36.68 ? 124 THR A CB  1 
ATOM   991  O OG1 . THR A 1 124 ? -2.019  -6.292  7.360   1.00 36.47 ? 124 THR A OG1 1 
ATOM   992  C CG2 . THR A 1 124 ? -2.256  -5.996  9.742   1.00 36.52 ? 124 THR A CG2 1 
ATOM   993  N N   . ALA A 1 125 ? -2.844  -2.705  10.123  1.00 37.80 ? 125 ALA A N   1 
ATOM   994  C CA  . ALA A 1 125 ? -2.499  -1.938  11.304  1.00 38.46 ? 125 ALA A CA  1 
ATOM   995  C C   . ALA A 1 125 ? -2.928  -2.718  12.543  1.00 38.92 ? 125 ALA A C   1 
ATOM   996  O O   . ALA A 1 125 ? -4.122  -2.817  12.845  1.00 39.25 ? 125 ALA A O   1 
ATOM   997  C CB  . ALA A 1 125 ? -3.178  -0.580  11.268  1.00 38.55 ? 125 ALA A CB  1 
ATOM   998  N N   . ASP A 1 126 ? -1.952  -3.291  13.241  1.00 39.15 ? 126 ASP A N   1 
ATOM   999  C CA  . ASP A 1 126 ? -2.225  -4.190  14.358  1.00 39.27 ? 126 ASP A CA  1 
ATOM   1000 C C   . ASP A 1 126 ? -3.228  -5.273  13.976  1.00 39.47 ? 126 ASP A C   1 
ATOM   1001 O O   . ASP A 1 126 ? -3.004  -6.032  13.028  1.00 39.73 ? 126 ASP A O   1 
ATOM   1002 C CB  . ASP A 1 126 ? -2.714  -3.406  15.580  0.90 39.16 ? 126 ASP A CB  1 
ATOM   1003 C CG  . ASP A 1 126 ? -1.567  -2.882  16.433  0.80 39.11 ? 126 ASP A CG  1 
ATOM   1004 O OD1 . ASP A 1 126 ? -0.487  -3.520  16.442  0.80 38.83 ? 126 ASP A OD1 1 
ATOM   1005 O OD2 . ASP A 1 126 ? -1.750  -1.840  17.100  0.80 39.01 ? 126 ASP A OD2 1 
ATOM   1006 N N   . ASP A 1 127 ? -4.338  -5.335  14.710  1.00 39.84 ? 127 ASP A N   1 
ATOM   1007 C CA  . ASP A 1 127 ? -5.348  -6.376  14.501  1.00 40.06 ? 127 ASP A CA  1 
ATOM   1008 C C   . ASP A 1 127 ? -6.065  -6.221  13.157  1.00 40.03 ? 127 ASP A C   1 
ATOM   1009 O O   . ASP A 1 127 ? -6.431  -7.218  12.520  1.00 40.38 ? 127 ASP A O   1 
ATOM   1010 C CB  . ASP A 1 127 ? -6.374  -6.376  15.649  1.00 40.36 ? 127 ASP A CB  1 
ATOM   1011 C CG  . ASP A 1 127 ? -5.789  -6.904  16.966  0.80 40.60 ? 127 ASP A CG  1 
ATOM   1012 O OD1 . ASP A 1 127 ? -4.544  -6.943  17.105  0.70 40.77 ? 127 ASP A OD1 1 
ATOM   1013 O OD2 . ASP A 1 127 ? -6.581  -7.273  17.863  0.50 40.30 ? 127 ASP A OD2 1 
ATOM   1014 N N   . VAL A 1 128 ? -6.243  -4.970  12.722  1.00 39.32 ? 128 VAL A N   1 
ATOM   1015 C CA  . VAL A 1 128 ? -7.089  -4.662  11.564  1.00 38.34 ? 128 VAL A CA  1 
ATOM   1016 C C   . VAL A 1 128 ? -6.371  -4.838  10.227  1.00 37.81 ? 128 VAL A C   1 
ATOM   1017 O O   . VAL A 1 128 ? -5.193  -4.506  10.092  1.00 37.74 ? 128 VAL A O   1 
ATOM   1018 C CB  . VAL A 1 128 ? -7.684  -3.244  11.656  1.00 38.34 ? 128 VAL A CB  1 
ATOM   1019 C CG1 . VAL A 1 128 ? -8.361  -2.856  10.338  1.00 38.21 ? 128 VAL A CG1 1 
ATOM   1020 C CG2 . VAL A 1 128 ? -8.676  -3.163  12.814  0.80 38.40 ? 128 VAL A CG2 1 
ATOM   1021 N N   . VAL A 1 129 ? -7.100  -5.367  9.245   1.00 37.16 ? 129 VAL A N   1 
ATOM   1022 C CA  . VAL A 1 129 ? -6.548  -5.652  7.929   1.00 36.55 ? 129 VAL A CA  1 
ATOM   1023 C C   . VAL A 1 129 ? -7.458  -5.112  6.830   1.00 36.47 ? 129 VAL A C   1 
ATOM   1024 O O   . VAL A 1 129 ? -8.647  -5.421  6.790   1.00 36.36 ? 129 VAL A O   1 
ATOM   1025 C CB  . VAL A 1 129 ? -6.386  -7.158  7.712   1.00 36.59 ? 129 VAL A CB  1 
ATOM   1026 C CG1 . VAL A 1 129 ? -5.700  -7.429  6.388   1.00 36.59 ? 129 VAL A CG1 1 
ATOM   1027 C CG2 . VAL A 1 129 ? -5.611  -7.784  8.861   1.00 37.02 ? 129 VAL A CG2 1 
ATOM   1028 N N   . CYS A 1 130 ? -6.888  -4.314  5.933   1.00 36.51 ? 130 CYS A N   1 
ATOM   1029 C CA  . CYS A 1 130 ? -7.626  -3.771  4.797   1.00 36.19 ? 130 CYS A CA  1 
ATOM   1030 C C   . CYS A 1 130 ? -7.203  -4.463  3.516   1.00 36.11 ? 130 CYS A C   1 
ATOM   1031 O O   . CYS A 1 130 ? -6.019  -4.545  3.216   1.00 36.30 ? 130 CYS A O   1 
ATOM   1032 C CB  . CYS A 1 130 ? -7.380  -2.267  4.677   1.00 36.34 ? 130 CYS A CB  1 
ATOM   1033 S SG  . CYS A 1 130 ? -7.652  -1.590  3.015   1.00 36.68 ? 130 CYS A SG  1 
ATOM   1034 N N   . THR A 1 131 ? -8.181  -4.907  2.737   1.00 36.28 ? 131 THR A N   1 
ATOM   1035 C CA  . THR A 1 131 ? -7.942  -5.436  1.399   1.00 36.53 ? 131 THR A CA  1 
ATOM   1036 C C   . THR A 1 131 ? -8.423  -4.481  0.313   1.00 36.36 ? 131 THR A C   1 
ATOM   1037 O O   . THR A 1 131 ? -9.493  -3.903  0.424   1.00 36.37 ? 131 THR A O   1 
ATOM   1038 C CB  . THR A 1 131 ? -8.664  -6.772  1.236   1.00 36.91 ? 131 THR A CB  1 
ATOM   1039 O OG1 . THR A 1 131 ? -8.271  -7.666  2.281   1.00 37.28 ? 131 THR A OG1 1 
ATOM   1040 C CG2 . THR A 1 131 ? -8.204  -7.469  -0.016  1.00 36.90 ? 131 THR A CG2 1 
ATOM   1041 N N   . LYS A 1 132 ? -7.639  -4.333  -0.746  1.00 46.23 ? 132 LYS A N   1 
ATOM   1042 C CA  . LYS A 1 132 ? -8.069  -3.582  -1.902  1.00 46.89 ? 132 LYS A CA  1 
ATOM   1043 C C   . LYS A 1 132 ? -7.696  -4.338  -3.140  1.00 47.02 ? 132 LYS A C   1 
ATOM   1044 O O   . LYS A 1 132 ? -6.691  -5.012  -3.165  1.00 47.14 ? 132 LYS A O   1 
ATOM   1045 C CB  . LYS A 1 132 ? -7.323  -2.262  -1.956  1.00 47.56 ? 132 LYS A CB  1 
ATOM   1046 C CG  . LYS A 1 132 ? -7.401  -1.509  -0.641  1.00 48.05 ? 132 LYS A CG  1 
ATOM   1047 C CD  . LYS A 1 132 ? -6.574  -0.236  -0.712  1.00 48.53 ? 132 LYS A CD  1 
ATOM   1048 C CE  . LYS A 1 132 ? -7.474  0.986   -0.646  1.00 49.12 ? 132 LYS A CE  1 
ATOM   1049 N NZ  . LYS A 1 132 ? -6.569  2.112   -0.512  1.00 49.61 ? 132 LYS A NZ  1 
ATOM   1050 N N   . VAL A 1 133 ? -8.508  -4.217  -4.181  1.00 40.38 ? 133 VAL A N   1 
ATOM   1051 C CA  . VAL A 1 133 ? -8.353  -5.064  -5.349  1.00 40.44 ? 133 VAL A CA  1 
ATOM   1052 C C   . VAL A 1 133 ? -8.312  -4.264  -6.636  1.00 40.88 ? 133 VAL A C   1 
ATOM   1053 O O   . VAL A 1 133 ? -9.235  -3.525  -6.941  1.00 41.42 ? 133 VAL A O   1 
ATOM   1054 C CB  . VAL A 1 133 ? -9.469  -6.097  -5.444  1.00 40.14 ? 133 VAL A CB  1 
ATOM   1055 C CG1 . VAL A 1 133 ? -9.118  -7.150  -6.456  1.00 40.12 ? 133 VAL A CG1 1 
ATOM   1056 C CG2 . VAL A 1 133 ? -9.729  -6.724  -4.093  1.00 39.71 ? 133 VAL A CG2 1 
ATOM   1057 N N   . TYR A 1 134 ? -7.235  -4.428  -7.391  1.00 41.06 ? 134 TYR A N   1 
ATOM   1058 C CA  . TYR A 1 134 ? -6.973  -3.597  -8.564  1.00 41.25 ? 134 TYR A CA  1 
ATOM   1059 C C   . TYR A 1 134 ? -7.113  -4.390  -9.862  1.00 41.87 ? 134 TYR A C   1 
ATOM   1060 O O   . TYR A 1 134 ? -7.037  -5.618  -9.863  1.00 42.05 ? 134 TYR A O   1 
ATOM   1061 C CB  . TYR A 1 134 ? -5.566  -2.999  -8.494  1.00 40.59 ? 134 TYR A CB  1 
ATOM   1062 C CG  . TYR A 1 134 ? -5.324  -2.084  -7.323  1.00 40.24 ? 134 TYR A CG  1 
ATOM   1063 C CD1 . TYR A 1 134 ? -4.984  -2.594  -6.078  1.00 40.36 ? 134 TYR A CD1 1 
ATOM   1064 C CD2 . TYR A 1 134 ? -5.387  -0.705  -7.471  1.00 40.16 ? 134 TYR A CD2 1 
ATOM   1065 C CE1 . TYR A 1 134 ? -4.734  -1.755  -5.000  1.00 40.38 ? 134 TYR A CE1 1 
ATOM   1066 C CE2 . TYR A 1 134 ? -5.140  0.145   -6.405  1.00 40.28 ? 134 TYR A CE2 1 
ATOM   1067 C CZ  . TYR A 1 134 ? -4.814  -0.386  -5.169  1.00 40.48 ? 134 TYR A CZ  1 
ATOM   1068 O OH  . TYR A 1 134 ? -4.564  0.452   -4.102  1.00 40.39 ? 134 TYR A OH  1 
ATOM   1069 N N   . VAL A 1 135 ? -7.304  -3.672  -10.967 1.00 42.66 ? 135 VAL A N   1 
ATOM   1070 C CA  . VAL A 1 135 ? -7.179  -4.255  -12.306 1.00 43.44 ? 135 VAL A CA  1 
ATOM   1071 C C   . VAL A 1 135 ? -6.339  -3.338  -13.194 1.00 44.07 ? 135 VAL A C   1 
ATOM   1072 O O   . VAL A 1 135 ? -6.129  -2.173  -12.862 1.00 44.53 ? 135 VAL A O   1 
ATOM   1073 C CB  . VAL A 1 135 ? -8.556  -4.478  -12.966 1.00 43.44 ? 135 VAL A CB  1 
ATOM   1074 C CG1 . VAL A 1 135 ? -9.379  -5.473  -12.165 1.00 43.38 ? 135 VAL A CG1 1 
ATOM   1075 C CG2 . VAL A 1 135 ? -9.298  -3.155  -13.112 1.00 43.58 ? 135 VAL A CG2 1 
ATOM   1076 N N   . ARG A 1 136 ? -5.861  -3.866  -14.320 1.00 44.47 ? 136 ARG A N   1 
ATOM   1077 C CA  . ARG A 1 136 ? -4.977  -3.104  -15.216 1.00 45.20 ? 136 ARG A CA  1 
ATOM   1078 C C   . ARG A 1 136 ? -5.717  -2.064  -16.073 1.00 44.97 ? 136 ARG A C   1 
ATOM   1079 O O   . ARG A 1 136 ? -6.930  -1.900  -15.966 1.00 45.21 ? 136 ARG A O   1 
ATOM   1080 C CB  . ARG A 1 136 ? -4.183  -4.051  -16.125 1.00 45.58 ? 136 ARG A CB  1 
ATOM   1081 C CG  . ARG A 1 136 ? -2.705  -4.181  -15.772 1.00 46.14 ? 136 ARG A CG  1 
ATOM   1082 C CD  . ARG A 1 136 ? -1.976  -5.058  -16.789 1.00 46.34 ? 136 ARG A CD  1 
ATOM   1083 N NE  . ARG A 1 136 ? -0.592  -5.329  -16.398 1.00 47.23 ? 136 ARG A NE  1 
ATOM   1084 C CZ  . ARG A 1 136 ? -0.212  -6.375  -15.667 1.00 47.52 ? 136 ARG A CZ  1 
ATOM   1085 N NH1 . ARG A 1 136 ? -1.115  -7.249  -15.238 1.00 47.67 ? 136 ARG A NH1 1 
ATOM   1086 N NH2 . ARG A 1 136 ? 1.069   -6.546  -15.361 1.00 47.74 ? 136 ARG A NH2 1 
ATOM   1087 N N   . GLU A 1 137 ? -4.965  -1.368  -16.921 0.60 44.75 ? 137 GLU A N   1 
ATOM   1088 C CA  . GLU A 1 137 ? -5.537  -0.425  -17.877 0.50 44.31 ? 137 GLU A CA  1 
ATOM   1089 C C   . GLU A 1 137 ? -4.442  0.189   -18.752 0.60 44.31 ? 137 GLU A C   1 
ATOM   1090 O O   . GLU A 1 137 ? -4.107  -0.343  -19.811 0.60 44.27 ? 137 GLU A O   1 
ATOM   1091 C CB  . GLU A 1 137 ? -6.316  0.676   -17.155 0.80 43.99 ? 137 GLU A CB  1 
ATOM   1092 C CG  . GLU A 1 137 ? -5.486  1.469   -16.162 0.80 43.95 ? 137 GLU A CG  1 
ATOM   1093 C CD  . GLU A 1 137 ? -5.936  2.910   -16.051 0.70 43.87 ? 137 GLU A CD  1 
ATOM   1094 O OE1 . GLU A 1 137 ? -7.026  3.152   -15.493 0.70 43.73 ? 137 GLU A OE1 1 
ATOM   1095 O OE2 . GLU A 1 137 ? -5.196  3.801   -16.523 0.70 43.83 ? 137 GLU A OE2 1 
ATOM   1096 O OXT . GLU A 1 137 ? -3.855  1.222   -18.419 0.60 44.25 ? 137 GLU A OXT 1 
HETATM 1097 C C18 . LMC B 2 .   ? -6.986  3.284   -0.688  1.00 49.79 ? 139 LMC A C18 1 
HETATM 1098 C C17 . LMC B 2 .   ? -6.135  4.291   -0.560  1.00 49.90 ? 139 LMC A C17 1 
HETATM 1099 C C16 . LMC B 2 .   ? -6.549  5.555   -0.418  1.00 50.08 ? 139 LMC A C16 1 
HETATM 1100 C C20 . LMC B 2 .   ? -8.003  5.901   -0.403  1.00 49.78 ? 139 LMC A C20 1 
HETATM 1101 C C15 . LMC B 2 .   ? -5.628  6.508   -0.292  1.00 50.37 ? 139 LMC A C15 1 
HETATM 1102 C C14 . LMC B 2 .   ? -5.867  7.674   0.293   1.00 50.69 ? 139 LMC A C14 1 
HETATM 1103 C C13 . LMC B 2 .   ? -4.836  8.504   0.336   1.00 50.76 ? 139 LMC A C13 1 
HETATM 1104 C C8  . LMC B 2 .   ? -4.952  9.976   0.388   1.00 50.71 ? 139 LMC A C8  1 
HETATM 1105 C C7  . LMC B 2 .   ? -6.232  10.721  0.428   1.00 50.63 ? 139 LMC A C7  1 
HETATM 1106 C C11 . LMC B 2 .   ? -7.076  10.525  -0.817  1.00 50.45 ? 139 LMC A C11 1 
HETATM 1107 C C10 . LMC B 2 .   ? -6.983  10.438  1.714   1.00 50.57 ? 139 LMC A C10 1 
HETATM 1108 C C2  . LMC B 2 .   ? -5.611  12.062  0.476   1.00 50.78 ? 139 LMC A C2  1 
HETATM 1109 C C3  . LMC B 2 .   ? -4.229  12.019  0.480   1.00 50.79 ? 139 LMC A C3  1 
HETATM 1110 N N9  . LMC B 2 .   ? -3.858  10.735  0.427   1.00 50.76 ? 139 LMC A N9  1 
HETATM 1111 C C12 . LMC B 2 .   ? -2.463  10.244  0.411   1.00 50.81 ? 139 LMC A C12 1 
HETATM 1112 C C1  . LMC B 2 .   ? -6.263  13.280  0.524   1.00 50.87 ? 139 LMC A C1  1 
HETATM 1113 C C6  . LMC B 2 .   ? -5.526  14.453  0.574   1.00 50.82 ? 139 LMC A C6  1 
HETATM 1114 C C5  . LMC B 2 .   ? -4.142  14.408  0.576   1.00 50.72 ? 139 LMC A C5  1 
HETATM 1115 C C4  . LMC B 2 .   ? -3.493  13.188  0.530   1.00 50.73 ? 139 LMC A C4  1 
HETATM 1116 O O1  . MES C 3 .   ? 0.674   -0.289  -3.819  1.00 69.48 ? 138 MES A O1  1 
HETATM 1117 C C2  . MES C 3 .   ? -0.050  0.926   -3.650  1.00 69.65 ? 138 MES A C2  1 
HETATM 1118 C C3  . MES C 3 .   ? -0.396  1.126   -2.177  1.00 69.84 ? 138 MES A C3  1 
HETATM 1119 N N4  . MES C 3 .   ? 0.853   0.976   -1.420  1.00 70.02 ? 138 MES A N4  1 
HETATM 1120 C C5  . MES C 3 .   ? 1.724   -0.174  -1.642  1.00 69.67 ? 138 MES A C5  1 
HETATM 1121 C C6  . MES C 3 .   ? 1.935   -0.244  -3.150  1.00 69.53 ? 138 MES A C6  1 
HETATM 1122 C C7  . MES C 3 .   ? 1.214   1.984   -0.418  1.00 70.11 ? 138 MES A C7  1 
HETATM 1123 C C8  A MES C 3 .   ? -0.110  2.392   0.227   0.60 69.66 ? 138 MES A C8  1 
HETATM 1124 C C8  B MES C 3 .   ? 1.832   1.216   0.751   0.40 70.11 ? 138 MES A C8  1 
HETATM 1125 S S   A MES C 3 .   ? -0.249  4.050   0.257   0.60 69.38 ? 138 MES A S   1 
HETATM 1126 S S   B MES C 3 .   ? 1.311   1.844   2.209   0.40 70.19 ? 138 MES A S   1 
HETATM 1127 O O1S A MES C 3 .   ? 0.682   4.602   1.269   0.60 69.32 ? 138 MES A O1S 1 
HETATM 1128 O O1S B MES C 3 .   ? 2.482   2.213   3.036   0.40 70.03 ? 138 MES A O1S 1 
HETATM 1129 O O2S A MES C 3 .   ? 0.096   4.607   -1.072  0.60 69.41 ? 138 MES A O2S 1 
HETATM 1130 O O2S B MES C 3 .   ? 0.482   3.048   1.979   0.40 70.05 ? 138 MES A O2S 1 
HETATM 1131 O O3S A MES C 3 .   ? -1.640  4.415   0.603   0.60 69.15 ? 138 MES A O3S 1 
HETATM 1132 O O3S B MES C 3 .   ? 0.506   0.820   2.916   0.40 70.13 ? 138 MES A O3S 1 
HETATM 1133 O O   . HOH D 4 .   ? -14.202 -5.896  -0.451  0.50 47.79 ? 140 HOH A O   1 
HETATM 1134 O O   . HOH D 4 .   ? -4.266  8.690   4.229   1.00 52.67 ? 141 HOH A O   1 
HETATM 1135 O O   . HOH D 4 .   ? 14.787  -9.140  -15.497 0.50 36.83 ? 142 HOH A O   1 
HETATM 1136 O O   . HOH D 4 .   ? -1.323  -8.944  -1.307  1.00 68.75 ? 143 HOH A O   1 
HETATM 1137 O O   . HOH D 4 .   ? -14.921 1.506   -11.274 0.70 52.32 ? 144 HOH A O   1 
HETATM 1138 O O   . HOH D 4 .   ? -3.013  2.462   -0.948  1.00 86.42 ? 145 HOH A O   1 
HETATM 1139 O O   . HOH D 4 .   ? 16.132  1.572   -5.103  1.00 52.95 ? 146 HOH A O   1 
HETATM 1140 O O   A HOH D 4 .   ? 4.535   -9.087  8.558   0.50 26.22 ? 147 HOH A O   1 
HETATM 1141 O O   B HOH D 4 .   ? 6.430   -9.689  7.681   0.50 22.63 ? 147 HOH A O   1 
HETATM 1142 O O   . HOH D 4 .   ? 9.160   13.144  -8.787  0.60 48.32 ? 148 HOH A O   1 
HETATM 1143 O O   . HOH D 4 .   ? 10.386  10.158  -12.381 1.00 71.12 ? 149 HOH A O   1 
HETATM 1144 O O   . HOH D 4 .   ? 11.684  5.456   -11.944 0.60 50.25 ? 150 HOH A O   1 
HETATM 1145 O O   . HOH D 4 .   ? 17.473  2.219   -0.540  0.40 26.92 ? 151 HOH A O   1 
HETATM 1146 O O   . HOH D 4 .   ? -11.290 6.378   -1.238  1.00 56.53 ? 152 HOH A O   1 
HETATM 1147 O O   . HOH D 4 .   ? -6.786  -19.730 -10.689 0.50 34.07 ? 153 HOH A O   1 
HETATM 1148 O O   . HOH D 4 .   ? -10.463 12.131  14.419  0.50 49.81 ? 154 HOH A O   1 
HETATM 1149 O O   . HOH D 4 .   ? -5.014  13.231  11.046  1.00 75.59 ? 155 HOH A O   1 
HETATM 1150 O O   . HOH D 4 .   ? -3.381  13.890  13.337  0.50 26.24 ? 156 HOH A O   1 
HETATM 1151 O O   . HOH D 4 .   ? -10.546 9.660   16.058  1.00 74.10 ? 157 HOH A O   1 
HETATM 1152 O O   . HOH D 4 .   ? -0.180  0.054   6.560   0.50 36.07 ? 158 HOH A O   1 
HETATM 1153 O O   . HOH D 4 .   ? -9.815  -8.422  9.885   1.00 82.27 ? 159 HOH A O   1 
HETATM 1154 O O   . HOH D 4 .   ? -1.798  -14.381 -6.092  0.50 33.61 ? 160 HOH A O   1 
HETATM 1155 O O   . HOH D 4 .   ? 7.405   8.941   12.646  0.50 34.66 ? 161 HOH A O   1 
HETATM 1156 O O   . HOH D 4 .   ? 14.190  16.911  9.768   0.50 44.79 ? 162 HOH A O   1 
HETATM 1157 O O   . HOH D 4 .   ? 15.553  14.967  11.991  1.00 77.24 ? 163 HOH A O   1 
HETATM 1158 O O   . HOH D 4 .   ? 17.155  7.881   8.825   0.50 42.09 ? 164 HOH A O   1 
HETATM 1159 O O   . HOH D 4 .   ? 18.684  4.886   12.059  0.50 47.53 ? 165 HOH A O   1 
HETATM 1160 O O   . HOH D 4 .   ? -10.036 -10.125 -2.237  1.00 75.44 ? 166 HOH A O   1 
HETATM 1161 O O   . HOH D 4 .   ? 3.528   -13.468 -13.329 1.00 72.99 ? 167 HOH A O   1 
HETATM 1162 O O   . HOH D 4 .   ? 4.317   -3.665  -22.699 1.00 62.59 ? 168 HOH A O   1 
HETATM 1163 O O   . HOH D 4 .   ? 7.397   -7.032  -14.969 1.00 77.52 ? 169 HOH A O   1 
HETATM 1164 O O   . HOH D 4 .   ? 19.360  -9.177  -1.962  1.00 65.33 ? 170 HOH A O   1 
HETATM 1165 O O   . HOH D 4 .   ? 19.153  10.242  12.126  1.00 68.01 ? 171 HOH A O   1 
HETATM 1166 O O   . HOH D 4 .   ? 15.176  7.666   13.427  1.00 72.85 ? 172 HOH A O   1 
HETATM 1167 O O   A HOH D 4 .   ? 0.818   -6.239  17.741  0.50 44.68 ? 173 HOH A O   1 
HETATM 1168 O O   B HOH D 4 .   ? 2.652   -7.146  16.903  0.50 40.23 ? 173 HOH A O   1 
HETATM 1169 O O   . HOH D 4 .   ? 10.011  -16.050 -11.042 1.00 77.12 ? 174 HOH A O   1 
HETATM 1170 O O   . HOH D 4 .   ? 1.861   -3.483  -19.256 1.00 77.89 ? 175 HOH A O   1 
HETATM 1171 O O   . HOH D 4 .   ? 6.837   0.543   14.688  1.00 68.09 ? 176 HOH A O   1 
HETATM 1172 O O   . HOH D 4 .   ? 1.108   8.317   2.419   1.00 66.94 ? 177 HOH A O   1 
HETATM 1173 O O   . HOH D 4 .   ? 1.667   12.961  5.969   1.00 61.53 ? 178 HOH A O   1 
# 
